data_1SIW
#
_entry.id   1SIW
#
_cell.length_a   154.001
_cell.length_b   241.282
_cell.length_c   140.387
_cell.angle_alpha   90.00
_cell.angle_beta   90.00
_cell.angle_gamma   90.00
#
_symmetry.space_group_name_H-M   'C 2 2 21'
#
loop_
_entity.id
_entity.type
_entity.pdbx_description
1 polymer 'Respiratory nitrate reductase 1 alpha chain'
2 polymer 'Respiratory nitrate reductase 1 beta chain'
3 polymer 'Respiratory nitrate reductase 1 gamma chain'
4 non-polymer "GUANOSINE-5'-DIPHOSPHATE"
5 non-polymer 'IRON/SULFUR CLUSTER'
6 non-polymer 1,2-DIACYL-GLYCEROL-3-SN-PHOSPHATE
7 non-polymer 'FE3-S4 CLUSTER'
8 non-polymer 'PROTOPORPHYRIN IX CONTAINING FE'
9 water water
#
loop_
_entity_poly.entity_id
_entity_poly.type
_entity_poly.pdbx_seq_one_letter_code
_entity_poly.pdbx_strand_id
1 'polypeptide(L)'
;SKFLDRFRYFKQKGETFADGHGQLLNTNRDWEDGYRQRWQHDKIVRSTHGVNCTGSCSWKIYVKNGLVTWETQQTDYPRT
RPDLPNHEPRGCPRGASYSWYLYSANRLKYPMMRKRLMKMWREAKALHSDPVEAWASIIEDADKAKSFKQARGRGGFVRS
SWQEVNELIAASNVYTIKNYGPDRVAGFSPIPAMSMVSYASGARYLSLIGGTCLSFYDWYCDLPPASPQTWGEQTDVPES
ADWYNSSYIIAWGSNVPQTRTPDAHFFTEVRYKGTKTVAVTPDYAEIAKLCDLWLAPKQGTDAAMALAMGHVMLREFHLD
NPSQYFTDYVRRYTDMPMLVMLEERDGYYAAGRMLRAADLVDALGQENNPEWKTVAFNTNGEMVAPNGSIGFRWGEKGKW
NLEQRDGKTGEETELQLSLLGSQDEIAEVGFPYFGGDGTEHFNKVELENVLLHKLPVKRLQLADGSTALVTTVYDLTLAN
YGLERGLNDVNCATSYDDVKAYTPAWAEQITGVSRSQIIRIAREFADNADKTHGRSMIIVGAGLNHWYHLDMNYRGLINM
LIFCGCVGQSGGGWAHYVGQEKLRPQTGWQPLAFALDWQRPARHMNSTSYFYNHSSQWRYETVTAEELLSPMADKSRYTG
HLIDFNVRAERMGWLPSAPQLGTNPLTIAGEAEKAGMNPVDYTVKSLKEGSIRFAAEQPENGKNHPRNLFIWRSNLLGSS
GKGHEFMLKYLLGTEHGIQGKDLGQQGGVKPEEVDWQDNGLEGKLDLVVTLDFRLSSTCLYSDIILPTATWYEKDDMNTS
DMHPFIHPLSAAVDPAWEAKSDWEIYKAIAKKFSEVCVGHLGKETDIVTLPIQHDSAAELAQPLDVKDWKKGECDLIPGK
TAPHIMVVERDYPATYERFTSIGPLMEKIGNGGKGIAWNTQSEMDLLRKLNYTKAEGPAKGQPMLNTAIDAAEMILTLAP
ETNGQVAVKAWAALSEFTGRDHTHLALNKEDEKIRFRDIQAQPRKIISSPTWSGLEDEHVSYNAGYTNVHELIPWRTLSG
RQQLYQDHQWMRDFGESLLVYRPPIDTRSVKEVIGQKSNGNQEKALNFLTPHQKWGIHSTYSDNLLMLTLGRGGPVVWLS
EADAKDLGIADNDWIEVFNSNGALTARAVVSQRVPAGMTMMYHAQERIVNLPGSEITQQRGGIHNSVTRITPKPTHMIGG
YAHLAYGFNYYGTVGSNRDEFVVVRKMKNIDWLDGEGNDQVQESVK
;
A
2 'polypeptide(L)'
;MKIRSQVGMVLNLDKCIGCHTCSVTCKNVWTSREGVEYAWFNNVETKPGQGFPTDWENQEKYKGGWIRKINGKLQPRMGN
RAMLLGKIFANPHLPGIDDYYEPFDFDYQNLHTAPEGSKSQPIARPRSLITGERMAKIEKGPNWEDDLGGEFDKLAKDKN
FDNIQKAMYSQFENTFMMYLPRLCEHCLNPACVATCPSGAIYKREEDGIVLIDQDKCRGWRMCITGCPYKKIYFNWKSGK
SEKCIFCYPRIEAGQPTVCSETCVGRIRYLGVLLYDADAIERAASTENEKDLYQRQLDVFLDPNDPKVIEQAIKDGIPLS
VIEAAQQSPVYKMAMEWKLALPLHPEYRTLPMVWYVPPLSPIQSAADAGELGSNGILPDVESLRIPVQYLANLLTAGDTK
PVLRALKRMLAMRHYKRAETVDGKVDTRALEEVGLTEAQAQEMYRYLAIANYEDRFVVPSSHRELAREAFPEKNGCGFTF
GDGCHGSDTKFNLFNSRRIDAIDVTSKTEPHP
;
B
3 'polypeptide(L)'
;(FME)QFLNMFFFDIYPYIAGAVFLIGSWLRYDYGQYTWRAASSQMLDRKGMNLASNLFHIGILGIFVGHFFGMLTPHWM
YEAWLPIEVKQKMAMFAGGASGVLCLIGGVLLLKRRLFSPRVRATTTGADILILSLLVIQCALGLLTIPFSAQHMDGSEM
MKLVGWAQSVVTFHGGASQHLDGVAFIFRLHLVLGMTLFLLFPFSRLIHIWSVPVEYLTRKYQLVRARH
;
C
#
loop_
_chem_comp.id
_chem_comp.type
_chem_comp.name
_chem_comp.formula
3PH non-polymer 1,2-DIACYL-GLYCEROL-3-SN-PHOSPHATE 'C39 H77 O8 P'
F3S non-polymer 'FE3-S4 CLUSTER' 'Fe3 S4'
GDP RNA linking GUANOSINE-5'-DIPHOSPHATE 'C10 H15 N5 O11 P2'
HEM non-polymer 'PROTOPORPHYRIN IX CONTAINING FE' 'C34 H32 Fe N4 O4'
SF4 non-polymer 'IRON/SULFUR CLUSTER' 'Fe4 S4'
#
# COMPACT_ATOMS: atom_id res chain seq x y z
N SER A 1 -29.26 -3.32 42.12
CA SER A 1 -28.07 -3.98 42.75
C SER A 1 -27.71 -5.27 42.00
N LYS A 2 -26.51 -5.32 41.44
CA LYS A 2 -26.09 -6.51 40.72
C LYS A 2 -25.98 -7.68 41.71
N PHE A 3 -25.73 -7.35 42.98
CA PHE A 3 -25.62 -8.38 44.01
C PHE A 3 -26.99 -8.99 44.30
N LEU A 4 -27.99 -8.13 44.47
CA LEU A 4 -29.33 -8.61 44.75
C LEU A 4 -29.90 -9.36 43.55
N ASP A 5 -29.44 -9.02 42.34
CA ASP A 5 -29.93 -9.69 41.14
C ASP A 5 -29.56 -11.17 41.12
N ARG A 6 -28.45 -11.51 41.75
CA ARG A 6 -28.00 -12.89 41.82
C ARG A 6 -29.05 -13.79 42.46
N PHE A 7 -30.01 -13.17 43.15
CA PHE A 7 -31.07 -13.92 43.81
C PHE A 7 -32.23 -14.28 42.87
N ARG A 8 -32.30 -13.59 41.74
CA ARG A 8 -33.34 -13.88 40.74
C ARG A 8 -32.84 -14.97 39.81
N TYR A 9 -31.86 -15.72 40.31
CA TYR A 9 -31.21 -16.82 39.60
C TYR A 9 -32.16 -17.63 38.71
N PHE A 10 -32.91 -18.54 39.34
CA PHE A 10 -33.84 -19.41 38.61
C PHE A 10 -35.05 -18.66 38.07
N LYS A 11 -35.21 -17.41 38.48
CA LYS A 11 -36.32 -16.60 38.00
C LYS A 11 -36.01 -16.10 36.59
N GLN A 12 -34.74 -16.08 36.24
CA GLN A 12 -34.30 -15.61 34.93
C GLN A 12 -34.13 -16.76 33.92
N LYS A 13 -34.40 -17.98 34.36
CA LYS A 13 -34.28 -19.16 33.50
C LYS A 13 -35.51 -19.35 32.61
N GLY A 14 -35.30 -19.23 31.30
CA GLY A 14 -36.40 -19.41 30.36
C GLY A 14 -36.48 -20.87 29.92
N GLU A 15 -36.97 -21.10 28.71
CA GLU A 15 -37.08 -22.47 28.21
C GLU A 15 -35.74 -23.04 27.79
N THR A 16 -35.63 -24.35 27.86
CA THR A 16 -34.42 -25.03 27.44
C THR A 16 -34.64 -25.32 25.96
N PHE A 17 -33.61 -25.75 25.26
CA PHE A 17 -33.77 -26.07 23.85
C PHE A 17 -32.78 -27.17 23.47
N ALA A 18 -32.99 -27.74 22.28
CA ALA A 18 -32.13 -28.81 21.80
C ALA A 18 -32.03 -29.96 22.82
N ASP A 19 -33.17 -30.34 23.38
CA ASP A 19 -33.24 -31.43 24.34
C ASP A 19 -32.26 -31.30 25.51
N GLY A 20 -32.30 -30.16 26.20
CA GLY A 20 -31.40 -29.97 27.32
C GLY A 20 -29.96 -29.59 27.01
N HIS A 21 -29.61 -29.46 25.74
CA HIS A 21 -28.25 -29.09 25.39
C HIS A 21 -28.06 -27.59 25.65
N GLY A 22 -29.17 -26.85 25.60
CA GLY A 22 -29.11 -25.42 25.81
C GLY A 22 -30.16 -24.82 26.72
N GLN A 23 -29.87 -23.60 27.17
CA GLN A 23 -30.76 -22.86 28.07
C GLN A 23 -30.93 -21.41 27.63
N LEU A 24 -32.18 -20.97 27.46
CA LEU A 24 -32.45 -19.58 27.11
C LEU A 24 -32.60 -18.84 28.43
N LEU A 25 -31.91 -17.71 28.57
CA LEU A 25 -31.94 -16.92 29.79
C LEU A 25 -32.49 -15.51 29.55
N ASN A 26 -33.20 -14.96 30.52
CA ASN A 26 -33.72 -13.60 30.42
C ASN A 26 -32.95 -12.81 31.47
N THR A 27 -31.70 -12.50 31.17
CA THR A 27 -30.87 -11.77 32.09
C THR A 27 -30.44 -10.41 31.53
N ASN A 28 -29.96 -9.53 32.41
CA ASN A 28 -29.53 -8.20 32.05
C ASN A 28 -28.42 -8.18 30.98
N ARG A 29 -28.50 -7.22 30.06
CA ARG A 29 -27.52 -7.07 28.99
C ARG A 29 -26.98 -5.63 28.83
N ASP A 30 -27.26 -4.78 29.81
CA ASP A 30 -26.82 -3.39 29.81
C ASP A 30 -25.32 -3.21 29.58
N TRP A 31 -24.53 -4.20 29.96
CA TRP A 31 -23.07 -4.11 29.83
C TRP A 31 -22.65 -3.93 28.37
N GLU A 32 -23.52 -4.32 27.45
CA GLU A 32 -23.26 -4.22 26.02
C GLU A 32 -23.05 -2.77 25.59
N ASP A 33 -23.46 -1.82 26.41
CA ASP A 33 -23.28 -0.41 26.04
C ASP A 33 -21.80 -0.06 25.97
N GLY A 34 -20.97 -0.87 26.62
CA GLY A 34 -19.55 -0.64 26.61
C GLY A 34 -18.92 -0.56 25.22
N TYR A 35 -19.30 -1.47 24.33
CA TYR A 35 -18.76 -1.44 22.97
C TYR A 35 -19.52 -0.44 22.10
N ARG A 36 -20.81 -0.24 22.38
CA ARG A 36 -21.60 0.72 21.62
C ARG A 36 -21.02 2.11 21.76
N GLN A 37 -20.65 2.48 22.98
CA GLN A 37 -20.11 3.80 23.25
C GLN A 37 -18.70 4.02 22.68
N ARG A 38 -18.03 2.96 22.26
CA ARG A 38 -16.73 3.11 21.63
C ARG A 38 -16.98 3.48 20.18
N TRP A 39 -17.94 2.81 19.56
CA TRP A 39 -18.25 3.06 18.16
C TRP A 39 -18.80 4.45 17.88
N GLN A 40 -19.59 4.97 18.81
CA GLN A 40 -20.19 6.29 18.62
C GLN A 40 -19.11 7.36 18.47
N HIS A 41 -19.40 8.35 17.63
CA HIS A 41 -18.43 9.40 17.34
C HIS A 41 -19.11 10.75 17.19
N ASP A 42 -18.30 11.81 17.22
CA ASP A 42 -18.78 13.20 17.11
C ASP A 42 -19.26 13.56 15.72
N LYS A 43 -18.54 13.08 14.71
CA LYS A 43 -18.87 13.39 13.33
C LYS A 43 -17.97 12.62 12.40
N ILE A 44 -18.24 12.76 11.11
CA ILE A 44 -17.46 12.13 10.07
C ILE A 44 -17.13 13.21 9.04
N VAL A 45 -15.91 13.22 8.54
CA VAL A 45 -15.50 14.19 7.56
C VAL A 45 -14.92 13.44 6.35
N ARG A 46 -15.21 13.92 5.15
CA ARG A 46 -14.68 13.27 3.95
C ARG A 46 -13.29 13.80 3.62
N SER A 47 -12.35 12.89 3.38
CA SER A 47 -11.01 13.30 3.02
C SER A 47 -10.35 12.12 2.34
N THR A 48 -9.10 12.30 1.96
CA THR A 48 -8.37 11.24 1.28
C THR A 48 -6.89 11.36 1.63
N HIS A 49 -6.04 10.67 0.87
CA HIS A 49 -4.61 10.69 1.14
C HIS A 49 -3.81 11.37 0.02
N GLY A 50 -2.73 12.04 0.39
CA GLY A 50 -1.91 12.70 -0.61
C GLY A 50 -0.54 12.04 -0.70
N VAL A 51 -0.31 11.32 -1.80
CA VAL A 51 0.96 10.60 -2.02
C VAL A 51 1.34 9.71 -0.85
N GLY A 55 -4.00 5.32 -5.96
CA GLY A 55 -5.29 4.90 -5.34
C GLY A 55 -6.39 5.93 -5.43
N SER A 56 -6.17 7.11 -4.86
CA SER A 56 -7.18 8.17 -4.88
C SER A 56 -8.51 7.64 -4.34
N CYS A 57 -8.56 7.36 -3.04
CA CYS A 57 -9.78 6.86 -2.42
C CYS A 57 -10.33 7.85 -1.41
N SER A 58 -11.64 8.03 -1.40
CA SER A 58 -12.30 8.94 -0.47
C SER A 58 -12.63 8.19 0.83
N TRP A 59 -12.25 8.77 1.96
CA TRP A 59 -12.48 8.13 3.26
C TRP A 59 -13.37 8.93 4.20
N LYS A 60 -13.94 8.22 5.17
CA LYS A 60 -14.76 8.83 6.21
C LYS A 60 -13.79 8.94 7.37
N ILE A 61 -13.53 10.17 7.82
CA ILE A 61 -12.65 10.38 8.96
C ILE A 61 -13.53 10.55 10.20
N TYR A 62 -13.35 9.66 11.18
CA TYR A 62 -14.15 9.73 12.39
C TYR A 62 -13.49 10.54 13.49
N VAL A 63 -14.23 11.50 14.03
CA VAL A 63 -13.74 12.33 15.12
C VAL A 63 -14.58 11.96 16.34
N LYS A 64 -13.89 11.71 17.44
CA LYS A 64 -14.53 11.31 18.69
C LYS A 64 -13.74 11.97 19.81
N ASN A 65 -14.45 12.58 20.77
CA ASN A 65 -13.79 13.26 21.88
C ASN A 65 -12.91 14.38 21.34
N GLY A 66 -13.32 14.94 20.20
CA GLY A 66 -12.57 16.02 19.59
C GLY A 66 -11.24 15.61 18.98
N LEU A 67 -11.04 14.32 18.75
CA LEU A 67 -9.79 13.82 18.16
C LEU A 67 -10.11 12.88 17.01
N VAL A 68 -9.17 12.71 16.09
CA VAL A 68 -9.36 11.78 14.98
C VAL A 68 -9.07 10.40 15.54
N THR A 69 -10.03 9.48 15.46
CA THR A 69 -9.82 8.14 16.00
C THR A 69 -9.63 7.01 14.98
N TRP A 70 -10.36 7.02 13.88
CA TRP A 70 -10.19 6.01 12.84
C TRP A 70 -10.85 6.44 11.56
N GLU A 71 -10.75 5.60 10.54
CA GLU A 71 -11.34 5.92 9.26
C GLU A 71 -11.88 4.66 8.59
N THR A 72 -12.92 4.82 7.77
CA THR A 72 -13.47 3.71 7.00
C THR A 72 -13.79 4.29 5.62
N GLN A 73 -13.74 3.48 4.58
CA GLN A 73 -13.99 4.02 3.24
C GLN A 73 -15.38 4.62 2.98
N GLN A 74 -15.41 5.63 2.13
CA GLN A 74 -16.66 6.25 1.71
C GLN A 74 -17.11 5.27 0.62
N THR A 75 -18.42 5.08 0.50
CA THR A 75 -18.93 4.16 -0.52
C THR A 75 -19.94 4.84 -1.42
N ASP A 76 -20.04 6.17 -1.33
CA ASP A 76 -21.02 6.91 -2.11
C ASP A 76 -20.57 7.51 -3.45
N TYR A 77 -19.65 6.85 -4.14
CA TYR A 77 -19.20 7.35 -5.44
C TYR A 77 -20.33 7.19 -6.44
N PRO A 78 -20.38 8.05 -7.47
CA PRO A 78 -21.43 7.95 -8.48
C PRO A 78 -21.26 6.55 -9.08
N ARG A 79 -22.35 5.78 -9.16
CA ARG A 79 -22.27 4.44 -9.70
C ARG A 79 -21.99 4.39 -11.20
N THR A 80 -21.33 3.32 -11.62
CA THR A 80 -21.00 3.09 -13.02
C THR A 80 -22.20 2.41 -13.68
N ARG A 81 -22.16 2.26 -14.99
CA ARG A 81 -23.23 1.61 -15.74
C ARG A 81 -23.67 0.35 -15.02
N PRO A 82 -24.94 -0.04 -15.18
CA PRO A 82 -25.45 -1.24 -14.52
C PRO A 82 -24.69 -2.53 -14.86
N ASP A 83 -24.08 -2.57 -16.04
CA ASP A 83 -23.32 -3.74 -16.48
C ASP A 83 -21.85 -3.73 -16.04
N LEU A 84 -21.49 -2.78 -15.18
CA LEU A 84 -20.12 -2.71 -14.67
C LEU A 84 -20.15 -2.70 -13.14
N PRO A 85 -19.13 -3.29 -12.51
CA PRO A 85 -19.20 -3.24 -11.04
C PRO A 85 -18.89 -1.80 -10.64
N ASN A 86 -19.32 -1.39 -9.44
CA ASN A 86 -19.06 -0.04 -8.95
C ASN A 86 -17.68 0.03 -8.31
N HIS A 87 -17.23 1.23 -7.99
CA HIS A 87 -15.91 1.41 -7.37
C HIS A 87 -15.84 1.16 -5.87
N GLU A 88 -16.92 1.48 -5.14
CA GLU A 88 -16.90 1.30 -3.69
C GLU A 88 -16.42 -0.09 -3.32
N PRO A 89 -15.68 -0.20 -2.20
CA PRO A 89 -15.30 0.89 -1.30
C PRO A 89 -13.91 1.45 -1.56
N ARG A 90 -13.15 0.80 -2.45
CA ARG A 90 -11.77 1.20 -2.72
C ARG A 90 -10.99 1.10 -1.41
N GLY A 91 -9.91 1.88 -1.30
CA GLY A 91 -9.08 1.85 -0.10
C GLY A 91 -7.98 0.80 -0.17
N CYS A 92 -7.13 0.77 0.85
CA CYS A 92 -6.04 -0.20 0.94
C CYS A 92 -5.58 -0.21 2.40
N PRO A 93 -4.66 -1.12 2.77
CA PRO A 93 -4.19 -1.18 4.17
C PRO A 93 -3.37 0.01 4.65
N ARG A 94 -2.58 0.60 3.76
CA ARG A 94 -1.77 1.76 4.14
C ARG A 94 -2.72 2.89 4.53
N GLY A 95 -3.69 3.16 3.67
CA GLY A 95 -4.65 4.23 3.94
C GLY A 95 -5.39 4.02 5.25
N ALA A 96 -5.79 2.78 5.52
CA ALA A 96 -6.52 2.46 6.73
C ALA A 96 -5.73 2.73 8.01
N SER A 97 -4.41 2.81 7.89
CA SER A 97 -3.58 3.05 9.07
C SER A 97 -3.09 4.47 9.26
N TYR A 98 -3.46 5.37 8.35
CA TYR A 98 -2.98 6.75 8.44
C TYR A 98 -3.32 7.47 9.73
N SER A 99 -4.50 7.22 10.27
CA SER A 99 -4.92 7.88 11.51
C SER A 99 -3.88 7.77 12.60
N TRP A 100 -3.05 6.73 12.52
CA TRP A 100 -2.02 6.47 13.50
C TRP A 100 -1.06 7.67 13.63
N TYR A 101 -0.80 8.33 12.51
CA TYR A 101 0.13 9.47 12.48
C TYR A 101 -0.24 10.73 13.25
N LEU A 102 -1.52 11.07 13.33
CA LEU A 102 -1.93 12.29 13.99
C LEU A 102 -1.35 12.61 15.37
N TYR A 103 -1.33 11.66 16.29
CA TYR A 103 -0.78 11.95 17.62
C TYR A 103 0.29 10.96 18.06
N SER A 104 0.84 10.20 17.11
CA SER A 104 1.86 9.20 17.43
C SER A 104 3.16 9.84 17.93
N ALA A 105 4.08 9.00 18.40
CA ALA A 105 5.35 9.47 18.93
C ALA A 105 6.31 10.05 17.90
N ASN A 106 6.03 9.86 16.62
CA ASN A 106 6.94 10.41 15.61
C ASN A 106 6.36 11.63 14.88
N ARG A 107 5.31 12.20 15.45
CA ARG A 107 4.66 13.38 14.87
C ARG A 107 5.57 14.59 15.06
N LEU A 108 5.71 15.38 14.00
CA LEU A 108 6.49 16.61 14.06
C LEU A 108 5.54 17.68 14.56
N LYS A 109 5.83 18.23 15.73
CA LYS A 109 4.95 19.22 16.34
C LYS A 109 5.37 20.67 16.18
N TYR A 110 6.67 20.93 16.14
CA TYR A 110 7.18 22.30 16.08
C TYR A 110 8.26 22.49 15.04
N PRO A 111 8.46 23.74 14.59
CA PRO A 111 9.53 23.92 13.60
C PRO A 111 10.80 23.64 14.38
N MET A 112 11.73 22.95 13.74
CA MET A 112 13.00 22.58 14.36
C MET A 112 14.18 23.02 13.50
N MET A 113 15.30 23.26 14.15
CA MET A 113 16.52 23.70 13.48
C MET A 113 17.71 23.01 14.12
N ARG A 114 18.72 22.68 13.31
CA ARG A 114 19.94 22.04 13.84
C ARG A 114 20.53 23.03 14.87
N LYS A 115 20.83 22.53 16.06
CA LYS A 115 21.36 23.36 17.13
C LYS A 115 22.55 24.23 16.71
N ARG A 116 23.51 23.62 16.04
CA ARG A 116 24.69 24.34 15.60
C ARG A 116 24.31 25.51 14.71
N LEU A 117 23.40 25.28 13.77
CA LEU A 117 22.97 26.34 12.86
C LEU A 117 22.24 27.45 13.61
N MET A 118 21.51 27.07 14.65
CA MET A 118 20.76 28.05 15.45
C MET A 118 21.74 28.90 16.26
N LYS A 119 22.74 28.25 16.87
CA LYS A 119 23.72 28.97 17.66
C LYS A 119 24.39 30.05 16.79
N MET A 120 24.86 29.67 15.61
CA MET A 120 25.50 30.64 14.73
C MET A 120 24.52 31.69 14.20
N TRP A 121 23.29 31.29 13.92
CA TRP A 121 22.26 32.21 13.42
C TRP A 121 22.00 33.36 14.39
N ARG A 122 21.80 33.02 15.67
CA ARG A 122 21.52 34.03 16.69
C ARG A 122 22.70 34.93 17.03
N GLU A 123 23.91 34.41 16.87
CA GLU A 123 25.11 35.20 17.14
C GLU A 123 25.34 36.13 15.95
N ALA A 124 24.98 35.65 14.76
CA ALA A 124 25.14 36.43 13.54
C ALA A 124 24.14 37.58 13.53
N LYS A 125 22.90 37.30 13.90
CA LYS A 125 21.87 38.34 13.94
C LYS A 125 22.20 39.42 14.96
N ALA A 126 22.95 39.05 16.00
CA ALA A 126 23.33 39.99 17.04
C ALA A 126 24.41 40.96 16.54
N LEU A 127 25.07 40.60 15.44
CA LEU A 127 26.13 41.43 14.86
C LEU A 127 25.70 42.01 13.52
N HIS A 128 24.55 41.56 13.03
CA HIS A 128 24.05 42.02 11.75
C HIS A 128 22.54 42.20 11.85
N SER A 129 22.10 43.46 11.93
CA SER A 129 20.68 43.77 12.05
C SER A 129 19.87 43.26 10.85
N ASP A 130 20.49 43.22 9.68
CA ASP A 130 19.80 42.74 8.48
C ASP A 130 20.05 41.24 8.32
N PRO A 131 18.98 40.43 8.33
CA PRO A 131 19.08 38.98 8.19
C PRO A 131 19.84 38.46 6.96
N VAL A 132 19.77 39.18 5.85
CA VAL A 132 20.49 38.76 4.65
C VAL A 132 22.01 38.81 4.89
N GLU A 133 22.43 39.82 5.66
CA GLU A 133 23.84 40.01 5.99
C GLU A 133 24.27 39.04 7.09
N ALA A 134 23.33 38.72 7.97
CA ALA A 134 23.64 37.76 9.03
C ALA A 134 23.91 36.41 8.35
N TRP A 135 23.10 36.07 7.35
CA TRP A 135 23.27 34.80 6.65
C TRP A 135 24.58 34.81 5.88
N ALA A 136 24.93 35.97 5.32
CA ALA A 136 26.18 36.09 4.57
C ALA A 136 27.36 35.75 5.47
N SER A 137 27.38 36.34 6.66
CA SER A 137 28.48 36.13 7.60
C SER A 137 28.67 34.66 7.99
N ILE A 138 27.62 33.86 7.89
CA ILE A 138 27.73 32.45 8.25
C ILE A 138 28.16 31.61 7.07
N ILE A 139 27.42 31.73 5.98
CA ILE A 139 27.69 30.94 4.79
C ILE A 139 29.03 31.22 4.10
N GLU A 140 29.53 32.45 4.21
CA GLU A 140 30.80 32.80 3.55
C GLU A 140 32.04 32.44 4.38
N ASP A 141 31.81 31.89 5.57
CA ASP A 141 32.90 31.48 6.45
C ASP A 141 32.97 29.96 6.33
N ALA A 142 33.97 29.46 5.59
CA ALA A 142 34.12 28.02 5.38
C ALA A 142 34.00 27.18 6.66
N ASP A 143 34.54 27.66 7.76
CA ASP A 143 34.47 26.92 9.03
C ASP A 143 33.06 26.86 9.61
N LYS A 144 32.30 27.94 9.44
CA LYS A 144 30.94 27.99 9.96
C LYS A 144 30.03 27.11 9.11
N ALA A 145 30.10 27.29 7.80
CA ALA A 145 29.28 26.52 6.86
C ALA A 145 29.43 25.03 7.12
N LYS A 146 30.68 24.58 7.22
CA LYS A 146 30.98 23.18 7.44
C LYS A 146 30.54 22.65 8.81
N SER A 147 30.54 23.50 9.82
CA SER A 147 30.15 23.05 11.16
C SER A 147 28.70 22.58 11.21
N PHE A 148 27.80 23.17 10.42
CA PHE A 148 26.42 22.70 10.47
C PHE A 148 26.12 21.71 9.35
N LYS A 149 26.86 21.79 8.25
CA LYS A 149 26.63 20.85 7.16
C LYS A 149 27.03 19.45 7.59
N GLN A 150 28.05 19.35 8.43
CA GLN A 150 28.52 18.06 8.92
C GLN A 150 27.70 17.52 10.08
N ALA A 151 26.87 18.38 10.66
CA ALA A 151 26.02 17.97 11.77
C ALA A 151 24.75 17.32 11.23
N ARG A 152 24.57 17.38 9.91
CA ARG A 152 23.40 16.80 9.27
C ARG A 152 23.31 15.30 9.49
N GLY A 153 22.16 14.85 9.98
CA GLY A 153 21.97 13.43 10.23
C GLY A 153 22.67 12.94 11.49
N ARG A 154 23.16 13.87 12.30
CA ARG A 154 23.86 13.50 13.52
C ARG A 154 23.23 14.08 14.79
N GLY A 155 21.91 14.18 14.79
CA GLY A 155 21.19 14.67 15.95
C GLY A 155 21.34 16.16 16.16
N GLY A 156 20.88 16.63 17.32
CA GLY A 156 21.00 18.04 17.64
C GLY A 156 19.87 18.94 17.20
N PHE A 157 18.68 18.41 16.97
CA PHE A 157 17.58 19.28 16.58
C PHE A 157 17.07 19.97 17.84
N VAL A 158 16.68 21.24 17.70
CA VAL A 158 16.16 22.00 18.81
C VAL A 158 14.91 22.74 18.36
N ARG A 159 13.99 22.95 19.29
CA ARG A 159 12.74 23.64 18.98
C ARG A 159 13.00 25.11 18.65
N SER A 160 12.42 25.56 17.56
CA SER A 160 12.56 26.93 17.09
C SER A 160 11.16 27.52 17.02
N SER A 161 10.92 28.44 16.09
CA SER A 161 9.60 29.05 15.95
C SER A 161 9.38 29.43 14.50
N TRP A 162 8.12 29.62 14.12
CA TRP A 162 7.79 29.99 12.76
C TRP A 162 8.48 31.31 12.37
N GLN A 163 8.49 32.26 13.30
CA GLN A 163 9.09 33.56 13.06
C GLN A 163 10.59 33.44 12.81
N GLU A 164 11.26 32.62 13.60
CA GLU A 164 12.69 32.46 13.42
C GLU A 164 13.07 31.67 12.17
N VAL A 165 12.37 30.58 11.89
CA VAL A 165 12.70 29.80 10.71
C VAL A 165 12.30 30.50 9.41
N ASN A 166 11.18 31.22 9.39
CA ASN A 166 10.76 31.92 8.17
C ASN A 166 11.74 33.03 7.79
N GLU A 167 12.32 33.70 8.78
CA GLU A 167 13.28 34.75 8.49
C GLU A 167 14.56 34.16 7.94
N LEU A 168 15.03 33.07 8.53
CA LEU A 168 16.26 32.42 8.05
C LEU A 168 16.08 31.93 6.63
N ILE A 169 14.95 31.29 6.35
CA ILE A 169 14.69 30.77 5.01
C ILE A 169 14.67 31.91 4.00
N ALA A 170 13.94 32.97 4.34
CA ALA A 170 13.80 34.14 3.49
C ALA A 170 15.15 34.83 3.26
N ALA A 171 15.92 34.98 4.33
CA ALA A 171 17.23 35.61 4.23
C ALA A 171 18.12 34.81 3.27
N SER A 172 18.25 33.51 3.55
CA SER A 172 19.06 32.63 2.73
C SER A 172 18.62 32.63 1.26
N ASN A 173 17.31 32.65 1.02
CA ASN A 173 16.79 32.69 -0.35
C ASN A 173 17.22 34.00 -1.03
N VAL A 174 17.04 35.12 -0.35
CA VAL A 174 17.40 36.42 -0.91
C VAL A 174 18.89 36.45 -1.27
N TYR A 175 19.73 36.06 -0.31
CA TYR A 175 21.18 36.03 -0.49
C TYR A 175 21.61 35.18 -1.68
N THR A 176 20.95 34.04 -1.86
CA THR A 176 21.28 33.13 -2.94
C THR A 176 20.87 33.70 -4.30
N ILE A 177 19.66 34.24 -4.36
CA ILE A 177 19.14 34.81 -5.59
C ILE A 177 19.98 36.01 -6.02
N LYS A 178 20.32 36.85 -5.04
CA LYS A 178 21.10 38.06 -5.30
C LYS A 178 22.54 37.78 -5.73
N ASN A 179 23.22 36.90 -5.01
CA ASN A 179 24.62 36.60 -5.29
C ASN A 179 24.95 35.56 -6.34
N TYR A 180 24.04 34.62 -6.59
CA TYR A 180 24.31 33.59 -7.58
C TYR A 180 23.25 33.50 -8.66
N GLY A 181 21.98 33.62 -8.27
CA GLY A 181 20.90 33.56 -9.25
C GLY A 181 19.66 32.88 -8.70
N PRO A 182 18.48 33.22 -9.21
CA PRO A 182 17.28 32.57 -8.68
C PRO A 182 17.31 31.05 -8.89
N ASP A 183 17.89 30.62 -10.01
CA ASP A 183 17.96 29.20 -10.32
C ASP A 183 18.93 28.39 -9.46
N ARG A 184 19.46 29.00 -8.40
CA ARG A 184 20.34 28.27 -7.49
C ARG A 184 19.49 27.90 -6.27
N VAL A 185 18.20 28.20 -6.37
CA VAL A 185 17.21 27.88 -5.33
C VAL A 185 16.31 26.86 -6.02
N ALA A 186 16.09 25.72 -5.37
CA ALA A 186 15.26 24.69 -5.98
C ALA A 186 14.29 24.04 -5.01
N GLY A 187 13.31 23.35 -5.57
CA GLY A 187 12.34 22.64 -4.76
C GLY A 187 11.96 21.31 -5.38
N PHE A 188 11.82 20.29 -4.54
CA PHE A 188 11.43 18.98 -5.04
C PHE A 188 10.17 18.45 -4.34
N SER A 189 9.15 18.16 -5.15
CA SER A 189 7.90 17.62 -4.64
C SER A 189 7.34 16.72 -5.74
N PRO A 190 6.81 15.54 -5.37
CA PRO A 190 6.28 14.63 -6.39
C PRO A 190 4.76 14.65 -6.59
N ILE A 191 4.31 13.74 -7.45
CA ILE A 191 2.91 13.52 -7.81
C ILE A 191 1.90 14.57 -7.31
N PRO A 192 1.70 15.64 -8.08
CA PRO A 192 0.76 16.69 -7.67
C PRO A 192 -0.71 16.23 -7.68
N ALA A 193 -1.03 15.21 -8.48
CA ALA A 193 -2.39 14.71 -8.56
C ALA A 193 -2.99 14.28 -7.22
N MET A 194 -2.15 13.89 -6.27
CA MET A 194 -2.63 13.44 -4.96
C MET A 194 -3.03 14.57 -4.00
N SER A 195 -2.47 15.75 -4.24
CA SER A 195 -2.79 16.93 -3.42
C SER A 195 -2.29 18.15 -4.19
N MET A 196 -3.06 18.50 -5.23
CA MET A 196 -2.78 19.60 -6.14
C MET A 196 -2.32 20.90 -5.52
N VAL A 197 -3.14 21.44 -4.63
CA VAL A 197 -2.80 22.70 -3.99
C VAL A 197 -1.57 22.60 -3.11
N SER A 198 -1.42 21.48 -2.39
CA SER A 198 -0.25 21.34 -1.53
C SER A 198 1.05 21.34 -2.35
N TYR A 199 0.97 20.79 -3.57
CA TYR A 199 2.14 20.77 -4.45
C TYR A 199 2.33 22.18 -4.97
N ALA A 200 1.23 22.76 -5.46
CA ALA A 200 1.26 24.09 -6.03
C ALA A 200 1.82 25.16 -5.09
N SER A 201 1.64 24.98 -3.77
CA SER A 201 2.12 25.97 -2.82
C SER A 201 3.61 26.30 -2.99
N GLY A 202 4.48 25.30 -2.86
CA GLY A 202 5.90 25.55 -3.02
C GLY A 202 6.29 25.86 -4.46
N ALA A 203 5.66 25.18 -5.42
CA ALA A 203 5.97 25.40 -6.83
C ALA A 203 5.65 26.83 -7.25
N ARG A 204 4.63 27.42 -6.63
CA ARG A 204 4.21 28.78 -6.96
C ARG A 204 5.17 29.80 -6.38
N TYR A 205 5.66 29.54 -5.17
CA TYR A 205 6.61 30.44 -4.53
C TYR A 205 7.92 30.40 -5.33
N LEU A 206 8.36 29.19 -5.66
CA LEU A 206 9.60 29.01 -6.42
C LEU A 206 9.48 29.66 -7.81
N SER A 207 8.37 29.41 -8.50
CA SER A 207 8.19 29.97 -9.82
C SER A 207 8.18 31.50 -9.82
N LEU A 208 7.59 32.11 -8.80
CA LEU A 208 7.55 33.55 -8.73
C LEU A 208 8.95 34.14 -8.53
N ILE A 209 9.74 33.54 -7.65
CA ILE A 209 11.08 34.05 -7.40
C ILE A 209 12.15 33.56 -8.36
N GLY A 210 11.75 32.77 -9.36
CA GLY A 210 12.69 32.27 -10.34
C GLY A 210 13.40 30.95 -10.08
N GLY A 211 13.12 30.33 -8.94
CA GLY A 211 13.76 29.06 -8.61
C GLY A 211 13.38 27.90 -9.53
N THR A 212 14.07 26.77 -9.36
CA THR A 212 13.81 25.60 -10.18
C THR A 212 12.79 24.62 -9.60
N CYS A 213 11.89 24.15 -10.46
CA CYS A 213 10.88 23.16 -10.06
C CYS A 213 11.31 21.81 -10.67
N LEU A 214 11.74 20.88 -9.82
CA LEU A 214 12.20 19.57 -10.25
C LEU A 214 11.09 18.59 -10.61
N SER A 215 11.33 17.77 -11.63
CA SER A 215 10.36 16.77 -12.11
C SER A 215 10.31 15.52 -11.24
N PHE A 216 9.33 14.66 -11.48
CA PHE A 216 9.18 13.45 -10.67
C PHE A 216 8.82 12.19 -11.45
N TYR A 217 8.04 12.32 -12.51
CA TYR A 217 7.63 11.14 -13.27
C TYR A 217 8.83 10.36 -13.81
N ASP A 218 9.83 11.09 -14.29
CA ASP A 218 11.04 10.44 -14.80
C ASP A 218 11.96 10.03 -13.64
N TRP A 219 12.05 10.88 -12.63
CA TRP A 219 12.88 10.60 -11.47
C TRP A 219 12.58 9.23 -10.86
N TYR A 220 11.29 8.96 -10.59
CA TYR A 220 10.88 7.67 -10.02
C TYR A 220 10.97 6.51 -11.00
N CYS A 221 11.16 6.84 -12.28
CA CYS A 221 11.24 5.86 -13.35
C CYS A 221 9.86 5.24 -13.57
N ASP A 222 8.84 6.07 -13.42
CA ASP A 222 7.45 5.66 -13.62
C ASP A 222 7.10 6.05 -15.06
N LEU A 223 7.88 6.98 -15.61
CA LEU A 223 7.72 7.44 -16.98
C LEU A 223 8.21 6.39 -17.96
N PRO A 224 7.35 5.95 -18.89
CA PRO A 224 7.73 4.96 -19.88
C PRO A 224 8.07 5.72 -21.16
N PRO A 225 9.37 5.96 -21.42
CA PRO A 225 9.78 6.70 -22.62
C PRO A 225 9.14 6.18 -23.91
N ALA A 226 8.81 4.90 -23.93
CA ALA A 226 8.18 4.29 -25.10
C ALA A 226 6.85 4.95 -25.45
N SER A 227 6.14 5.48 -24.45
CA SER A 227 4.85 6.13 -24.69
C SER A 227 5.04 7.41 -25.52
N PRO A 228 5.94 8.31 -25.10
CA PRO A 228 6.16 9.53 -25.87
C PRO A 228 6.67 9.18 -27.28
N GLN A 229 7.42 8.09 -27.36
CA GLN A 229 7.99 7.64 -28.65
C GLN A 229 6.96 7.14 -29.64
N THR A 230 6.03 6.33 -29.15
CA THR A 230 5.00 5.74 -29.97
C THR A 230 3.78 6.63 -30.19
N TRP A 231 3.45 7.43 -29.18
CA TRP A 231 2.24 8.25 -29.27
C TRP A 231 2.42 9.74 -29.06
N GLY A 232 3.60 10.16 -28.64
CA GLY A 232 3.81 11.58 -28.39
C GLY A 232 2.98 12.02 -27.17
N GLU A 233 2.72 11.07 -26.27
CA GLU A 233 1.94 11.31 -25.05
C GLU A 233 2.68 10.77 -23.83
N GLN A 234 2.78 11.60 -22.78
CA GLN A 234 3.47 11.21 -21.56
C GLN A 234 2.96 9.87 -20.99
N THR A 235 1.66 9.79 -20.77
CA THR A 235 1.02 8.59 -20.25
C THR A 235 -0.48 8.81 -20.17
N ASP A 236 -1.22 8.02 -20.94
CA ASP A 236 -2.67 8.11 -20.95
C ASP A 236 -3.06 6.65 -20.95
N VAL A 237 -3.92 6.26 -20.02
CA VAL A 237 -4.30 4.87 -19.93
C VAL A 237 -5.77 4.70 -19.65
N PRO A 238 -6.29 3.50 -19.88
CA PRO A 238 -7.71 3.28 -19.62
C PRO A 238 -7.92 3.21 -18.11
N GLU A 239 -9.12 3.51 -17.65
CA GLU A 239 -9.43 3.46 -16.22
C GLU A 239 -9.63 2.01 -15.83
N SER A 240 -9.55 1.71 -14.53
CA SER A 240 -9.70 0.35 -14.07
C SER A 240 -11.05 -0.26 -14.47
N ALA A 241 -12.10 0.57 -14.51
CA ALA A 241 -13.41 0.05 -14.88
C ALA A 241 -13.37 -0.51 -16.30
N ASP A 242 -12.51 0.06 -17.15
CA ASP A 242 -12.42 -0.41 -18.52
C ASP A 242 -11.85 -1.84 -18.65
N TRP A 243 -11.10 -2.30 -17.65
CA TRP A 243 -10.57 -3.65 -17.72
C TRP A 243 -11.76 -4.60 -17.81
N TYR A 244 -12.89 -4.18 -17.26
CA TYR A 244 -14.09 -4.99 -17.25
C TYR A 244 -14.70 -5.18 -18.63
N ASN A 245 -14.28 -4.34 -19.56
CA ASN A 245 -14.77 -4.42 -20.93
C ASN A 245 -13.83 -5.28 -21.79
N SER A 246 -12.79 -5.82 -21.19
CA SER A 246 -11.81 -6.65 -21.90
C SER A 246 -12.15 -8.13 -21.76
N SER A 247 -11.91 -8.90 -22.82
CA SER A 247 -12.20 -10.34 -22.78
C SER A 247 -10.92 -11.19 -22.72
N TYR A 248 -9.76 -10.54 -22.71
CA TYR A 248 -8.48 -11.23 -22.61
C TYR A 248 -7.43 -10.26 -22.05
N ILE A 249 -6.87 -10.59 -20.89
CA ILE A 249 -5.90 -9.72 -20.22
C ILE A 249 -4.60 -10.40 -19.80
N ILE A 250 -3.49 -9.72 -20.05
CA ILE A 250 -2.18 -10.23 -19.64
C ILE A 250 -1.63 -9.23 -18.63
N ALA A 251 -1.38 -9.68 -17.40
CA ALA A 251 -0.80 -8.82 -16.37
C ALA A 251 0.67 -9.13 -16.51
N TRP A 252 1.38 -8.24 -17.19
CA TRP A 252 2.80 -8.43 -17.46
C TRP A 252 3.68 -7.56 -16.58
N GLY A 253 4.36 -8.17 -15.62
CA GLY A 253 5.21 -7.41 -14.71
C GLY A 253 4.43 -6.40 -13.90
N SER A 254 3.20 -6.77 -13.57
CA SER A 254 2.33 -5.91 -12.78
C SER A 254 1.70 -6.70 -11.65
N ASN A 255 1.99 -6.32 -10.42
CA ASN A 255 1.42 -7.00 -9.26
C ASN A 255 0.21 -6.17 -8.83
N VAL A 256 -0.83 -6.24 -9.66
CA VAL A 256 -2.06 -5.49 -9.48
C VAL A 256 -2.63 -5.48 -8.06
N PRO A 257 -2.89 -6.66 -7.47
CA PRO A 257 -3.46 -6.70 -6.12
C PRO A 257 -2.66 -5.94 -5.06
N GLN A 258 -1.36 -5.81 -5.26
CA GLN A 258 -0.52 -5.13 -4.28
C GLN A 258 -0.20 -3.67 -4.62
N THR A 259 -0.18 -3.36 -5.91
CA THR A 259 0.14 -2.02 -6.38
C THR A 259 -1.05 -1.17 -6.83
N ARG A 260 -2.19 -1.80 -7.03
CA ARG A 260 -3.39 -1.06 -7.45
C ARG A 260 -4.58 -1.72 -6.74
N THR A 261 -4.37 -1.96 -5.45
CA THR A 261 -5.34 -2.61 -4.57
C THR A 261 -6.82 -2.22 -4.68
N PRO A 262 -7.14 -0.93 -4.58
CA PRO A 262 -8.56 -0.55 -4.68
C PRO A 262 -9.22 -0.87 -6.02
N ASP A 263 -8.43 -1.16 -7.05
CA ASP A 263 -8.97 -1.47 -8.37
C ASP A 263 -8.92 -2.95 -8.73
N ALA A 264 -8.24 -3.73 -7.90
CA ALA A 264 -8.10 -5.16 -8.15
C ALA A 264 -9.39 -5.92 -8.38
N HIS A 265 -10.49 -5.49 -7.75
CA HIS A 265 -11.73 -6.22 -7.94
C HIS A 265 -12.21 -6.25 -9.38
N PHE A 266 -11.85 -5.24 -10.16
CA PHE A 266 -12.27 -5.22 -11.57
C PHE A 266 -11.60 -6.39 -12.32
N PHE A 267 -10.39 -6.71 -11.91
CA PHE A 267 -9.63 -7.79 -12.51
C PHE A 267 -10.19 -9.15 -12.03
N THR A 268 -10.43 -9.29 -10.73
CA THR A 268 -10.93 -10.55 -10.21
C THR A 268 -12.38 -10.80 -10.65
N GLU A 269 -13.14 -9.72 -10.79
CA GLU A 269 -14.54 -9.84 -11.17
C GLU A 269 -14.75 -10.09 -12.65
N VAL A 270 -13.92 -9.49 -13.50
CA VAL A 270 -14.09 -9.68 -14.93
C VAL A 270 -13.88 -11.14 -15.32
N ARG A 271 -13.18 -11.89 -14.48
CA ARG A 271 -12.95 -13.31 -14.75
C ARG A 271 -14.30 -14.04 -14.80
N TYR A 272 -15.25 -13.58 -13.99
CA TYR A 272 -16.56 -14.22 -13.95
C TYR A 272 -17.40 -13.94 -15.19
N LYS A 273 -16.97 -12.98 -15.99
CA LYS A 273 -17.66 -12.61 -17.22
C LYS A 273 -17.08 -13.43 -18.40
N GLY A 274 -16.15 -14.32 -18.09
CA GLY A 274 -15.54 -15.17 -19.11
C GLY A 274 -14.18 -14.73 -19.62
N THR A 275 -13.68 -13.61 -19.10
CA THR A 275 -12.39 -13.10 -19.51
C THR A 275 -11.24 -13.97 -19.02
N LYS A 276 -10.31 -14.29 -19.92
CA LYS A 276 -9.16 -15.10 -19.52
C LYS A 276 -8.03 -14.16 -19.09
N THR A 277 -7.30 -14.55 -18.05
CA THR A 277 -6.20 -13.73 -17.54
C THR A 277 -4.90 -14.54 -17.46
N VAL A 278 -3.80 -13.90 -17.87
CA VAL A 278 -2.49 -14.53 -17.84
C VAL A 278 -1.50 -13.65 -17.11
N ALA A 279 -0.74 -14.23 -16.20
CA ALA A 279 0.24 -13.49 -15.42
C ALA A 279 1.63 -13.87 -15.87
N VAL A 280 2.46 -12.86 -16.13
CA VAL A 280 3.84 -13.09 -16.54
C VAL A 280 4.72 -12.41 -15.51
N THR A 281 5.27 -13.21 -14.60
CA THR A 281 6.13 -12.68 -13.55
C THR A 281 7.18 -13.72 -13.20
N PRO A 282 8.46 -13.31 -13.08
CA PRO A 282 9.53 -14.24 -12.75
C PRO A 282 9.29 -14.99 -11.43
N ASP A 283 8.69 -14.31 -10.45
CA ASP A 283 8.41 -14.92 -9.15
C ASP A 283 6.93 -15.24 -9.04
N TYR A 284 6.56 -16.05 -8.06
CA TYR A 284 5.15 -16.37 -7.87
C TYR A 284 4.65 -15.24 -6.96
N ALA A 285 4.08 -14.23 -7.58
CA ALA A 285 3.58 -13.08 -6.83
C ALA A 285 2.08 -13.16 -6.59
N GLU A 286 1.58 -12.21 -5.81
CA GLU A 286 0.16 -12.17 -5.50
C GLU A 286 -0.68 -12.21 -6.77
N ILE A 287 -0.23 -11.53 -7.82
CA ILE A 287 -0.98 -11.49 -9.06
C ILE A 287 -1.22 -12.89 -9.67
N ALA A 288 -0.23 -13.78 -9.56
CA ALA A 288 -0.39 -15.14 -10.11
C ALA A 288 -1.58 -15.85 -9.49
N LYS A 289 -1.78 -15.63 -8.18
CA LYS A 289 -2.87 -16.24 -7.43
C LYS A 289 -4.23 -16.03 -8.11
N LEU A 290 -4.38 -14.91 -8.81
CA LEU A 290 -5.63 -14.55 -9.47
C LEU A 290 -5.71 -14.80 -10.98
N CYS A 291 -4.74 -15.49 -11.57
CA CYS A 291 -4.83 -15.72 -13.01
C CYS A 291 -5.13 -17.16 -13.41
N ASP A 292 -5.34 -17.39 -14.70
CA ASP A 292 -5.63 -18.73 -15.18
C ASP A 292 -4.37 -19.44 -15.63
N LEU A 293 -3.29 -18.66 -15.77
CA LEU A 293 -2.02 -19.22 -16.21
C LEU A 293 -0.87 -18.37 -15.72
N TRP A 294 0.16 -19.02 -15.20
CA TRP A 294 1.35 -18.31 -14.71
C TRP A 294 2.56 -18.66 -15.57
N LEU A 295 3.11 -17.65 -16.25
CA LEU A 295 4.30 -17.84 -17.07
C LEU A 295 5.44 -17.13 -16.35
N ALA A 296 6.60 -17.78 -16.21
CA ALA A 296 7.70 -17.17 -15.49
C ALA A 296 9.01 -17.09 -16.27
N PRO A 297 9.19 -15.99 -17.01
CA PRO A 297 10.43 -15.83 -17.78
C PRO A 297 11.54 -15.28 -16.89
N LYS A 298 12.78 -15.47 -17.31
CA LYS A 298 13.93 -14.96 -16.58
C LYS A 298 13.74 -13.45 -16.51
N GLN A 299 13.89 -12.86 -15.32
CA GLN A 299 13.71 -11.42 -15.19
C GLN A 299 14.60 -10.64 -16.17
N GLY A 300 14.06 -9.56 -16.72
CA GLY A 300 14.81 -8.75 -17.66
C GLY A 300 14.81 -9.25 -19.09
N THR A 301 14.27 -10.43 -19.32
CA THR A 301 14.25 -11.01 -20.67
C THR A 301 12.88 -10.93 -21.36
N ASP A 302 11.95 -10.21 -20.75
CA ASP A 302 10.60 -10.09 -21.30
C ASP A 302 10.45 -9.62 -22.75
N ALA A 303 11.25 -8.65 -23.16
CA ALA A 303 11.18 -8.15 -24.53
C ALA A 303 11.26 -9.29 -25.54
N ALA A 304 12.04 -10.32 -25.19
CA ALA A 304 12.21 -11.48 -26.05
C ALA A 304 10.90 -12.25 -26.28
N MET A 305 10.16 -12.48 -25.19
CA MET A 305 8.90 -13.20 -25.27
C MET A 305 7.89 -12.43 -26.11
N ALA A 306 7.87 -11.11 -25.94
CA ALA A 306 6.97 -10.25 -26.69
C ALA A 306 7.27 -10.28 -28.19
N LEU A 307 8.56 -10.28 -28.53
CA LEU A 307 8.97 -10.32 -29.93
C LEU A 307 8.46 -11.58 -30.63
N ALA A 308 8.56 -12.72 -29.94
CA ALA A 308 8.11 -14.00 -30.50
C ALA A 308 6.60 -14.06 -30.61
N MET A 309 5.91 -13.45 -29.65
CA MET A 309 4.45 -13.44 -29.69
C MET A 309 4.04 -12.59 -30.88
N GLY A 310 4.71 -11.45 -31.04
CA GLY A 310 4.41 -10.58 -32.17
C GLY A 310 4.64 -11.34 -33.45
N HIS A 311 5.70 -12.13 -33.47
CA HIS A 311 6.08 -12.96 -34.62
C HIS A 311 4.93 -13.85 -35.06
N VAL A 312 4.38 -14.60 -34.10
CA VAL A 312 3.27 -15.52 -34.37
C VAL A 312 2.02 -14.77 -34.83
N MET A 313 1.78 -13.59 -34.27
CA MET A 313 0.60 -12.81 -34.63
C MET A 313 0.67 -12.29 -36.06
N LEU A 314 1.83 -11.78 -36.44
CA LEU A 314 2.04 -11.24 -37.79
C LEU A 314 1.90 -12.38 -38.81
N ARG A 315 2.59 -13.48 -38.55
CA ARG A 315 2.57 -14.64 -39.42
C ARG A 315 1.16 -15.17 -39.67
N GLU A 316 0.41 -15.40 -38.60
CA GLU A 316 -0.93 -15.97 -38.70
C GLU A 316 -2.12 -15.04 -38.91
N PHE A 317 -2.02 -13.78 -38.53
CA PHE A 317 -3.15 -12.86 -38.68
C PHE A 317 -2.93 -11.71 -39.65
N HIS A 318 -1.70 -11.57 -40.13
CA HIS A 318 -1.39 -10.50 -41.08
C HIS A 318 -0.93 -11.05 -42.42
N LEU A 319 -0.33 -12.23 -42.40
CA LEU A 319 0.17 -12.86 -43.63
C LEU A 319 -0.66 -14.06 -44.11
N ASP A 320 -0.55 -15.19 -43.42
CA ASP A 320 -1.27 -16.40 -43.80
C ASP A 320 -2.77 -16.22 -43.99
N ASN A 321 -3.45 -15.71 -42.97
CA ASN A 321 -4.89 -15.46 -43.06
C ASN A 321 -5.14 -14.02 -42.60
N PRO A 322 -4.87 -13.05 -43.49
CA PRO A 322 -5.07 -11.63 -43.19
C PRO A 322 -6.39 -11.27 -42.49
N SER A 323 -6.26 -10.67 -41.31
CA SER A 323 -7.43 -10.25 -40.53
C SER A 323 -7.91 -8.90 -41.07
N GLN A 324 -9.14 -8.87 -41.56
CA GLN A 324 -9.70 -7.64 -42.10
C GLN A 324 -9.61 -6.50 -41.11
N TYR A 325 -9.93 -6.78 -39.85
CA TYR A 325 -9.86 -5.76 -38.82
C TYR A 325 -8.43 -5.25 -38.63
N PHE A 326 -7.52 -6.16 -38.30
CA PHE A 326 -6.12 -5.79 -38.07
C PHE A 326 -5.51 -5.02 -39.24
N THR A 327 -5.68 -5.54 -40.45
CA THR A 327 -5.15 -4.91 -41.66
C THR A 327 -5.60 -3.47 -41.83
N ASP A 328 -6.91 -3.25 -41.73
CA ASP A 328 -7.43 -1.90 -41.87
C ASP A 328 -6.90 -1.02 -40.75
N TYR A 329 -6.85 -1.56 -39.54
CA TYR A 329 -6.36 -0.81 -38.38
C TYR A 329 -4.93 -0.32 -38.54
N VAL A 330 -4.00 -1.20 -38.90
CA VAL A 330 -2.61 -0.77 -39.07
C VAL A 330 -2.45 0.15 -40.28
N ARG A 331 -3.35 0.02 -41.25
CA ARG A 331 -3.27 0.86 -42.43
C ARG A 331 -3.61 2.31 -42.11
N ARG A 332 -4.67 2.49 -41.33
CA ARG A 332 -5.10 3.84 -40.98
C ARG A 332 -4.49 4.46 -39.74
N TYR A 333 -4.09 3.65 -38.76
CA TYR A 333 -3.57 4.22 -37.52
C TYR A 333 -2.08 4.09 -37.21
N THR A 334 -1.31 3.48 -38.10
CA THR A 334 0.12 3.35 -37.84
C THR A 334 0.95 4.01 -38.94
N ASP A 335 2.27 4.00 -38.75
CA ASP A 335 3.19 4.58 -39.71
C ASP A 335 3.77 3.46 -40.58
N MET A 336 3.10 2.30 -40.57
CA MET A 336 3.57 1.16 -41.34
C MET A 336 3.64 1.41 -42.85
N PRO A 337 2.69 2.20 -43.41
CA PRO A 337 2.71 2.49 -44.84
C PRO A 337 3.74 3.56 -45.19
N MET A 338 4.20 4.29 -44.19
CA MET A 338 5.19 5.34 -44.39
C MET A 338 6.49 4.81 -45.02
N LEU A 339 7.10 5.64 -45.88
CA LEU A 339 8.32 5.25 -46.59
C LEU A 339 9.63 5.62 -45.90
N VAL A 340 10.55 4.66 -45.87
CA VAL A 340 11.85 4.86 -45.26
C VAL A 340 12.99 4.82 -46.28
N MET A 341 13.85 5.84 -46.23
CA MET A 341 14.99 5.92 -47.14
C MET A 341 16.11 4.99 -46.68
N LEU A 342 16.65 4.21 -47.61
CA LEU A 342 17.74 3.29 -47.29
C LEU A 342 19.08 3.97 -47.53
N GLU A 343 20.00 3.82 -46.57
CA GLU A 343 21.31 4.44 -46.67
C GLU A 343 22.33 3.44 -47.17
N GLU A 344 23.22 3.92 -48.04
CA GLU A 344 24.25 3.08 -48.63
C GLU A 344 25.43 2.77 -47.72
N ARG A 345 25.81 1.49 -47.73
CA ARG A 345 26.95 0.99 -46.96
C ARG A 345 27.66 -0.05 -47.83
N ASP A 346 28.84 -0.48 -47.43
CA ASP A 346 29.56 -1.46 -48.25
C ASP A 346 29.01 -2.87 -48.06
N GLY A 347 28.38 -3.38 -49.11
CA GLY A 347 27.82 -4.72 -49.06
C GLY A 347 26.34 -4.79 -48.77
N TYR A 348 25.78 -3.71 -48.21
CA TYR A 348 24.36 -3.69 -47.86
C TYR A 348 23.85 -2.28 -47.54
N TYR A 349 22.57 -2.19 -47.24
CA TYR A 349 21.94 -0.91 -46.91
C TYR A 349 21.50 -0.90 -45.45
N ALA A 350 21.26 0.29 -44.92
CA ALA A 350 20.79 0.46 -43.56
C ALA A 350 19.60 1.43 -43.60
N ALA A 351 18.59 1.16 -42.78
CA ALA A 351 17.40 2.01 -42.74
C ALA A 351 17.77 3.42 -42.29
N GLY A 352 17.33 4.41 -43.05
CA GLY A 352 17.63 5.78 -42.71
C GLY A 352 16.40 6.51 -42.20
N ARG A 353 16.38 7.84 -42.34
CA ARG A 353 15.25 8.63 -41.89
C ARG A 353 14.09 8.40 -42.83
N MET A 354 12.87 8.64 -42.34
CA MET A 354 11.69 8.47 -43.16
C MET A 354 11.70 9.50 -44.28
N LEU A 355 11.11 9.13 -45.41
CA LEU A 355 11.04 10.04 -46.56
C LEU A 355 10.06 11.16 -46.26
N ARG A 356 10.45 12.39 -46.56
CA ARG A 356 9.61 13.55 -46.33
C ARG A 356 9.16 14.12 -47.67
N ALA A 357 8.01 14.77 -47.68
CA ALA A 357 7.47 15.35 -48.92
C ALA A 357 8.49 16.29 -49.56
N ALA A 358 9.31 16.93 -48.73
CA ALA A 358 10.33 17.87 -49.19
C ALA A 358 11.41 17.21 -50.05
N ASP A 359 11.60 15.90 -49.88
CA ASP A 359 12.61 15.18 -50.65
C ASP A 359 12.19 14.99 -52.11
N LEU A 360 10.90 15.05 -52.38
CA LEU A 360 10.39 14.89 -53.73
C LEU A 360 10.40 16.19 -54.52
N VAL A 361 10.59 16.05 -55.83
CA VAL A 361 10.67 17.18 -56.75
C VAL A 361 9.75 18.38 -56.47
N ASP A 362 8.45 18.20 -56.65
CA ASP A 362 7.50 19.29 -56.44
C ASP A 362 6.88 19.24 -55.02
N ALA A 363 7.63 18.67 -54.09
CA ALA A 363 7.23 18.54 -52.70
C ALA A 363 5.78 18.08 -52.57
N LEU A 364 5.33 17.28 -53.53
CA LEU A 364 3.97 16.77 -53.51
C LEU A 364 2.97 17.92 -53.32
N GLY A 365 3.32 19.08 -53.86
CA GLY A 365 2.44 20.24 -53.77
C GLY A 365 2.25 20.74 -52.35
N GLN A 366 3.31 20.66 -51.55
CA GLN A 366 3.26 21.09 -50.16
C GLN A 366 4.21 22.26 -49.92
N GLU A 367 3.67 23.41 -49.56
CA GLU A 367 4.51 24.59 -49.29
C GLU A 367 4.86 24.72 -47.81
N ASN A 368 3.89 24.41 -46.95
CA ASN A 368 4.09 24.50 -45.51
C ASN A 368 4.71 23.25 -44.91
N ASN A 369 5.80 23.45 -44.16
CA ASN A 369 6.52 22.36 -43.49
C ASN A 369 6.63 21.07 -44.32
N PRO A 370 7.19 21.15 -45.53
CA PRO A 370 7.31 19.94 -46.34
C PRO A 370 8.29 18.93 -45.76
N GLU A 371 9.28 19.41 -45.04
CA GLU A 371 10.27 18.52 -44.43
C GLU A 371 9.72 17.84 -43.17
N TRP A 372 8.46 18.08 -42.87
CA TRP A 372 7.83 17.49 -41.68
C TRP A 372 6.58 16.68 -42.01
N LYS A 373 6.46 16.26 -43.26
CA LYS A 373 5.32 15.46 -43.69
C LYS A 373 5.81 14.15 -44.29
N THR A 374 5.44 13.04 -43.66
CA THR A 374 5.85 11.72 -44.13
C THR A 374 5.17 11.36 -45.45
N VAL A 375 5.69 10.34 -46.11
CA VAL A 375 5.15 9.94 -47.41
C VAL A 375 4.84 8.44 -47.52
N ALA A 376 3.89 8.12 -48.39
CA ALA A 376 3.51 6.74 -48.61
C ALA A 376 2.90 6.59 -50.01
N PHE A 377 2.62 5.35 -50.38
CA PHE A 377 2.01 5.04 -51.68
C PHE A 377 0.55 4.71 -51.46
N ASN A 378 -0.28 4.90 -52.47
CA ASN A 378 -1.69 4.54 -52.34
C ASN A 378 -1.93 3.24 -53.09
N THR A 379 -3.19 2.86 -53.25
CA THR A 379 -3.53 1.62 -53.94
C THR A 379 -3.19 1.62 -55.43
N ASN A 380 -2.90 2.79 -55.97
CA ASN A 380 -2.56 2.90 -57.38
C ASN A 380 -1.08 3.23 -57.58
N GLY A 381 -0.25 2.75 -56.67
CA GLY A 381 1.18 3.00 -56.77
C GLY A 381 1.58 4.45 -56.74
N GLU A 382 0.62 5.36 -56.64
CA GLU A 382 0.93 6.80 -56.60
C GLU A 382 1.43 7.20 -55.22
N MET A 383 2.43 8.08 -55.20
CA MET A 383 3.02 8.56 -53.96
C MET A 383 2.12 9.67 -53.39
N VAL A 384 2.14 9.86 -52.08
CA VAL A 384 1.30 10.88 -51.46
C VAL A 384 1.65 11.26 -50.03
N ALA A 385 1.33 12.50 -49.67
CA ALA A 385 1.57 13.01 -48.31
C ALA A 385 0.18 13.07 -47.65
N PRO A 386 -0.17 12.02 -46.90
CA PRO A 386 -1.47 11.93 -46.21
C PRO A 386 -1.65 12.89 -45.04
N ASN A 387 -2.92 13.21 -44.73
CA ASN A 387 -3.23 14.10 -43.62
C ASN A 387 -2.71 13.50 -42.33
N GLY A 388 -2.41 14.35 -41.35
CA GLY A 388 -1.96 13.84 -40.07
C GLY A 388 -0.53 14.09 -39.64
N SER A 389 0.42 14.01 -40.56
CA SER A 389 1.81 14.23 -40.21
C SER A 389 1.89 15.53 -39.42
N ILE A 390 2.89 15.66 -38.57
CA ILE A 390 3.02 16.83 -37.73
C ILE A 390 3.26 18.14 -38.48
N GLY A 391 3.54 18.04 -39.77
CA GLY A 391 3.75 19.24 -40.57
C GLY A 391 2.46 20.03 -40.71
N PHE A 392 1.32 19.34 -40.74
CA PHE A 392 0.02 20.01 -40.88
C PHE A 392 -0.47 20.63 -39.59
N ARG A 393 0.19 20.33 -38.48
CA ARG A 393 -0.23 20.86 -37.18
C ARG A 393 0.02 22.35 -37.03
N TRP A 394 1.17 22.82 -37.51
CA TRP A 394 1.50 24.22 -37.40
C TRP A 394 1.63 24.90 -38.77
N GLY A 395 1.39 26.20 -38.82
CA GLY A 395 1.51 26.93 -40.07
C GLY A 395 0.32 26.83 -41.02
N GLU A 396 -0.60 25.91 -40.71
CA GLU A 396 -1.80 25.72 -41.52
C GLU A 396 -2.88 25.08 -40.66
N LYS A 397 -4.13 25.09 -41.13
CA LYS A 397 -5.22 24.51 -40.38
C LYS A 397 -6.16 23.65 -41.22
N GLY A 398 -6.84 22.71 -40.58
CA GLY A 398 -7.80 21.86 -41.27
C GLY A 398 -7.36 20.51 -41.80
N LYS A 399 -6.07 20.21 -41.79
CA LYS A 399 -5.59 18.94 -42.31
C LYS A 399 -4.90 18.03 -41.31
N TRP A 400 -4.80 18.48 -40.06
CA TRP A 400 -4.16 17.67 -39.02
C TRP A 400 -5.18 16.71 -38.44
N ASN A 401 -5.46 15.63 -39.18
CA ASN A 401 -6.43 14.62 -38.75
C ASN A 401 -6.06 13.27 -39.37
N LEU A 402 -6.75 12.22 -38.96
CA LEU A 402 -6.46 10.88 -39.46
C LEU A 402 -7.42 10.42 -40.56
N GLU A 403 -7.95 11.37 -41.31
CA GLU A 403 -8.82 11.03 -42.42
C GLU A 403 -7.88 10.51 -43.50
N GLN A 404 -8.19 9.35 -44.07
CA GLN A 404 -7.33 8.81 -45.12
C GLN A 404 -7.50 9.64 -46.40
N ARG A 405 -6.80 10.77 -46.46
CA ARG A 405 -6.88 11.66 -47.61
C ARG A 405 -5.50 12.13 -48.07
N ASP A 406 -5.46 12.65 -49.30
CA ASP A 406 -4.23 13.16 -49.88
C ASP A 406 -4.02 14.57 -49.34
N GLY A 407 -2.88 14.78 -48.69
CA GLY A 407 -2.57 16.09 -48.13
C GLY A 407 -2.50 17.24 -49.13
N LYS A 408 -2.64 16.93 -50.42
CA LYS A 408 -2.59 17.96 -51.45
C LYS A 408 -3.96 18.21 -52.08
N THR A 409 -4.57 17.16 -52.62
CA THR A 409 -5.88 17.27 -53.27
C THR A 409 -7.05 17.11 -52.31
N GLY A 410 -6.75 16.78 -51.05
CA GLY A 410 -7.81 16.60 -50.09
C GLY A 410 -8.79 15.53 -50.55
N GLU A 411 -8.30 14.63 -51.39
CA GLU A 411 -9.12 13.55 -51.92
C GLU A 411 -8.87 12.26 -51.14
N GLU A 412 -9.85 11.37 -51.15
CA GLU A 412 -9.73 10.10 -50.45
C GLU A 412 -8.74 9.19 -51.15
N THR A 413 -7.83 8.61 -50.39
CA THR A 413 -6.85 7.69 -50.92
C THR A 413 -6.83 6.45 -50.03
N GLU A 414 -6.00 5.48 -50.37
CA GLU A 414 -5.89 4.26 -49.59
C GLU A 414 -4.44 3.82 -49.58
N LEU A 415 -3.73 4.17 -48.51
CA LEU A 415 -2.33 3.82 -48.39
C LEU A 415 -2.12 2.31 -48.50
N GLN A 416 -1.02 1.94 -49.14
CA GLN A 416 -0.68 0.54 -49.31
C GLN A 416 0.33 0.18 -48.24
N LEU A 417 0.34 -1.08 -47.81
CA LEU A 417 1.26 -1.49 -46.77
C LEU A 417 2.61 -2.02 -47.26
N SER A 418 2.60 -3.11 -48.01
CA SER A 418 3.85 -3.70 -48.48
C SER A 418 4.17 -3.47 -49.95
N LEU A 419 5.44 -3.23 -50.24
CA LEU A 419 5.90 -3.01 -51.61
C LEU A 419 6.08 -4.35 -52.32
N LEU A 420 6.05 -5.43 -51.56
CA LEU A 420 6.21 -6.77 -52.12
C LEU A 420 5.14 -6.99 -53.18
N GLY A 421 5.55 -6.98 -54.44
CA GLY A 421 4.60 -7.18 -55.53
C GLY A 421 4.56 -5.98 -56.44
N SER A 422 5.46 -5.04 -56.21
CA SER A 422 5.53 -3.83 -57.02
C SER A 422 6.89 -3.17 -56.85
N GLN A 423 7.84 -3.91 -56.29
CA GLN A 423 9.19 -3.39 -56.07
C GLN A 423 9.96 -3.32 -57.38
N ASP A 424 11.02 -2.51 -57.38
CA ASP A 424 11.88 -2.34 -58.55
C ASP A 424 13.02 -3.35 -58.45
N GLU A 425 13.40 -3.66 -57.21
CA GLU A 425 14.46 -4.61 -56.95
C GLU A 425 14.41 -5.06 -55.49
N ILE A 426 15.32 -5.94 -55.11
CA ILE A 426 15.37 -6.46 -53.76
C ILE A 426 16.72 -6.19 -53.11
N ALA A 427 16.77 -5.17 -52.27
CA ALA A 427 18.01 -4.81 -51.58
C ALA A 427 18.12 -5.52 -50.24
N GLU A 428 19.34 -5.70 -49.77
CA GLU A 428 19.56 -6.35 -48.49
C GLU A 428 19.85 -5.29 -47.44
N VAL A 429 19.01 -5.26 -46.41
CA VAL A 429 19.14 -4.28 -45.34
C VAL A 429 19.68 -4.92 -44.06
N GLY A 430 20.55 -4.20 -43.37
CA GLY A 430 21.12 -4.72 -42.13
C GLY A 430 20.32 -4.32 -40.90
N PHE A 431 20.11 -5.28 -40.00
CA PHE A 431 19.38 -5.05 -38.77
C PHE A 431 20.26 -5.45 -37.58
N PRO A 432 20.35 -4.57 -36.56
CA PRO A 432 21.18 -4.90 -35.40
C PRO A 432 20.61 -6.03 -34.56
N TYR A 433 21.49 -6.83 -33.98
CA TYR A 433 21.08 -7.95 -33.12
C TYR A 433 21.95 -7.97 -31.88
N PHE A 434 21.32 -7.74 -30.72
CA PHE A 434 22.06 -7.72 -29.46
C PHE A 434 21.79 -8.96 -28.59
N GLY A 435 20.97 -9.87 -29.10
CA GLY A 435 20.65 -11.08 -28.35
C GLY A 435 21.83 -11.98 -28.04
N GLY A 436 23.01 -11.61 -28.52
CA GLY A 436 24.20 -12.40 -28.27
C GLY A 436 25.02 -11.89 -27.10
N ASP A 437 24.84 -10.63 -26.75
CA ASP A 437 25.59 -10.04 -25.63
C ASP A 437 24.92 -10.36 -24.27
N GLY A 438 25.43 -9.74 -23.21
CA GLY A 438 24.87 -9.98 -21.89
C GLY A 438 25.84 -10.50 -20.87
N THR A 439 25.42 -10.52 -19.61
CA THR A 439 26.26 -11.01 -18.53
C THR A 439 26.15 -12.53 -18.40
N GLU A 440 26.87 -13.09 -17.44
CA GLU A 440 26.86 -14.53 -17.22
C GLU A 440 25.59 -15.02 -16.52
N HIS A 441 24.69 -14.09 -16.24
CA HIS A 441 23.45 -14.41 -15.55
C HIS A 441 22.25 -14.61 -16.46
N PHE A 442 22.41 -14.35 -17.76
CA PHE A 442 21.32 -14.51 -18.71
C PHE A 442 21.71 -15.35 -19.93
N ASN A 443 20.83 -16.25 -20.33
CA ASN A 443 21.07 -17.12 -21.48
C ASN A 443 21.18 -16.26 -22.73
N LYS A 444 22.08 -16.63 -23.64
CA LYS A 444 22.28 -15.88 -24.87
C LYS A 444 22.05 -16.74 -26.11
N VAL A 445 21.89 -16.09 -27.25
CA VAL A 445 21.69 -16.80 -28.50
C VAL A 445 22.54 -16.11 -29.57
N GLU A 446 23.67 -16.75 -29.88
CA GLU A 446 24.62 -16.24 -30.86
C GLU A 446 24.10 -16.34 -32.30
N LEU A 447 24.15 -15.22 -32.99
CA LEU A 447 23.74 -15.15 -34.39
C LEU A 447 24.76 -14.24 -35.07
N GLU A 448 24.36 -12.99 -35.31
CA GLU A 448 25.24 -12.00 -35.93
C GLU A 448 24.87 -10.63 -35.40
N ASN A 449 25.87 -9.77 -35.19
CA ASN A 449 25.61 -8.43 -34.69
C ASN A 449 24.74 -7.70 -35.71
N VAL A 450 24.87 -8.12 -36.97
CA VAL A 450 24.10 -7.54 -38.05
C VAL A 450 23.45 -8.66 -38.85
N LEU A 451 22.13 -8.62 -38.95
CA LEU A 451 21.39 -9.62 -39.69
C LEU A 451 20.86 -8.99 -40.96
N LEU A 452 21.30 -9.52 -42.10
CA LEU A 452 20.86 -8.99 -43.39
C LEU A 452 19.58 -9.67 -43.84
N HIS A 453 18.63 -8.85 -44.29
CA HIS A 453 17.34 -9.33 -44.76
C HIS A 453 17.09 -8.79 -46.16
N LYS A 454 16.27 -9.50 -46.93
CA LYS A 454 15.94 -9.08 -48.28
C LYS A 454 14.65 -8.26 -48.22
N LEU A 455 14.77 -6.98 -48.56
CA LEU A 455 13.63 -6.07 -48.55
C LEU A 455 13.24 -5.64 -49.96
N PRO A 456 11.94 -5.65 -50.27
CA PRO A 456 11.49 -5.23 -51.59
C PRO A 456 11.52 -3.70 -51.65
N VAL A 457 12.55 -3.16 -52.30
CA VAL A 457 12.70 -1.72 -52.40
C VAL A 457 12.09 -1.12 -53.66
N LYS A 458 12.23 0.19 -53.81
CA LYS A 458 11.70 0.92 -54.95
C LYS A 458 12.53 2.19 -55.10
N ARG A 459 13.17 2.36 -56.25
CA ARG A 459 14.01 3.53 -56.49
C ARG A 459 13.20 4.76 -56.88
N LEU A 460 13.59 5.91 -56.32
CA LEU A 460 12.92 7.18 -56.58
C LEU A 460 13.90 8.29 -56.97
N GLN A 461 13.37 9.31 -57.66
CA GLN A 461 14.17 10.46 -58.09
C GLN A 461 13.99 11.62 -57.12
N LEU A 462 15.02 11.90 -56.33
CA LEU A 462 14.98 12.99 -55.36
C LEU A 462 14.85 14.36 -56.00
N ALA A 463 14.52 15.36 -55.17
CA ALA A 463 14.34 16.73 -55.62
C ALA A 463 15.65 17.46 -55.90
N ASP A 464 16.78 16.84 -55.54
CA ASP A 464 18.07 17.46 -55.77
C ASP A 464 18.88 16.70 -56.82
N GLY A 465 18.18 15.98 -57.69
CA GLY A 465 18.86 15.23 -58.75
C GLY A 465 19.24 13.82 -58.37
N SER A 466 19.79 13.63 -57.18
CA SER A 466 20.21 12.31 -56.75
C SER A 466 19.02 11.35 -56.76
N THR A 467 19.30 10.08 -56.47
CA THR A 467 18.26 9.05 -56.44
C THR A 467 18.46 8.27 -55.15
N ALA A 468 17.48 7.46 -54.77
CA ALA A 468 17.59 6.68 -53.55
C ALA A 468 16.59 5.53 -53.50
N LEU A 469 16.83 4.59 -52.59
CA LEU A 469 15.94 3.45 -52.42
C LEU A 469 15.06 3.66 -51.19
N VAL A 470 13.78 3.32 -51.32
CA VAL A 470 12.84 3.47 -50.22
C VAL A 470 12.01 2.20 -50.02
N THR A 471 11.54 2.01 -48.79
CA THR A 471 10.73 0.86 -48.45
C THR A 471 9.74 1.30 -47.36
N THR A 472 8.76 0.47 -47.05
CA THR A 472 7.79 0.82 -46.03
C THR A 472 8.19 0.32 -44.64
N VAL A 473 7.70 1.01 -43.61
CA VAL A 473 7.95 0.61 -42.24
C VAL A 473 7.40 -0.81 -42.11
N TYR A 474 6.29 -1.06 -42.81
CA TYR A 474 5.64 -2.37 -42.81
C TYR A 474 6.62 -3.47 -43.23
N ASP A 475 7.27 -3.30 -44.37
CA ASP A 475 8.22 -4.30 -44.86
C ASP A 475 9.39 -4.42 -43.90
N LEU A 476 9.90 -3.28 -43.45
CA LEU A 476 11.02 -3.26 -42.51
C LEU A 476 10.63 -4.00 -41.21
N THR A 477 9.36 -3.91 -40.84
CA THR A 477 8.87 -4.55 -39.62
C THR A 477 8.80 -6.06 -39.73
N LEU A 478 8.24 -6.55 -40.83
CA LEU A 478 8.15 -7.99 -41.05
C LEU A 478 9.54 -8.60 -41.12
N ALA A 479 10.46 -7.87 -41.72
CA ALA A 479 11.84 -8.35 -41.85
C ALA A 479 12.48 -8.41 -40.47
N ASN A 480 12.34 -7.33 -39.71
CA ASN A 480 12.91 -7.25 -38.37
C ASN A 480 12.43 -8.40 -37.48
N TYR A 481 11.18 -8.84 -37.68
CA TYR A 481 10.63 -9.93 -36.88
C TYR A 481 11.09 -11.30 -37.37
N GLY A 482 11.65 -11.34 -38.58
CA GLY A 482 12.14 -12.58 -39.13
C GLY A 482 11.10 -13.40 -39.88
N LEU A 483 10.15 -12.74 -40.53
CA LEU A 483 9.11 -13.44 -41.28
C LEU A 483 9.54 -13.69 -42.73
N GLU A 484 9.59 -14.96 -43.13
CA GLU A 484 9.97 -15.31 -44.49
C GLU A 484 8.82 -14.94 -45.42
N ARG A 485 9.12 -14.16 -46.44
CA ARG A 485 8.10 -13.73 -47.38
C ARG A 485 8.35 -14.18 -48.82
N GLY A 486 9.01 -15.33 -48.97
CA GLY A 486 9.28 -15.87 -50.29
C GLY A 486 10.49 -15.33 -51.03
N LEU A 487 11.28 -14.49 -50.37
CA LEU A 487 12.47 -13.93 -51.00
C LEU A 487 13.68 -14.79 -50.67
N ASN A 488 13.43 -15.97 -50.10
CA ASN A 488 14.50 -16.88 -49.74
C ASN A 488 15.53 -16.12 -48.93
N ASP A 489 15.12 -15.68 -47.75
CA ASP A 489 15.98 -14.93 -46.84
C ASP A 489 16.56 -15.92 -45.83
N VAL A 490 17.86 -16.11 -45.89
CA VAL A 490 18.55 -17.03 -45.01
C VAL A 490 18.28 -16.78 -43.52
N ASN A 491 18.19 -15.51 -43.13
CA ASN A 491 17.97 -15.17 -41.73
C ASN A 491 16.51 -15.25 -41.25
N CYS A 492 15.57 -15.43 -42.19
CA CYS A 492 14.16 -15.53 -41.83
C CYS A 492 13.84 -16.96 -41.42
N ALA A 493 12.91 -17.10 -40.48
CA ALA A 493 12.51 -18.42 -40.01
C ALA A 493 11.68 -19.18 -41.03
N THR A 494 11.79 -20.51 -40.97
CA THR A 494 11.05 -21.37 -41.88
C THR A 494 9.96 -22.07 -41.08
N SER A 495 9.98 -21.85 -39.77
CA SER A 495 9.01 -22.43 -38.85
C SER A 495 9.27 -21.86 -37.47
N TYR A 496 8.30 -21.99 -36.57
CA TYR A 496 8.45 -21.48 -35.23
C TYR A 496 9.59 -22.17 -34.49
N ASP A 497 9.97 -23.37 -34.94
CA ASP A 497 11.04 -24.12 -34.30
C ASP A 497 12.42 -23.66 -34.78
N ASP A 498 12.46 -22.98 -35.91
CA ASP A 498 13.71 -22.48 -36.47
C ASP A 498 14.29 -21.36 -35.61
N VAL A 499 15.41 -21.64 -34.95
CA VAL A 499 16.04 -20.65 -34.08
C VAL A 499 16.57 -19.44 -34.85
N LYS A 500 15.67 -18.54 -35.20
CA LYS A 500 16.03 -17.34 -35.93
C LYS A 500 15.74 -16.09 -35.10
N ALA A 501 16.00 -14.93 -35.69
CA ALA A 501 15.83 -13.68 -34.96
C ALA A 501 14.41 -13.08 -35.03
N TYR A 502 13.39 -13.59 -34.45
CA TYR A 502 12.66 -13.48 -33.18
C TYR A 502 11.56 -14.51 -33.09
N THR A 503 12.06 -15.74 -33.15
CA THR A 503 11.13 -16.89 -33.11
C THR A 503 10.79 -17.46 -31.73
N PRO A 504 9.67 -18.21 -31.63
CA PRO A 504 9.26 -18.82 -30.37
C PRO A 504 10.34 -19.76 -29.84
N ALA A 505 11.04 -20.44 -30.74
CA ALA A 505 12.12 -21.35 -30.34
C ALA A 505 13.28 -20.48 -29.84
N TRP A 506 13.50 -19.38 -30.53
CA TRP A 506 14.56 -18.45 -30.15
C TRP A 506 14.28 -17.87 -28.76
N ALA A 507 13.04 -17.44 -28.55
CA ALA A 507 12.63 -16.85 -27.29
C ALA A 507 12.71 -17.85 -26.14
N GLU A 508 12.38 -19.11 -26.42
CA GLU A 508 12.44 -20.13 -25.39
C GLU A 508 13.82 -20.23 -24.75
N GLN A 509 14.86 -20.10 -25.57
CA GLN A 509 16.23 -20.18 -25.08
C GLN A 509 16.60 -19.00 -24.19
N ILE A 510 16.20 -17.81 -24.64
CA ILE A 510 16.51 -16.58 -23.93
C ILE A 510 15.69 -16.34 -22.66
N THR A 511 14.40 -16.65 -22.73
CA THR A 511 13.52 -16.40 -21.59
C THR A 511 13.33 -17.58 -20.65
N GLY A 512 13.27 -18.78 -21.20
CA GLY A 512 13.06 -19.96 -20.39
C GLY A 512 11.60 -20.40 -20.44
N VAL A 513 10.78 -19.61 -21.14
CA VAL A 513 9.36 -19.93 -21.28
C VAL A 513 9.13 -20.87 -22.46
N SER A 514 8.44 -21.97 -22.21
CA SER A 514 8.14 -22.94 -23.25
C SER A 514 7.59 -22.31 -24.51
N ARG A 515 8.12 -22.73 -25.65
CA ARG A 515 7.71 -22.21 -26.95
C ARG A 515 6.22 -22.45 -27.22
N SER A 516 5.70 -23.58 -26.74
CA SER A 516 4.30 -23.91 -26.98
C SER A 516 3.39 -22.95 -26.23
N GLN A 517 3.87 -22.43 -25.09
CA GLN A 517 3.11 -21.48 -24.30
C GLN A 517 3.09 -20.14 -25.04
N ILE A 518 4.26 -19.76 -25.55
CA ILE A 518 4.39 -18.51 -26.29
C ILE A 518 3.45 -18.51 -27.49
N ILE A 519 3.37 -19.64 -28.18
CA ILE A 519 2.51 -19.76 -29.35
C ILE A 519 1.03 -19.77 -29.01
N ARG A 520 0.65 -20.57 -28.01
CA ARG A 520 -0.75 -20.68 -27.62
C ARG A 520 -1.35 -19.37 -27.16
N ILE A 521 -0.64 -18.64 -26.32
CA ILE A 521 -1.15 -17.38 -25.82
C ILE A 521 -1.14 -16.28 -26.86
N ALA A 522 -0.08 -16.21 -27.66
CA ALA A 522 -0.02 -15.20 -28.71
C ALA A 522 -1.24 -15.43 -29.62
N ARG A 523 -1.50 -16.70 -29.90
CA ARG A 523 -2.61 -17.09 -30.75
C ARG A 523 -3.96 -16.71 -30.10
N GLU A 524 -4.18 -17.16 -28.87
CA GLU A 524 -5.42 -16.86 -28.15
C GLU A 524 -5.66 -15.35 -28.04
N PHE A 525 -4.60 -14.61 -27.74
CA PHE A 525 -4.66 -13.16 -27.60
C PHE A 525 -5.10 -12.49 -28.89
N ALA A 526 -4.47 -12.89 -30.01
CA ALA A 526 -4.80 -12.32 -31.31
C ALA A 526 -6.19 -12.73 -31.76
N ASP A 527 -6.54 -13.99 -31.54
CA ASP A 527 -7.85 -14.50 -31.93
C ASP A 527 -8.96 -13.73 -31.21
N ASN A 528 -8.75 -13.45 -29.92
CA ASN A 528 -9.74 -12.72 -29.14
C ASN A 528 -9.88 -11.31 -29.71
N ALA A 529 -8.75 -10.65 -29.93
CA ALA A 529 -8.76 -9.29 -30.46
C ALA A 529 -9.53 -9.25 -31.79
N ASP A 530 -9.33 -10.27 -32.63
CA ASP A 530 -10.01 -10.34 -33.92
C ASP A 530 -11.52 -10.44 -33.73
N LYS A 531 -11.96 -11.42 -32.94
CA LYS A 531 -13.39 -11.64 -32.67
C LYS A 531 -14.09 -10.42 -32.06
N THR A 532 -13.44 -9.78 -31.10
CA THR A 532 -14.02 -8.65 -30.40
C THR A 532 -13.66 -7.28 -30.95
N HIS A 533 -12.79 -7.24 -31.93
CA HIS A 533 -12.36 -5.97 -32.49
C HIS A 533 -11.49 -5.17 -31.52
N GLY A 534 -10.48 -5.82 -30.96
CA GLY A 534 -9.58 -5.13 -30.06
C GLY A 534 -9.76 -5.21 -28.56
N ARG A 535 -10.62 -6.10 -28.08
CA ARG A 535 -10.81 -6.18 -26.63
C ARG A 535 -9.81 -7.11 -25.93
N SER A 536 -8.54 -6.87 -26.22
CA SER A 536 -7.43 -7.62 -25.61
C SER A 536 -6.60 -6.54 -24.94
N MET A 537 -6.15 -6.79 -23.73
CA MET A 537 -5.41 -5.77 -23.02
C MET A 537 -4.21 -6.30 -22.26
N ILE A 538 -3.20 -5.45 -22.10
CA ILE A 538 -2.03 -5.82 -21.35
C ILE A 538 -1.81 -4.77 -20.27
N ILE A 539 -1.85 -5.22 -19.01
CA ILE A 539 -1.63 -4.34 -17.88
C ILE A 539 -0.15 -4.56 -17.59
N VAL A 540 0.64 -3.49 -17.65
CA VAL A 540 2.07 -3.62 -17.42
C VAL A 540 2.55 -2.72 -16.30
N GLY A 541 3.55 -3.17 -15.55
CA GLY A 541 4.05 -2.36 -14.43
C GLY A 541 5.57 -2.24 -14.35
N ALA A 542 6.05 -1.91 -13.15
CA ALA A 542 7.47 -1.73 -12.89
C ALA A 542 8.29 -3.00 -13.12
N GLY A 543 7.62 -4.13 -13.24
CA GLY A 543 8.34 -5.37 -13.49
C GLY A 543 9.10 -5.25 -14.80
N LEU A 544 8.60 -4.41 -15.69
CA LEU A 544 9.23 -4.18 -17.00
C LEU A 544 9.77 -2.77 -17.14
N ASN A 545 9.09 -1.80 -16.53
CA ASN A 545 9.50 -0.41 -16.66
C ASN A 545 10.70 0.05 -15.85
N HIS A 546 11.20 -0.79 -14.94
CA HIS A 546 12.33 -0.37 -14.14
C HIS A 546 13.70 -0.89 -14.60
N TRP A 547 13.72 -1.49 -15.79
CA TRP A 547 14.96 -2.01 -16.38
C TRP A 547 15.59 -0.94 -17.27
N TYR A 548 16.89 -1.03 -17.48
CA TYR A 548 17.59 -0.04 -18.31
C TYR A 548 16.97 0.05 -19.72
N HIS A 549 16.54 -1.09 -20.24
CA HIS A 549 15.94 -1.12 -21.58
C HIS A 549 14.42 -1.21 -21.53
N LEU A 550 13.81 -0.44 -20.64
CA LEU A 550 12.36 -0.44 -20.50
C LEU A 550 11.67 -0.11 -21.83
N ASP A 551 12.34 0.64 -22.68
CA ASP A 551 11.79 1.02 -23.99
C ASP A 551 11.49 -0.17 -24.88
N MET A 552 12.38 -1.16 -24.84
CA MET A 552 12.20 -2.36 -25.64
C MET A 552 11.11 -3.27 -25.07
N ASN A 553 11.09 -3.44 -23.75
CA ASN A 553 10.06 -4.27 -23.13
C ASN A 553 8.70 -3.72 -23.49
N TYR A 554 8.54 -2.41 -23.32
CA TYR A 554 7.29 -1.75 -23.62
C TYR A 554 6.93 -1.76 -25.10
N ARG A 555 7.88 -1.45 -25.98
CA ARG A 555 7.56 -1.46 -27.39
C ARG A 555 7.17 -2.86 -27.86
N GLY A 556 7.71 -3.87 -27.19
CA GLY A 556 7.40 -5.23 -27.55
C GLY A 556 5.93 -5.51 -27.27
N LEU A 557 5.47 -5.03 -26.13
CA LEU A 557 4.08 -5.19 -25.72
C LEU A 557 3.18 -4.28 -26.56
N ILE A 558 3.66 -3.07 -26.81
CA ILE A 558 2.88 -2.11 -27.59
C ILE A 558 2.61 -2.61 -29.00
N ASN A 559 3.62 -3.22 -29.63
CA ASN A 559 3.45 -3.74 -30.98
C ASN A 559 2.38 -4.83 -31.03
N MET A 560 2.42 -5.76 -30.08
CA MET A 560 1.42 -6.82 -30.04
C MET A 560 0.03 -6.18 -30.07
N LEU A 561 -0.16 -5.18 -29.22
CA LEU A 561 -1.43 -4.48 -29.11
C LEU A 561 -1.84 -3.77 -30.40
N ILE A 562 -0.88 -3.09 -31.04
CA ILE A 562 -1.16 -2.39 -32.28
C ILE A 562 -1.46 -3.38 -33.39
N PHE A 563 -0.63 -4.40 -33.54
CA PHE A 563 -0.84 -5.43 -34.56
C PHE A 563 -2.25 -6.02 -34.45
N CYS A 564 -2.83 -5.99 -33.26
CA CYS A 564 -4.16 -6.54 -33.04
C CYS A 564 -5.26 -5.47 -32.96
N GLY A 565 -4.91 -4.23 -33.27
CA GLY A 565 -5.88 -3.15 -33.23
C GLY A 565 -6.59 -2.99 -31.90
N CYS A 566 -5.85 -3.11 -30.80
CA CYS A 566 -6.44 -2.99 -29.47
C CYS A 566 -6.37 -1.59 -28.86
N VAL A 567 -5.44 -0.77 -29.33
CA VAL A 567 -5.32 0.59 -28.80
C VAL A 567 -6.43 1.48 -29.36
N GLY A 568 -7.11 2.20 -28.46
CA GLY A 568 -8.19 3.07 -28.87
C GLY A 568 -9.55 2.40 -28.84
N GLN A 569 -9.59 1.14 -28.39
CA GLN A 569 -10.85 0.39 -28.29
C GLN A 569 -11.15 0.05 -26.83
N SER A 570 -12.37 0.36 -26.38
CA SER A 570 -12.77 0.07 -25.02
C SER A 570 -12.54 -1.41 -24.74
N GLY A 571 -11.87 -1.71 -23.63
CA GLY A 571 -11.60 -3.09 -23.28
C GLY A 571 -10.28 -3.59 -23.86
N GLY A 572 -9.56 -2.71 -24.56
CA GLY A 572 -8.29 -3.13 -25.14
C GLY A 572 -7.18 -2.09 -25.03
N GLY A 573 -5.95 -2.53 -25.22
CA GLY A 573 -4.85 -1.57 -25.17
C GLY A 573 -3.76 -1.75 -24.15
N TRP A 574 -2.95 -0.70 -24.06
CA TRP A 574 -1.80 -0.62 -23.18
C TRP A 574 -2.16 0.03 -21.84
N ALA A 575 -2.19 -0.75 -20.77
CA ALA A 575 -2.53 -0.23 -19.46
C ALA A 575 -1.31 -0.20 -18.56
N HIS A 576 -0.70 0.98 -18.44
CA HIS A 576 0.49 1.20 -17.63
C HIS A 576 0.11 1.86 -16.30
N TYR A 577 0.45 1.22 -15.18
CA TYR A 577 0.15 1.79 -13.86
C TYR A 577 1.35 1.63 -12.93
N VAL A 578 1.97 2.75 -12.57
CA VAL A 578 3.12 2.76 -11.66
C VAL A 578 3.09 3.97 -10.71
N GLY A 579 2.59 5.09 -11.22
CA GLY A 579 2.49 6.31 -10.43
C GLY A 579 1.27 7.10 -10.87
N GLN A 580 0.51 7.63 -9.91
CA GLN A 580 -0.71 8.39 -10.18
C GLN A 580 -0.41 9.72 -10.87
N GLU A 581 0.31 9.68 -11.98
CA GLU A 581 0.68 10.88 -12.71
C GLU A 581 -0.49 11.65 -13.29
N LYS A 582 -1.66 11.03 -13.35
CA LYS A 582 -2.79 11.70 -13.96
C LYS A 582 -3.53 12.73 -13.11
N LEU A 583 -3.11 13.98 -13.26
CA LEU A 583 -3.76 15.11 -12.61
C LEU A 583 -4.59 15.57 -13.81
N ARG A 584 -5.89 15.29 -13.75
CA ARG A 584 -6.76 15.58 -14.86
C ARG A 584 -7.08 17.04 -15.18
N PRO A 585 -7.36 17.88 -14.16
CA PRO A 585 -7.67 19.29 -14.44
C PRO A 585 -6.37 20.07 -14.72
N GLN A 586 -5.50 19.46 -15.49
CA GLN A 586 -4.19 19.99 -15.86
C GLN A 586 -4.06 21.50 -16.16
N THR A 587 -4.80 22.00 -17.14
CA THR A 587 -4.68 23.42 -17.52
C THR A 587 -5.31 24.40 -16.56
N GLY A 588 -5.83 23.90 -15.44
CA GLY A 588 -6.43 24.78 -14.45
C GLY A 588 -5.43 24.87 -13.33
N TRP A 589 -4.70 23.77 -13.16
CA TRP A 589 -3.69 23.64 -12.13
C TRP A 589 -2.32 24.24 -12.49
N GLN A 590 -1.89 24.10 -13.74
CA GLN A 590 -0.60 24.62 -14.18
C GLN A 590 -0.39 26.11 -13.91
N PRO A 591 -1.36 26.96 -14.30
CA PRO A 591 -1.16 28.38 -14.02
C PRO A 591 -1.00 28.66 -12.54
N LEU A 592 -1.74 27.92 -11.71
CA LEU A 592 -1.64 28.10 -10.28
C LEU A 592 -0.29 27.64 -9.76
N ALA A 593 0.05 26.39 -10.08
CA ALA A 593 1.29 25.80 -9.62
C ALA A 593 2.57 26.51 -10.09
N PHE A 594 2.59 27.00 -11.32
CA PHE A 594 3.80 27.64 -11.81
C PHE A 594 3.70 29.14 -12.05
N ALA A 595 2.73 29.77 -11.41
CA ALA A 595 2.52 31.22 -11.50
C ALA A 595 2.48 31.72 -12.94
N LEU A 596 1.82 30.96 -13.81
CA LEU A 596 1.69 31.34 -15.21
C LEU A 596 0.63 32.43 -15.37
N ASP A 597 -0.01 32.79 -14.27
CA ASP A 597 -1.02 33.83 -14.30
C ASP A 597 -0.33 35.19 -14.11
N TRP A 598 0.94 35.14 -13.68
CA TRP A 598 1.74 36.33 -13.46
C TRP A 598 2.94 36.42 -14.39
N GLN A 599 3.65 35.30 -14.56
CA GLN A 599 4.86 35.29 -15.37
C GLN A 599 5.00 34.00 -16.18
N ARG A 600 5.59 34.14 -17.36
CA ARG A 600 5.84 33.02 -18.26
C ARG A 600 7.17 33.23 -18.99
N PRO A 601 7.99 32.17 -19.09
CA PRO A 601 7.75 30.82 -18.57
C PRO A 601 8.34 30.63 -17.18
N ALA A 602 8.22 29.41 -16.66
CA ALA A 602 8.76 29.07 -15.35
C ALA A 602 10.08 28.35 -15.58
N ARG A 603 10.67 27.80 -14.52
CA ARG A 603 11.93 27.07 -14.64
C ARG A 603 11.81 25.58 -14.28
N HIS A 604 11.32 24.78 -15.23
CA HIS A 604 11.18 23.35 -15.02
C HIS A 604 12.50 22.64 -15.32
N MET A 605 12.75 21.54 -14.62
CA MET A 605 13.98 20.77 -14.79
C MET A 605 13.74 19.28 -14.61
N ASN A 606 14.41 18.46 -15.40
CA ASN A 606 14.26 17.02 -15.28
C ASN A 606 15.24 16.54 -14.22
N SER A 607 14.69 16.04 -13.11
CA SER A 607 15.45 15.57 -11.94
C SER A 607 16.58 14.57 -12.10
N THR A 608 16.45 13.62 -13.01
CA THR A 608 17.48 12.61 -13.20
C THR A 608 18.82 13.25 -13.64
N SER A 609 18.76 14.09 -14.68
CA SER A 609 19.96 14.77 -15.15
C SER A 609 20.46 15.72 -14.06
N TYR A 610 19.53 16.39 -13.41
CA TYR A 610 19.85 17.33 -12.34
C TYR A 610 20.64 16.67 -11.20
N PHE A 611 20.18 15.52 -10.73
CA PHE A 611 20.88 14.85 -9.64
C PHE A 611 22.10 14.06 -10.12
N TYR A 612 22.05 13.59 -11.37
CA TYR A 612 23.18 12.85 -11.93
C TYR A 612 24.35 13.81 -11.90
N ASN A 613 24.05 15.06 -12.26
CA ASN A 613 25.04 16.12 -12.31
C ASN A 613 25.49 16.62 -10.94
N HIS A 614 24.55 17.22 -10.20
CA HIS A 614 24.86 17.79 -8.90
C HIS A 614 25.22 16.86 -7.74
N SER A 615 24.76 15.62 -7.75
CA SER A 615 25.17 14.73 -6.65
C SER A 615 26.42 13.97 -7.12
N SER A 616 26.96 14.45 -8.25
CA SER A 616 28.19 13.93 -8.87
C SER A 616 28.26 12.43 -9.14
N GLN A 617 27.13 11.83 -9.51
CA GLN A 617 27.11 10.40 -9.79
C GLN A 617 27.79 10.09 -11.12
N TRP A 618 27.98 11.11 -11.95
CA TRP A 618 28.65 10.92 -13.24
C TRP A 618 30.15 10.65 -13.02
N ARG A 619 30.69 11.14 -11.91
CA ARG A 619 32.10 10.95 -11.60
C ARG A 619 32.42 9.48 -11.31
N TYR A 620 31.40 8.64 -11.24
CA TYR A 620 31.59 7.22 -10.99
C TYR A 620 30.99 6.37 -12.09
N GLU A 621 30.62 6.99 -13.21
CA GLU A 621 29.99 6.25 -14.31
C GLU A 621 30.85 5.11 -14.84
N THR A 622 30.23 3.95 -15.04
CA THR A 622 30.92 2.77 -15.53
C THR A 622 30.37 2.36 -16.89
N VAL A 623 29.24 2.92 -17.27
CA VAL A 623 28.61 2.60 -18.56
C VAL A 623 29.03 3.65 -19.58
N THR A 624 29.34 3.19 -20.79
CA THR A 624 29.76 4.10 -21.86
C THR A 624 28.70 4.12 -22.95
N ALA A 625 28.62 5.21 -23.70
CA ALA A 625 27.65 5.31 -24.78
C ALA A 625 28.10 4.37 -25.89
N GLU A 626 29.41 4.29 -26.06
CA GLU A 626 30.01 3.43 -27.08
C GLU A 626 29.44 2.02 -27.05
N GLU A 627 29.33 1.44 -25.87
CA GLU A 627 28.81 0.08 -25.76
C GLU A 627 27.30 -0.02 -25.96
N LEU A 628 26.65 1.10 -26.27
CA LEU A 628 25.20 1.10 -26.48
C LEU A 628 24.87 1.40 -27.94
N LEU A 629 25.84 1.93 -28.66
CA LEU A 629 25.64 2.27 -30.07
C LEU A 629 25.29 1.06 -30.92
N SER A 630 24.67 1.30 -32.07
CA SER A 630 24.31 0.25 -33.00
C SER A 630 25.60 -0.20 -33.68
N PRO A 631 25.63 -1.44 -34.17
CA PRO A 631 26.85 -1.89 -34.84
C PRO A 631 26.98 -1.25 -36.22
N MET A 632 25.96 -0.53 -36.64
CA MET A 632 25.97 0.12 -37.94
C MET A 632 26.19 1.62 -37.83
N ALA A 633 26.66 2.07 -36.66
CA ALA A 633 26.88 3.49 -36.44
C ALA A 633 28.36 3.87 -36.44
N ASP A 634 28.62 5.12 -36.82
CA ASP A 634 29.99 5.65 -36.86
C ASP A 634 30.41 6.01 -35.43
N LYS A 635 31.05 5.06 -34.75
CA LYS A 635 31.50 5.24 -33.38
C LYS A 635 32.25 6.55 -33.08
N SER A 636 32.88 7.14 -34.10
CA SER A 636 33.64 8.36 -33.89
C SER A 636 32.75 9.60 -33.74
N ARG A 637 31.50 9.49 -34.17
CA ARG A 637 30.58 10.62 -34.07
C ARG A 637 29.87 10.65 -32.72
N TYR A 638 30.05 9.60 -31.93
CA TYR A 638 29.40 9.52 -30.63
C TYR A 638 30.39 9.26 -29.51
N THR A 639 31.38 10.13 -29.36
CA THR A 639 32.39 9.97 -28.32
C THR A 639 32.07 10.83 -27.10
N GLY A 640 32.61 10.46 -25.95
CA GLY A 640 32.37 11.22 -24.74
C GLY A 640 31.68 10.46 -23.63
N HIS A 641 31.60 11.10 -22.47
CA HIS A 641 30.95 10.55 -21.28
C HIS A 641 29.44 10.69 -21.46
N LEU A 642 28.65 9.87 -20.77
CA LEU A 642 27.21 9.97 -20.89
C LEU A 642 26.75 11.38 -20.54
N ILE A 643 27.43 12.01 -19.58
CA ILE A 643 27.06 13.35 -19.18
C ILE A 643 27.34 14.34 -20.31
N ASP A 644 28.28 14.02 -21.19
CA ASP A 644 28.60 14.91 -22.30
C ASP A 644 27.40 15.01 -23.24
N PHE A 645 26.70 13.90 -23.42
CA PHE A 645 25.54 13.89 -24.28
C PHE A 645 24.44 14.77 -23.69
N ASN A 646 24.36 14.82 -22.36
CA ASN A 646 23.34 15.63 -21.72
C ASN A 646 23.66 17.10 -21.96
N VAL A 647 24.91 17.48 -21.70
CA VAL A 647 25.35 18.86 -21.90
C VAL A 647 25.05 19.37 -23.31
N ARG A 648 25.26 18.49 -24.30
CA ARG A 648 25.00 18.85 -25.70
C ARG A 648 23.50 18.98 -25.93
N ALA A 649 22.75 18.05 -25.37
CA ALA A 649 21.30 18.08 -25.51
C ALA A 649 20.79 19.41 -24.95
N GLU A 650 21.34 19.82 -23.81
CA GLU A 650 20.96 21.08 -23.18
C GLU A 650 21.20 22.30 -24.07
N ARG A 651 22.43 22.48 -24.54
CA ARG A 651 22.75 23.63 -25.38
C ARG A 651 22.05 23.62 -26.72
N MET A 652 21.51 22.47 -27.12
CA MET A 652 20.79 22.38 -28.38
C MET A 652 19.29 22.60 -28.16
N GLY A 653 18.91 22.93 -26.93
CA GLY A 653 17.51 23.17 -26.61
C GLY A 653 16.67 21.90 -26.50
N TRP A 654 17.33 20.76 -26.29
CA TRP A 654 16.64 19.48 -26.18
C TRP A 654 16.13 19.21 -24.77
N LEU A 655 16.96 19.49 -23.77
CA LEU A 655 16.60 19.28 -22.38
C LEU A 655 16.83 20.56 -21.60
N PRO A 656 16.20 20.68 -20.42
CA PRO A 656 16.37 21.89 -19.59
C PRO A 656 17.68 21.84 -18.81
N SER A 657 18.07 22.97 -18.23
CA SER A 657 19.29 23.04 -17.45
C SER A 657 19.00 23.72 -16.12
N ALA A 658 19.77 23.39 -15.09
CA ALA A 658 19.57 24.01 -13.79
C ALA A 658 20.73 23.72 -12.86
N PRO A 659 21.50 24.76 -12.47
CA PRO A 659 21.33 26.16 -12.89
C PRO A 659 21.51 26.25 -14.40
N GLN A 660 21.00 27.32 -15.01
CA GLN A 660 21.06 27.48 -16.45
C GLN A 660 22.38 28.03 -16.99
N LEU A 661 22.70 29.27 -16.61
CA LEU A 661 23.93 29.90 -17.06
C LEU A 661 24.94 30.03 -15.94
N GLY A 662 26.22 30.11 -16.31
CA GLY A 662 27.28 30.23 -15.34
C GLY A 662 27.39 31.61 -14.72
N THR A 663 26.45 32.48 -15.08
CA THR A 663 26.44 33.85 -14.55
C THR A 663 25.04 34.20 -14.06
N ASN A 664 24.96 34.92 -12.94
CA ASN A 664 23.67 35.33 -12.36
C ASN A 664 22.79 35.90 -13.47
N PRO A 665 21.71 35.18 -13.83
CA PRO A 665 20.80 35.63 -14.88
C PRO A 665 20.08 36.95 -14.61
N LEU A 666 20.22 37.48 -13.39
CA LEU A 666 19.59 38.75 -13.07
C LEU A 666 20.51 39.92 -13.45
N THR A 667 21.78 39.61 -13.74
CA THR A 667 22.76 40.63 -14.12
C THR A 667 22.96 40.78 -15.63
N ILE A 668 22.45 39.83 -16.40
CA ILE A 668 22.61 39.86 -17.86
C ILE A 668 22.04 41.11 -18.52
N ALA A 669 20.80 41.45 -18.16
CA ALA A 669 20.14 42.62 -18.73
C ALA A 669 20.93 43.89 -18.49
N GLY A 670 21.57 43.97 -17.32
CA GLY A 670 22.36 45.15 -16.98
C GLY A 670 23.61 45.27 -17.83
N GLU A 671 24.10 44.14 -18.35
CA GLU A 671 25.29 44.15 -19.17
C GLU A 671 24.93 44.33 -20.63
N ALA A 672 23.74 43.89 -21.01
CA ALA A 672 23.26 44.02 -22.38
C ALA A 672 23.02 45.49 -22.72
N GLU A 673 22.59 46.25 -21.71
CA GLU A 673 22.31 47.68 -21.89
C GLU A 673 23.59 48.47 -22.16
N LYS A 674 24.61 48.21 -21.34
CA LYS A 674 25.90 48.89 -21.51
C LYS A 674 26.49 48.56 -22.87
N ALA A 675 26.28 47.33 -23.33
CA ALA A 675 26.80 46.90 -24.62
C ALA A 675 25.93 47.45 -25.75
N GLY A 676 24.91 48.21 -25.40
CA GLY A 676 24.03 48.79 -26.39
C GLY A 676 23.26 47.79 -27.24
N MET A 677 22.61 46.83 -26.59
CA MET A 677 21.83 45.83 -27.30
C MET A 677 20.88 45.12 -26.36
N ASN A 678 19.77 44.63 -26.88
CA ASN A 678 18.79 43.94 -26.07
C ASN A 678 19.37 42.66 -25.45
N PRO A 679 18.82 42.23 -24.31
CA PRO A 679 19.27 41.04 -23.58
C PRO A 679 19.32 39.74 -24.38
N VAL A 680 18.32 39.49 -25.21
CA VAL A 680 18.31 38.27 -26.02
C VAL A 680 19.55 38.20 -26.91
N ASP A 681 19.71 39.18 -27.79
CA ASP A 681 20.85 39.20 -28.69
C ASP A 681 22.19 39.20 -27.97
N TYR A 682 22.28 39.95 -26.87
CA TYR A 682 23.51 40.00 -26.10
C TYR A 682 23.86 38.64 -25.52
N THR A 683 22.85 37.86 -25.19
CA THR A 683 23.08 36.52 -24.64
C THR A 683 23.51 35.57 -25.75
N VAL A 684 22.84 35.63 -26.89
CA VAL A 684 23.18 34.78 -28.03
C VAL A 684 24.62 35.02 -28.49
N LYS A 685 25.02 36.28 -28.49
CA LYS A 685 26.36 36.64 -28.91
C LYS A 685 27.41 36.25 -27.87
N SER A 686 27.07 36.41 -26.59
CA SER A 686 27.99 36.05 -25.51
C SER A 686 28.19 34.54 -25.48
N LEU A 687 27.13 33.80 -25.79
CA LEU A 687 27.18 32.34 -25.80
C LEU A 687 28.05 31.86 -26.95
N LYS A 688 27.89 32.49 -28.11
CA LYS A 688 28.68 32.16 -29.29
C LYS A 688 30.16 32.45 -29.02
N GLU A 689 30.43 33.61 -28.43
CA GLU A 689 31.79 34.01 -28.12
C GLU A 689 32.36 33.31 -26.89
N GLY A 690 31.49 32.73 -26.07
CA GLY A 690 31.96 32.03 -24.90
C GLY A 690 32.15 32.89 -23.65
N SER A 691 31.67 34.12 -23.68
CA SER A 691 31.79 35.00 -22.51
C SER A 691 30.73 34.59 -21.47
N ILE A 692 29.67 33.94 -21.95
CA ILE A 692 28.59 33.42 -21.09
C ILE A 692 28.57 31.93 -21.44
N ARG A 693 28.49 31.07 -20.43
CA ARG A 693 28.47 29.62 -20.67
C ARG A 693 27.37 28.91 -19.91
N PHE A 694 26.95 27.75 -20.42
CA PHE A 694 25.95 26.96 -19.74
C PHE A 694 26.62 26.44 -18.49
N ALA A 695 25.93 26.53 -17.36
CA ALA A 695 26.47 26.08 -16.08
C ALA A 695 26.84 24.60 -16.07
N ALA A 696 26.21 23.84 -16.96
CA ALA A 696 26.46 22.40 -17.06
C ALA A 696 27.93 22.10 -17.38
N GLU A 697 28.59 23.03 -18.08
CA GLU A 697 29.99 22.84 -18.44
C GLU A 697 30.94 22.86 -17.24
N GLN A 698 30.62 23.65 -16.22
CA GLN A 698 31.48 23.75 -15.04
C GLN A 698 30.68 23.69 -13.75
N PRO A 699 30.07 22.54 -13.46
CA PRO A 699 29.25 22.33 -12.27
C PRO A 699 29.94 22.46 -10.91
N GLU A 700 31.27 22.44 -10.88
CA GLU A 700 32.00 22.52 -9.61
C GLU A 700 32.82 23.79 -9.42
N ASN A 701 32.60 24.80 -10.25
CA ASN A 701 33.37 26.04 -10.14
C ASN A 701 32.96 26.90 -8.94
N GLY A 702 31.94 26.45 -8.21
CA GLY A 702 31.51 27.19 -7.03
C GLY A 702 30.33 28.12 -7.21
N LYS A 703 29.85 28.28 -8.43
CA LYS A 703 28.73 29.17 -8.69
C LYS A 703 27.63 28.52 -9.51
N ASN A 704 27.82 27.26 -9.89
CA ASN A 704 26.82 26.60 -10.72
C ASN A 704 26.10 25.43 -10.07
N HIS A 705 26.20 25.33 -8.76
CA HIS A 705 25.51 24.26 -8.04
C HIS A 705 24.35 24.84 -7.25
N PRO A 706 23.29 24.07 -7.04
CA PRO A 706 22.17 24.61 -6.26
C PRO A 706 22.60 24.83 -4.81
N ARG A 707 22.05 25.86 -4.16
CA ARG A 707 22.43 26.15 -2.78
C ARG A 707 21.27 26.06 -1.77
N ASN A 708 20.04 26.21 -2.24
CA ASN A 708 18.88 26.12 -1.35
C ASN A 708 17.89 25.12 -1.92
N LEU A 709 17.55 24.12 -1.11
CA LEU A 709 16.62 23.10 -1.57
C LEU A 709 15.42 22.93 -0.65
N PHE A 710 14.24 22.97 -1.24
CA PHE A 710 12.98 22.79 -0.50
C PHE A 710 12.49 21.39 -0.86
N ILE A 711 12.07 20.64 0.16
CA ILE A 711 11.55 19.30 -0.06
C ILE A 711 10.22 19.18 0.70
N TRP A 712 9.13 18.89 -0.02
CA TRP A 712 7.84 18.71 0.64
C TRP A 712 7.02 17.63 -0.05
N ARG A 713 6.26 16.86 0.74
CA ARG A 713 5.46 15.76 0.21
C ARG A 713 6.42 14.75 -0.40
N SER A 714 7.62 14.66 0.17
CA SER A 714 8.65 13.75 -0.33
C SER A 714 9.66 13.34 0.72
N ASN A 715 10.27 12.17 0.50
CA ASN A 715 11.30 11.65 1.40
C ASN A 715 12.54 11.42 0.54
N LEU A 716 12.75 12.32 -0.43
CA LEU A 716 13.88 12.30 -1.36
C LEU A 716 15.15 11.64 -0.84
N LEU A 717 15.81 12.29 0.11
CA LEU A 717 17.05 11.78 0.68
C LEU A 717 16.81 10.60 1.61
N GLY A 718 15.85 9.73 1.27
CA GLY A 718 15.58 8.59 2.12
C GLY A 718 14.78 7.45 1.50
N SER A 719 14.63 7.46 0.18
CA SER A 719 13.90 6.40 -0.48
C SER A 719 13.79 6.63 -1.98
N SER A 720 13.42 7.85 -2.35
CA SER A 720 13.29 8.21 -3.75
C SER A 720 14.66 8.44 -4.41
N GLY A 721 15.55 9.07 -3.66
CA GLY A 721 16.87 9.40 -4.18
C GLY A 721 17.84 8.28 -4.57
N LYS A 722 17.89 7.97 -5.86
CA LYS A 722 18.82 6.96 -6.35
C LYS A 722 20.22 7.49 -6.04
N GLY A 723 21.14 6.61 -5.63
CA GLY A 723 22.48 7.05 -5.32
C GLY A 723 22.53 7.78 -3.99
N HIS A 724 21.88 7.21 -2.99
CA HIS A 724 21.81 7.79 -1.67
C HIS A 724 23.15 8.26 -1.11
N GLU A 725 24.14 7.38 -1.11
CA GLU A 725 25.46 7.74 -0.57
C GLU A 725 26.12 8.90 -1.32
N PHE A 726 25.78 9.08 -2.59
CA PHE A 726 26.34 10.16 -3.40
C PHE A 726 25.70 11.49 -2.98
N MET A 727 24.39 11.46 -2.72
CA MET A 727 23.70 12.67 -2.31
C MET A 727 24.23 13.15 -0.96
N LEU A 728 24.43 12.21 -0.04
CA LEU A 728 24.94 12.57 1.26
C LEU A 728 26.32 13.21 1.14
N LYS A 729 27.18 12.62 0.32
CA LYS A 729 28.52 13.13 0.15
C LYS A 729 28.60 14.47 -0.56
N TYR A 730 28.05 14.55 -1.77
CA TYR A 730 28.13 15.78 -2.55
C TYR A 730 27.10 16.88 -2.31
N LEU A 731 25.86 16.51 -2.00
CA LEU A 731 24.84 17.53 -1.75
C LEU A 731 24.85 17.98 -0.29
N LEU A 732 24.91 17.01 0.63
CA LEU A 732 24.90 17.32 2.06
C LEU A 732 26.26 17.57 2.70
N GLY A 733 27.32 16.99 2.14
CA GLY A 733 28.65 17.18 2.68
C GLY A 733 28.82 16.49 4.02
N THR A 734 28.22 15.31 4.16
CA THR A 734 28.31 14.55 5.41
C THR A 734 29.00 13.21 5.18
N GLU A 735 29.21 12.43 6.24
CA GLU A 735 29.84 11.11 6.09
C GLU A 735 29.02 10.32 5.07
N HIS A 736 29.66 9.41 4.36
CA HIS A 736 28.96 8.62 3.36
C HIS A 736 29.46 7.17 3.33
N GLY A 737 28.73 6.31 2.65
CA GLY A 737 29.14 4.91 2.59
C GLY A 737 29.60 4.41 1.24
N ILE A 738 29.91 5.32 0.31
CA ILE A 738 30.37 4.91 -1.02
C ILE A 738 31.60 3.99 -0.88
N GLN A 739 31.61 2.90 -1.65
CA GLN A 739 32.70 1.94 -1.60
C GLN A 739 33.69 2.03 -2.76
N GLY A 740 33.21 2.33 -3.96
CA GLY A 740 34.09 2.41 -5.11
C GLY A 740 34.92 3.68 -5.24
N LYS A 741 35.77 3.71 -6.26
CA LYS A 741 36.62 4.87 -6.55
C LYS A 741 36.05 5.58 -7.77
N ASP A 742 36.26 6.89 -7.87
CA ASP A 742 35.74 7.64 -9.01
C ASP A 742 36.66 7.59 -10.22
N LEU A 743 36.21 8.14 -11.34
CA LEU A 743 36.98 8.17 -12.59
C LEU A 743 38.44 8.61 -12.40
N GLY A 744 38.64 9.64 -11.57
CA GLY A 744 39.98 10.14 -11.34
C GLY A 744 40.88 9.17 -10.60
N GLN A 745 40.35 8.51 -9.58
CA GLN A 745 41.12 7.55 -8.80
C GLN A 745 41.45 6.29 -9.59
N GLN A 746 40.65 5.99 -10.60
CA GLN A 746 40.88 4.82 -11.44
C GLN A 746 41.65 5.21 -12.69
N GLY A 747 41.90 6.51 -12.86
CA GLY A 747 42.62 6.97 -14.03
C GLY A 747 41.79 6.86 -15.29
N GLY A 748 40.47 6.81 -15.13
CA GLY A 748 39.59 6.71 -16.28
C GLY A 748 39.63 7.94 -17.16
N VAL A 749 38.86 7.92 -18.25
CA VAL A 749 38.80 9.05 -19.17
C VAL A 749 37.78 10.11 -18.76
N LYS A 750 38.27 11.35 -18.64
CA LYS A 750 37.44 12.48 -18.28
C LYS A 750 36.51 12.86 -19.43
N PRO A 751 35.33 13.46 -19.13
CA PRO A 751 34.40 13.86 -20.17
C PRO A 751 34.99 14.99 -21.02
N GLU A 752 34.46 15.18 -22.22
CA GLU A 752 34.99 16.22 -23.11
C GLU A 752 34.16 17.50 -23.17
N GLU A 753 33.13 17.58 -22.33
CA GLU A 753 32.26 18.75 -22.31
C GLU A 753 32.22 19.37 -20.92
N VAL A 754 32.71 18.62 -19.93
CA VAL A 754 32.68 19.06 -18.54
C VAL A 754 34.05 19.07 -17.86
N ASP A 755 34.35 20.17 -17.17
CA ASP A 755 35.63 20.29 -16.48
C ASP A 755 35.79 19.18 -15.45
N TRP A 756 37.03 18.77 -15.21
CA TRP A 756 37.30 17.74 -14.23
C TRP A 756 38.22 18.24 -13.14
N GLN A 757 38.03 17.72 -11.94
CA GLN A 757 38.90 18.04 -10.81
C GLN A 757 38.94 16.81 -9.93
N ASP A 758 40.13 16.48 -9.44
CA ASP A 758 40.33 15.30 -8.61
C ASP A 758 39.52 15.27 -7.34
N ASN A 759 39.34 16.44 -6.72
CA ASN A 759 38.55 16.51 -5.51
C ASN A 759 37.26 17.21 -5.84
N GLY A 760 36.18 16.43 -5.92
CA GLY A 760 34.89 16.99 -6.24
C GLY A 760 34.34 17.87 -5.14
N LEU A 761 33.52 18.85 -5.52
CA LEU A 761 32.91 19.75 -4.57
C LEU A 761 31.91 19.00 -3.68
N GLU A 762 32.08 19.12 -2.37
CA GLU A 762 31.20 18.46 -1.41
C GLU A 762 30.31 19.46 -0.65
N GLY A 763 29.23 18.97 -0.07
CA GLY A 763 28.31 19.83 0.67
C GLY A 763 27.87 21.08 -0.09
N LYS A 764 27.35 20.88 -1.29
CA LYS A 764 26.90 22.00 -2.12
C LYS A 764 25.70 22.75 -1.56
N LEU A 765 24.80 22.05 -0.89
CA LEU A 765 23.61 22.70 -0.35
C LEU A 765 23.89 23.50 0.93
N ASP A 766 23.54 24.78 0.88
CA ASP A 766 23.73 25.69 2.02
C ASP A 766 22.58 25.58 3.02
N LEU A 767 21.40 25.26 2.51
CA LEU A 767 20.23 25.16 3.36
C LEU A 767 19.21 24.18 2.79
N VAL A 768 18.88 23.16 3.59
CA VAL A 768 17.89 22.17 3.18
C VAL A 768 16.67 22.29 4.10
N VAL A 769 15.53 22.65 3.53
CA VAL A 769 14.31 22.81 4.30
C VAL A 769 13.32 21.70 3.97
N THR A 770 12.90 20.97 4.99
CA THR A 770 11.94 19.88 4.78
C THR A 770 10.65 20.10 5.54
N LEU A 771 9.53 19.91 4.85
CA LEU A 771 8.19 20.02 5.41
C LEU A 771 7.62 18.61 5.55
N ASP A 772 7.13 18.27 6.73
CA ASP A 772 6.55 16.94 6.93
C ASP A 772 5.78 16.87 8.25
N PHE A 773 4.93 15.85 8.38
CA PHE A 773 4.15 15.67 9.60
C PHE A 773 4.78 14.61 10.51
N ARG A 774 5.74 13.88 9.96
CA ARG A 774 6.45 12.84 10.70
C ARG A 774 7.94 13.09 10.49
N LEU A 775 8.77 12.73 11.46
CA LEU A 775 10.21 12.93 11.31
C LEU A 775 10.77 11.79 10.45
N SER A 776 10.89 12.06 9.15
CA SER A 776 11.38 11.07 8.20
C SER A 776 12.89 11.03 8.08
N SER A 777 13.40 10.18 7.19
CA SER A 777 14.83 10.08 6.96
C SER A 777 15.33 11.39 6.40
N THR A 778 14.53 12.02 5.55
CA THR A 778 14.95 13.29 4.95
C THR A 778 15.05 14.38 6.02
N CYS A 779 14.05 14.50 6.89
CA CYS A 779 14.09 15.50 7.94
C CYS A 779 15.36 15.31 8.78
N LEU A 780 15.64 14.05 9.08
CA LEU A 780 16.80 13.69 9.88
C LEU A 780 18.10 14.28 9.34
N TYR A 781 18.17 14.50 8.02
CA TYR A 781 19.37 15.05 7.40
C TYR A 781 19.20 16.50 6.92
N SER A 782 18.14 17.16 7.39
CA SER A 782 17.89 18.55 6.99
C SER A 782 18.45 19.54 8.00
N ASP A 783 18.38 20.82 7.66
CA ASP A 783 18.85 21.88 8.55
C ASP A 783 17.65 22.46 9.30
N ILE A 784 16.52 22.51 8.60
CA ILE A 784 15.28 23.03 9.15
C ILE A 784 14.11 22.13 8.81
N ILE A 785 13.35 21.75 9.83
CA ILE A 785 12.18 20.88 9.67
C ILE A 785 10.94 21.69 10.01
N LEU A 786 9.95 21.70 9.12
CA LEU A 786 8.74 22.45 9.35
C LEU A 786 7.55 21.52 9.51
N PRO A 787 6.85 21.60 10.66
CA PRO A 787 5.70 20.75 10.94
C PRO A 787 4.53 21.08 9.99
N THR A 788 4.12 20.08 9.22
CA THR A 788 3.05 20.31 8.27
C THR A 788 1.80 19.55 8.69
N ALA A 789 0.64 20.01 8.21
CA ALA A 789 -0.62 19.36 8.50
C ALA A 789 -0.75 17.99 7.81
N THR A 790 -1.33 17.02 8.50
CA THR A 790 -1.55 15.69 7.91
C THR A 790 -2.69 15.82 6.89
N TRP A 791 -2.95 14.76 6.13
CA TRP A 791 -4.01 14.79 5.13
C TRP A 791 -5.41 14.93 5.74
N TYR A 792 -5.51 14.74 7.04
CA TYR A 792 -6.80 14.86 7.73
C TYR A 792 -6.95 16.23 8.39
N GLU A 793 -6.00 17.13 8.14
CA GLU A 793 -6.04 18.45 8.76
C GLU A 793 -5.94 19.60 7.74
N LYS A 794 -6.30 19.38 6.49
CA LYS A 794 -6.19 20.44 5.49
C LYS A 794 -7.08 20.19 4.28
N ASP A 795 -7.39 21.26 3.54
CA ASP A 795 -8.24 21.14 2.37
C ASP A 795 -7.39 21.08 1.12
N ASP A 796 -7.81 20.23 0.19
CA ASP A 796 -7.10 20.07 -1.08
C ASP A 796 -7.91 19.16 -1.98
N MET A 797 -7.39 18.86 -3.16
CA MET A 797 -8.09 18.01 -4.11
C MET A 797 -7.19 16.90 -4.66
N ASN A 798 -7.84 15.84 -5.15
CA ASN A 798 -7.16 14.66 -5.65
C ASN A 798 -7.88 14.04 -6.85
N THR A 799 -7.12 13.58 -7.85
CA THR A 799 -7.65 12.89 -9.03
C THR A 799 -6.72 11.74 -9.33
N SER A 800 -7.16 10.83 -10.19
CA SER A 800 -6.35 9.65 -10.52
C SER A 800 -6.55 9.16 -11.96
N ASP A 801 -5.67 8.27 -12.39
CA ASP A 801 -5.79 7.66 -13.70
C ASP A 801 -6.67 6.40 -13.61
N MET A 802 -6.94 5.94 -12.40
CA MET A 802 -7.75 4.73 -12.19
C MET A 802 -9.26 4.96 -12.35
N HIS A 803 -9.71 6.17 -12.07
CA HIS A 803 -11.13 6.51 -12.17
C HIS A 803 -11.29 7.97 -12.58
N PRO A 804 -12.52 8.39 -12.95
CA PRO A 804 -12.79 9.76 -13.37
C PRO A 804 -13.30 10.72 -12.30
N PHE A 805 -13.10 10.38 -11.03
CA PHE A 805 -13.60 11.24 -9.97
C PHE A 805 -12.62 12.24 -9.38
N ILE A 806 -13.13 13.42 -9.08
CA ILE A 806 -12.33 14.46 -8.46
C ILE A 806 -12.95 14.55 -7.05
N HIS A 807 -12.14 14.35 -6.01
CA HIS A 807 -12.65 14.43 -4.65
C HIS A 807 -11.67 15.18 -3.75
N PRO A 808 -12.13 15.64 -2.59
CA PRO A 808 -11.27 16.41 -1.69
C PRO A 808 -10.60 15.82 -0.46
N LEU A 809 -9.66 16.61 0.06
CA LEU A 809 -8.96 16.33 1.30
C LEU A 809 -9.60 17.42 2.15
N SER A 810 -9.92 17.13 3.39
CA SER A 810 -10.56 18.14 4.24
C SER A 810 -10.01 18.08 5.64
N ALA A 811 -10.05 19.21 6.33
CA ALA A 811 -9.55 19.25 7.69
C ALA A 811 -10.65 18.76 8.63
N ALA A 812 -10.45 17.60 9.24
CA ALA A 812 -11.44 17.07 10.18
C ALA A 812 -11.31 17.90 11.45
N VAL A 813 -10.09 18.34 11.72
CA VAL A 813 -9.80 19.18 12.88
C VAL A 813 -8.66 20.11 12.45
N ASP A 814 -8.43 21.21 13.18
CA ASP A 814 -7.33 22.13 12.83
C ASP A 814 -6.00 21.42 13.07
N PRO A 815 -4.97 21.73 12.27
CA PRO A 815 -3.65 21.10 12.43
C PRO A 815 -3.22 21.13 13.90
N ALA A 816 -2.89 19.96 14.44
CA ALA A 816 -2.46 19.84 15.83
C ALA A 816 -1.15 20.57 16.12
N TRP A 817 -0.93 20.89 17.39
CA TRP A 817 0.26 21.60 17.83
C TRP A 817 0.55 22.79 16.93
N GLU A 818 1.78 22.94 16.46
CA GLU A 818 2.08 24.11 15.63
C GLU A 818 2.14 23.83 14.14
N ALA A 819 1.59 22.71 13.70
CA ALA A 819 1.62 22.37 12.29
C ALA A 819 0.78 23.32 11.45
N LYS A 820 1.14 23.44 10.17
CA LYS A 820 0.44 24.30 9.21
C LYS A 820 0.38 23.57 7.87
N SER A 821 -0.65 23.87 7.08
CA SER A 821 -0.77 23.24 5.76
C SER A 821 0.37 23.74 4.88
N ASP A 822 0.71 22.99 3.83
CA ASP A 822 1.78 23.39 2.92
C ASP A 822 1.48 24.76 2.34
N TRP A 823 0.22 24.99 1.98
CA TRP A 823 -0.18 26.28 1.43
C TRP A 823 0.11 27.45 2.38
N GLU A 824 -0.23 27.30 3.65
CA GLU A 824 0.01 28.35 4.63
C GLU A 824 1.50 28.51 4.95
N ILE A 825 2.25 27.41 4.86
CA ILE A 825 3.68 27.49 5.15
C ILE A 825 4.42 28.31 4.09
N TYR A 826 4.12 28.06 2.82
CA TYR A 826 4.77 28.79 1.75
C TYR A 826 4.21 30.21 1.61
N LYS A 827 2.96 30.40 2.01
CA LYS A 827 2.36 31.72 1.96
C LYS A 827 3.09 32.62 2.96
N ALA A 828 3.37 32.08 4.15
CA ALA A 828 4.08 32.83 5.17
C ALA A 828 5.55 33.04 4.77
N ILE A 829 6.14 32.08 4.06
CA ILE A 829 7.52 32.23 3.61
C ILE A 829 7.52 33.39 2.62
N ALA A 830 6.57 33.36 1.70
CA ALA A 830 6.45 34.40 0.69
C ALA A 830 6.30 35.76 1.37
N LYS A 831 5.47 35.82 2.40
CA LYS A 831 5.25 37.08 3.10
C LYS A 831 6.56 37.60 3.73
N LYS A 832 7.31 36.71 4.37
CA LYS A 832 8.57 37.14 4.99
C LYS A 832 9.61 37.52 3.95
N PHE A 833 9.65 36.76 2.86
CA PHE A 833 10.57 37.01 1.77
C PHE A 833 10.33 38.40 1.21
N SER A 834 9.06 38.73 0.98
CA SER A 834 8.69 40.01 0.41
C SER A 834 9.20 41.23 1.20
N GLU A 835 9.40 41.07 2.50
CA GLU A 835 9.89 42.20 3.27
C GLU A 835 11.41 42.15 3.43
N VAL A 836 11.94 40.94 3.57
CA VAL A 836 13.38 40.74 3.74
C VAL A 836 14.18 41.11 2.50
N CYS A 837 13.55 40.99 1.33
CA CYS A 837 14.23 41.30 0.09
C CYS A 837 14.29 42.80 -0.23
N VAL A 838 13.53 43.60 0.51
CA VAL A 838 13.52 45.04 0.28
C VAL A 838 14.92 45.64 0.42
N GLY A 839 15.45 46.21 -0.67
CA GLY A 839 16.77 46.79 -0.62
C GLY A 839 17.81 45.88 -1.24
N HIS A 840 17.45 44.62 -1.46
CA HIS A 840 18.36 43.65 -2.06
C HIS A 840 17.85 43.25 -3.44
N LEU A 841 16.54 43.21 -3.60
CA LEU A 841 15.93 42.84 -4.87
C LEU A 841 14.66 43.68 -5.10
N GLY A 842 14.52 44.22 -6.30
CA GLY A 842 13.36 45.03 -6.61
C GLY A 842 12.70 44.50 -7.86
N LYS A 843 12.39 45.39 -8.79
CA LYS A 843 11.79 44.99 -10.06
C LYS A 843 12.96 44.59 -10.95
N GLU A 844 13.29 43.30 -10.93
CA GLU A 844 14.40 42.76 -11.70
C GLU A 844 14.00 42.23 -13.07
N THR A 845 15.02 42.06 -13.91
CA THR A 845 14.82 41.51 -15.24
C THR A 845 15.59 40.19 -15.23
N ASP A 846 14.95 39.12 -15.68
CA ASP A 846 15.58 37.80 -15.66
C ASP A 846 15.65 37.21 -17.05
N ILE A 847 16.79 36.59 -17.36
CA ILE A 847 16.95 35.93 -18.65
C ILE A 847 16.77 34.44 -18.35
N VAL A 848 15.75 33.86 -18.96
CA VAL A 848 15.45 32.45 -18.75
C VAL A 848 15.55 31.63 -20.02
N THR A 849 16.27 30.50 -19.95
CA THR A 849 16.37 29.63 -21.10
C THR A 849 15.21 28.65 -20.98
N LEU A 850 14.63 28.28 -22.12
CA LEU A 850 13.51 27.36 -22.15
C LEU A 850 13.75 26.36 -23.27
N PRO A 851 13.88 25.06 -22.94
CA PRO A 851 14.10 24.10 -24.01
C PRO A 851 12.93 24.09 -24.99
N ILE A 852 13.18 23.58 -26.20
CA ILE A 852 12.17 23.50 -27.24
C ILE A 852 11.04 22.61 -26.70
N GLN A 853 9.81 23.12 -26.75
CA GLN A 853 8.65 22.42 -26.20
C GLN A 853 7.79 21.57 -27.12
N HIS A 854 7.48 20.36 -26.68
CA HIS A 854 6.60 19.46 -27.42
C HIS A 854 5.23 20.15 -27.37
N ASP A 855 4.39 19.94 -28.37
CA ASP A 855 3.08 20.56 -28.44
C ASP A 855 3.16 22.09 -28.67
N SER A 856 4.28 22.55 -29.22
CA SER A 856 4.45 23.97 -29.54
C SER A 856 4.95 23.99 -30.99
N ALA A 857 4.80 25.11 -31.68
CA ALA A 857 5.23 25.20 -33.07
C ALA A 857 6.72 24.85 -33.22
N ALA A 858 7.53 25.29 -32.26
CA ALA A 858 8.96 25.03 -32.28
C ALA A 858 9.38 23.56 -32.23
N GLU A 859 8.44 22.65 -32.00
CA GLU A 859 8.80 21.22 -31.95
C GLU A 859 9.32 20.74 -33.30
N LEU A 860 9.08 21.54 -34.33
CA LEU A 860 9.54 21.23 -35.68
C LEU A 860 10.91 21.90 -35.79
N ALA A 861 11.85 21.45 -34.97
CA ALA A 861 13.20 22.02 -34.95
C ALA A 861 14.12 21.49 -36.05
N GLN A 862 14.85 20.41 -35.76
CA GLN A 862 15.79 19.82 -36.71
C GLN A 862 15.18 18.57 -37.36
N PRO A 863 14.61 18.74 -38.57
CA PRO A 863 13.95 17.70 -39.36
C PRO A 863 14.72 16.52 -39.94
N LEU A 864 15.93 16.76 -40.44
CA LEU A 864 16.70 15.68 -41.06
C LEU A 864 17.89 15.12 -40.29
N ASP A 865 18.57 15.96 -39.51
CA ASP A 865 19.72 15.48 -38.75
C ASP A 865 19.99 16.32 -37.53
N VAL A 866 21.12 16.06 -36.87
CA VAL A 866 21.50 16.79 -35.67
C VAL A 866 22.68 17.73 -35.92
N LYS A 867 22.47 19.03 -35.70
CA LYS A 867 23.51 20.03 -35.89
C LYS A 867 23.83 20.74 -34.57
N ASP A 868 25.10 20.66 -34.16
CA ASP A 868 25.58 21.27 -32.92
C ASP A 868 26.21 22.64 -33.23
N TRP A 869 25.50 23.71 -32.93
CA TRP A 869 26.02 25.06 -33.19
C TRP A 869 27.36 25.27 -32.50
N LYS A 870 27.54 24.65 -31.34
CA LYS A 870 28.77 24.78 -30.57
C LYS A 870 29.95 24.23 -31.39
N LYS A 871 29.63 23.39 -32.36
CA LYS A 871 30.64 22.79 -33.23
C LYS A 871 30.57 23.37 -34.64
N GLY A 872 30.05 24.58 -34.75
CA GLY A 872 29.95 25.25 -36.03
C GLY A 872 29.06 24.56 -37.05
N GLU A 873 28.48 23.42 -36.69
CA GLU A 873 27.62 22.68 -37.60
C GLU A 873 26.41 23.48 -38.05
N CYS A 874 26.12 24.58 -37.35
CA CYS A 874 25.00 25.42 -37.70
C CYS A 874 25.03 26.71 -36.90
N ASP A 875 24.07 27.58 -37.16
CA ASP A 875 23.98 28.86 -36.46
C ASP A 875 23.27 28.64 -35.12
N LEU A 876 23.54 29.49 -34.14
CA LEU A 876 22.87 29.37 -32.85
C LEU A 876 21.56 30.14 -32.97
N ILE A 877 20.47 29.41 -33.15
CA ILE A 877 19.13 29.98 -33.30
C ILE A 877 18.26 29.58 -32.11
N PRO A 878 18.10 30.47 -31.12
CA PRO A 878 17.27 30.13 -29.97
C PRO A 878 15.90 29.64 -30.41
N GLY A 879 15.44 28.55 -29.82
CA GLY A 879 14.14 28.01 -30.16
C GLY A 879 14.18 27.03 -31.32
N LYS A 880 15.35 26.79 -31.90
CA LYS A 880 15.46 25.85 -33.01
C LYS A 880 16.68 24.94 -32.93
N THR A 881 17.86 25.53 -32.75
CA THR A 881 19.09 24.76 -32.64
C THR A 881 19.66 24.97 -31.25
N ALA A 882 18.91 25.70 -30.43
CA ALA A 882 19.29 25.98 -29.05
C ALA A 882 17.99 26.33 -28.30
N PRO A 883 18.06 26.45 -26.97
CA PRO A 883 16.82 26.77 -26.26
C PRO A 883 16.37 28.21 -26.47
N HIS A 884 15.07 28.46 -26.24
CA HIS A 884 14.53 29.81 -26.37
C HIS A 884 15.24 30.62 -25.29
N ILE A 885 15.47 31.91 -25.56
CA ILE A 885 16.10 32.79 -24.57
C ILE A 885 14.98 33.78 -24.25
N MET A 886 14.39 33.65 -23.06
CA MET A 886 13.27 34.50 -22.66
C MET A 886 13.59 35.56 -21.61
N VAL A 887 12.82 36.64 -21.65
CA VAL A 887 12.99 37.72 -20.70
C VAL A 887 11.78 37.69 -19.77
N VAL A 888 12.05 37.61 -18.47
CA VAL A 888 10.99 37.56 -17.47
C VAL A 888 11.22 38.67 -16.45
N GLU A 889 10.20 39.48 -16.22
CA GLU A 889 10.29 40.56 -15.23
C GLU A 889 9.77 40.06 -13.89
N ARG A 890 10.55 40.28 -12.83
CA ARG A 890 10.14 39.84 -11.51
C ARG A 890 10.05 41.01 -10.54
N ASP A 891 8.97 41.06 -9.78
CA ASP A 891 8.75 42.12 -8.80
C ASP A 891 8.88 41.43 -7.45
N TYR A 892 10.12 41.23 -7.03
CA TYR A 892 10.41 40.55 -5.78
C TYR A 892 9.66 41.04 -4.55
N PRO A 893 9.63 42.36 -4.32
CA PRO A 893 8.89 42.82 -3.13
C PRO A 893 7.40 42.48 -3.19
N ALA A 894 6.90 42.21 -4.38
CA ALA A 894 5.49 41.90 -4.58
C ALA A 894 5.22 40.38 -4.64
N THR A 895 6.18 39.57 -4.22
CA THR A 895 6.01 38.11 -4.27
C THR A 895 4.76 37.64 -3.54
N TYR A 896 4.60 38.08 -2.29
CA TYR A 896 3.45 37.71 -1.48
C TYR A 896 2.11 38.12 -2.12
N GLU A 897 2.02 39.37 -2.57
CA GLU A 897 0.79 39.84 -3.20
C GLU A 897 0.44 39.03 -4.44
N ARG A 898 1.46 38.65 -5.20
CA ARG A 898 1.22 37.84 -6.41
C ARG A 898 0.82 36.42 -6.02
N PHE A 899 1.49 35.89 -4.99
CA PHE A 899 1.22 34.54 -4.52
C PHE A 899 -0.25 34.44 -4.11
N THR A 900 -0.75 35.48 -3.43
CA THR A 900 -2.11 35.52 -2.95
C THR A 900 -3.17 36.12 -3.87
N SER A 901 -2.96 36.07 -5.19
CA SER A 901 -3.95 36.58 -6.15
C SER A 901 -3.75 35.99 -7.55
N ILE A 902 -4.85 35.81 -8.28
CA ILE A 902 -4.75 35.27 -9.64
C ILE A 902 -4.27 36.36 -10.58
N GLY A 903 -3.08 36.19 -11.15
CA GLY A 903 -2.50 37.17 -12.04
C GLY A 903 -3.27 37.60 -13.28
N PRO A 904 -2.84 38.71 -13.90
CA PRO A 904 -3.46 39.29 -15.09
C PRO A 904 -3.21 38.57 -16.42
N LEU A 905 -2.20 37.71 -16.48
CA LEU A 905 -1.91 37.02 -17.73
C LEU A 905 -3.05 36.13 -18.22
N MET A 906 -3.89 35.64 -17.30
CA MET A 906 -5.00 34.78 -17.71
C MET A 906 -5.96 35.58 -18.58
N GLU A 907 -6.08 36.87 -18.27
CA GLU A 907 -6.97 37.77 -19.00
C GLU A 907 -6.26 38.38 -20.21
N LYS A 908 -4.99 38.72 -20.04
CA LYS A 908 -4.22 39.34 -21.11
C LYS A 908 -3.92 38.34 -22.24
N ILE A 909 -3.30 37.22 -21.89
CA ILE A 909 -2.93 36.18 -22.85
C ILE A 909 -3.98 35.08 -23.01
N GLY A 910 -4.48 34.58 -21.89
CA GLY A 910 -5.46 33.51 -21.95
C GLY A 910 -4.93 32.26 -21.27
N ASN A 911 -5.48 31.10 -21.65
CA ASN A 911 -5.07 29.85 -21.05
C ASN A 911 -5.08 28.75 -22.11
N GLY A 912 -4.40 27.65 -21.83
CA GLY A 912 -4.36 26.55 -22.79
C GLY A 912 -3.29 25.54 -22.47
N GLY A 913 -3.21 24.49 -23.27
CA GLY A 913 -2.21 23.46 -23.06
C GLY A 913 -2.30 22.40 -24.15
N LYS A 914 -1.30 21.53 -24.20
CA LYS A 914 -1.26 20.46 -25.19
C LYS A 914 -1.45 20.98 -26.63
N GLY A 915 -0.91 22.16 -26.91
CA GLY A 915 -1.01 22.71 -28.25
C GLY A 915 -2.22 23.55 -28.64
N ILE A 916 -3.08 23.87 -27.68
CA ILE A 916 -4.25 24.69 -27.98
C ILE A 916 -4.38 25.78 -26.93
N ALA A 917 -5.15 26.81 -27.25
CA ALA A 917 -5.34 27.92 -26.33
C ALA A 917 -6.76 28.43 -26.48
N TRP A 918 -7.23 29.13 -25.45
CA TRP A 918 -8.59 29.66 -25.49
C TRP A 918 -8.71 30.90 -24.63
N ASN A 919 -9.86 31.57 -24.73
CA ASN A 919 -10.09 32.77 -23.94
C ASN A 919 -10.75 32.35 -22.63
N THR A 920 -10.27 32.88 -21.52
CA THR A 920 -10.83 32.49 -20.23
C THR A 920 -11.28 33.67 -19.37
N GLN A 921 -11.74 34.74 -20.02
CA GLN A 921 -12.19 35.93 -19.32
C GLN A 921 -13.41 35.65 -18.45
N SER A 922 -14.38 34.92 -18.99
CA SER A 922 -15.58 34.61 -18.23
C SER A 922 -15.22 33.90 -16.92
N GLU A 923 -14.25 32.99 -16.98
CA GLU A 923 -13.85 32.26 -15.79
C GLU A 923 -13.25 33.19 -14.75
N MET A 924 -12.45 34.15 -15.19
CA MET A 924 -11.84 35.09 -14.26
C MET A 924 -12.89 35.98 -13.61
N ASP A 925 -13.92 36.35 -14.37
CA ASP A 925 -14.97 37.18 -13.80
C ASP A 925 -15.71 36.38 -12.73
N LEU A 926 -15.91 35.09 -12.98
CA LEU A 926 -16.59 34.23 -12.02
C LEU A 926 -15.74 34.14 -10.76
N LEU A 927 -14.43 33.99 -10.96
CA LEU A 927 -13.52 33.88 -9.83
C LEU A 927 -13.46 35.12 -8.96
N ARG A 928 -13.69 36.30 -9.53
CA ARG A 928 -13.68 37.51 -8.72
C ARG A 928 -14.84 37.47 -7.72
N LYS A 929 -15.95 36.86 -8.13
CA LYS A 929 -17.13 36.74 -7.28
C LYS A 929 -17.00 35.63 -6.23
N LEU A 930 -16.32 34.54 -6.59
CA LEU A 930 -16.16 33.41 -5.68
C LEU A 930 -15.07 33.62 -4.64
N ASN A 931 -13.95 34.20 -5.06
CA ASN A 931 -12.83 34.44 -4.16
C ASN A 931 -12.72 35.86 -3.66
N TYR A 932 -13.57 36.76 -4.16
CA TYR A 932 -13.48 38.17 -3.79
C TYR A 932 -12.20 38.71 -4.44
N THR A 933 -11.90 39.99 -4.24
CA THR A 933 -10.70 40.57 -4.87
C THR A 933 -9.84 41.44 -3.98
N LYS A 934 -8.59 41.65 -4.38
CA LYS A 934 -7.67 42.49 -3.63
C LYS A 934 -8.22 43.91 -3.58
N ALA A 935 -8.31 44.48 -2.39
CA ALA A 935 -8.84 45.84 -2.22
C ALA A 935 -7.84 46.90 -2.69
N GLU A 936 -6.56 46.56 -2.67
CA GLU A 936 -5.53 47.50 -3.09
C GLU A 936 -4.20 46.82 -3.32
N GLY A 937 -3.15 47.63 -3.41
CA GLY A 937 -1.81 47.11 -3.63
C GLY A 937 -1.55 46.70 -5.07
N PRO A 938 -0.39 46.08 -5.34
CA PRO A 938 0.03 45.62 -6.67
C PRO A 938 -1.00 44.79 -7.44
N ALA A 939 -1.73 43.94 -6.73
CA ALA A 939 -2.72 43.08 -7.39
C ALA A 939 -4.17 43.55 -7.25
N LYS A 940 -4.35 44.83 -6.94
CA LYS A 940 -5.69 45.39 -6.77
C LYS A 940 -6.66 45.01 -7.88
N GLY A 941 -7.86 44.55 -7.49
CA GLY A 941 -8.87 44.17 -8.46
C GLY A 941 -8.81 42.73 -8.97
N GLN A 942 -7.76 42.01 -8.59
CA GLN A 942 -7.59 40.63 -9.02
C GLN A 942 -8.21 39.64 -8.01
N PRO A 943 -8.70 38.49 -8.50
CA PRO A 943 -9.29 37.51 -7.58
C PRO A 943 -8.25 37.12 -6.52
N MET A 944 -8.73 36.84 -5.32
CA MET A 944 -7.87 36.44 -4.20
C MET A 944 -7.46 34.98 -4.23
N LEU A 945 -6.37 34.68 -3.53
CA LEU A 945 -5.86 33.34 -3.36
C LEU A 945 -5.29 33.31 -1.94
N ASN A 946 -6.14 33.51 -0.94
CA ASN A 946 -5.65 33.51 0.43
C ASN A 946 -5.68 32.13 1.07
N THR A 947 -6.71 31.36 0.75
CA THR A 947 -6.87 30.03 1.31
C THR A 947 -6.71 28.93 0.28
N ALA A 948 -6.49 27.71 0.77
CA ALA A 948 -6.35 26.57 -0.11
C ALA A 948 -7.66 26.38 -0.88
N ILE A 949 -8.78 26.74 -0.26
CA ILE A 949 -10.07 26.58 -0.94
C ILE A 949 -10.12 27.50 -2.16
N ASP A 950 -9.63 28.74 -2.00
CA ASP A 950 -9.62 29.70 -3.11
C ASP A 950 -8.79 29.14 -4.25
N ALA A 951 -7.65 28.54 -3.91
CA ALA A 951 -6.76 27.97 -4.90
C ALA A 951 -7.45 26.83 -5.63
N ALA A 952 -8.16 25.98 -4.89
CA ALA A 952 -8.87 24.87 -5.50
C ALA A 952 -9.96 25.34 -6.46
N GLU A 953 -10.73 26.35 -6.07
CA GLU A 953 -11.80 26.88 -6.92
C GLU A 953 -11.21 27.45 -8.22
N MET A 954 -10.01 28.01 -8.10
CA MET A 954 -9.31 28.54 -9.28
C MET A 954 -9.09 27.37 -10.25
N ILE A 955 -8.58 26.25 -9.71
CA ILE A 955 -8.33 25.05 -10.50
C ILE A 955 -9.62 24.52 -11.12
N LEU A 956 -10.66 24.38 -10.30
CA LEU A 956 -11.94 23.87 -10.78
C LEU A 956 -12.60 24.75 -11.84
N THR A 957 -12.48 26.07 -11.69
CA THR A 957 -13.12 26.97 -12.64
C THR A 957 -12.38 27.15 -13.97
N LEU A 958 -11.06 27.07 -13.95
CA LEU A 958 -10.29 27.24 -15.17
C LEU A 958 -10.17 26.00 -16.03
N ALA A 959 -10.17 24.83 -15.40
CA ALA A 959 -10.00 23.58 -16.13
C ALA A 959 -11.21 23.12 -16.92
N PRO A 960 -10.97 22.59 -18.12
CA PRO A 960 -12.05 22.10 -18.98
C PRO A 960 -12.63 20.80 -18.42
N GLU A 961 -11.82 20.06 -17.66
CA GLU A 961 -12.27 18.82 -17.06
C GLU A 961 -13.31 19.07 -15.97
N THR A 962 -13.30 20.27 -15.39
CA THR A 962 -14.22 20.58 -14.30
C THR A 962 -15.18 21.75 -14.56
N ASN A 963 -15.09 22.35 -15.75
CA ASN A 963 -15.95 23.47 -16.13
C ASN A 963 -16.38 23.25 -17.57
N GLY A 964 -17.61 22.77 -17.75
CA GLY A 964 -18.12 22.49 -19.09
C GLY A 964 -18.03 23.64 -20.07
N GLN A 965 -18.04 24.86 -19.56
CA GLN A 965 -17.95 26.04 -20.41
C GLN A 965 -16.56 26.10 -21.04
N VAL A 966 -15.53 25.87 -20.23
CA VAL A 966 -14.17 25.89 -20.76
C VAL A 966 -13.95 24.68 -21.66
N ALA A 967 -14.49 23.53 -21.26
CA ALA A 967 -14.33 22.31 -22.05
C ALA A 967 -14.79 22.52 -23.49
N VAL A 968 -15.88 23.27 -23.67
CA VAL A 968 -16.39 23.52 -25.02
C VAL A 968 -15.47 24.44 -25.82
N LYS A 969 -14.92 25.46 -25.18
CA LYS A 969 -14.00 26.37 -25.88
C LYS A 969 -12.73 25.62 -26.25
N ALA A 970 -12.34 24.68 -25.39
CA ALA A 970 -11.14 23.89 -25.61
C ALA A 970 -11.29 23.03 -26.86
N TRP A 971 -12.37 22.27 -26.91
CA TRP A 971 -12.63 21.43 -28.08
C TRP A 971 -12.78 22.27 -29.35
N ALA A 972 -13.28 23.49 -29.20
CA ALA A 972 -13.47 24.35 -30.38
C ALA A 972 -12.10 24.72 -30.93
N ALA A 973 -11.19 25.08 -30.03
CA ALA A 973 -9.84 25.45 -30.41
C ALA A 973 -9.15 24.28 -31.12
N LEU A 974 -9.39 23.06 -30.64
CA LEU A 974 -8.78 21.88 -31.26
C LEU A 974 -9.38 21.66 -32.64
N SER A 975 -10.68 21.91 -32.77
CA SER A 975 -11.38 21.73 -34.05
C SER A 975 -10.75 22.53 -35.18
N GLU A 976 -10.06 23.61 -34.84
CA GLU A 976 -9.41 24.45 -35.83
C GLU A 976 -8.30 23.67 -36.53
N PHE A 977 -7.53 22.91 -35.74
CA PHE A 977 -6.42 22.11 -36.24
C PHE A 977 -6.88 20.95 -37.11
N THR A 978 -7.88 20.21 -36.64
CA THR A 978 -8.37 19.03 -37.33
C THR A 978 -9.40 19.28 -38.44
N GLY A 979 -10.09 20.41 -38.38
CA GLY A 979 -11.09 20.69 -39.39
C GLY A 979 -12.33 19.85 -39.18
N ARG A 980 -12.39 19.16 -38.03
CA ARG A 980 -13.52 18.32 -37.68
C ARG A 980 -14.11 18.89 -36.39
N ASP A 981 -15.43 18.81 -36.22
CA ASP A 981 -16.03 19.31 -34.99
C ASP A 981 -15.87 18.33 -33.85
N HIS A 982 -15.38 18.81 -32.71
CA HIS A 982 -15.19 17.96 -31.54
C HIS A 982 -15.95 18.51 -30.34
N THR A 983 -16.55 19.68 -30.51
CA THR A 983 -17.29 20.31 -29.42
C THR A 983 -18.49 19.47 -28.97
N HIS A 984 -18.95 18.57 -29.84
CA HIS A 984 -20.08 17.72 -29.50
C HIS A 984 -19.71 16.79 -28.34
N LEU A 985 -18.42 16.70 -28.05
CA LEU A 985 -17.93 15.84 -26.97
C LEU A 985 -18.22 16.41 -25.58
N ALA A 986 -18.55 17.71 -25.52
CA ALA A 986 -18.83 18.36 -24.25
C ALA A 986 -20.06 19.26 -24.24
N LEU A 987 -20.72 19.42 -25.38
CA LEU A 987 -21.90 20.29 -25.45
C LEU A 987 -23.00 19.88 -24.46
N ASN A 988 -23.17 18.57 -24.26
CA ASN A 988 -24.19 18.05 -23.36
C ASN A 988 -23.85 18.20 -21.87
N LYS A 989 -22.76 18.90 -21.56
CA LYS A 989 -22.33 19.12 -20.18
C LYS A 989 -21.80 20.54 -20.04
N GLU A 990 -22.13 21.39 -21.02
CA GLU A 990 -21.65 22.76 -21.03
C GLU A 990 -22.09 23.59 -19.81
N ASP A 991 -23.17 23.18 -19.18
CA ASP A 991 -23.65 23.88 -18.00
C ASP A 991 -22.96 23.38 -16.73
N GLU A 992 -22.18 22.31 -16.85
CA GLU A 992 -21.50 21.71 -15.72
C GLU A 992 -20.35 22.54 -15.12
N LYS A 993 -20.38 22.70 -13.80
CA LYS A 993 -19.34 23.43 -13.08
C LYS A 993 -19.11 22.78 -11.72
N ILE A 994 -17.99 22.09 -11.57
CA ILE A 994 -17.65 21.41 -10.34
C ILE A 994 -17.14 22.37 -9.27
N ARG A 995 -17.77 22.34 -8.10
CA ARG A 995 -17.38 23.22 -7.00
C ARG A 995 -16.75 22.44 -5.86
N PHE A 996 -15.86 23.08 -5.11
CA PHE A 996 -15.19 22.41 -4.01
C PHE A 996 -16.16 21.87 -2.99
N ARG A 997 -17.10 22.70 -2.54
CA ARG A 997 -18.06 22.25 -1.55
C ARG A 997 -18.96 21.13 -2.06
N ASP A 998 -19.18 21.05 -3.37
CA ASP A 998 -20.01 19.97 -3.90
C ASP A 998 -19.26 18.64 -3.86
N ILE A 999 -17.96 18.64 -4.16
CA ILE A 999 -17.24 17.37 -4.13
C ILE A 999 -17.05 16.89 -2.69
N GLN A 1000 -17.18 17.79 -1.72
CA GLN A 1000 -17.07 17.37 -0.32
C GLN A 1000 -18.34 16.56 0.02
N ALA A 1001 -19.46 16.90 -0.63
CA ALA A 1001 -20.72 16.21 -0.40
C ALA A 1001 -20.76 14.90 -1.18
N GLN A 1002 -20.21 14.90 -2.39
CA GLN A 1002 -20.14 13.69 -3.22
C GLN A 1002 -19.15 13.86 -4.38
N PRO A 1003 -18.17 12.93 -4.49
CA PRO A 1003 -17.18 12.97 -5.57
C PRO A 1003 -17.87 13.16 -6.90
N ARG A 1004 -17.26 13.94 -7.78
CA ARG A 1004 -17.84 14.20 -9.09
C ARG A 1004 -17.01 13.70 -10.27
N LYS A 1005 -17.70 13.17 -11.28
CA LYS A 1005 -17.05 12.68 -12.48
C LYS A 1005 -16.66 13.90 -13.34
N ILE A 1006 -15.48 13.89 -13.93
CA ILE A 1006 -15.03 15.02 -14.75
C ILE A 1006 -15.60 14.99 -16.17
N ILE A 1007 -15.33 16.05 -16.94
CA ILE A 1007 -15.80 16.19 -18.32
C ILE A 1007 -14.75 15.86 -19.40
N SER A 1008 -15.19 15.27 -20.50
CA SER A 1008 -14.30 14.91 -21.61
C SER A 1008 -13.55 16.16 -22.04
N SER A 1009 -12.24 16.05 -22.15
CA SER A 1009 -11.41 17.20 -22.51
C SER A 1009 -10.33 16.84 -23.53
N PRO A 1010 -9.93 17.81 -24.39
CA PRO A 1010 -8.90 17.59 -25.42
C PRO A 1010 -7.54 17.31 -24.79
N THR A 1011 -7.44 17.57 -23.49
CA THR A 1011 -6.19 17.30 -22.76
C THR A 1011 -5.95 15.79 -22.70
N TRP A 1012 -7.02 15.02 -22.84
CA TRP A 1012 -6.94 13.57 -22.78
C TRP A 1012 -7.56 12.90 -24.00
N SER A 1013 -7.16 11.66 -24.28
CA SER A 1013 -7.66 10.94 -25.45
C SER A 1013 -8.76 9.93 -25.14
N GLY A 1014 -9.09 9.78 -23.86
CA GLY A 1014 -10.16 8.88 -23.48
C GLY A 1014 -11.42 9.71 -23.25
N LEU A 1015 -12.58 9.08 -23.22
CA LEU A 1015 -13.82 9.84 -23.01
C LEU A 1015 -14.54 9.58 -21.69
N GLU A 1016 -15.18 10.63 -21.17
CA GLU A 1016 -15.98 10.55 -19.95
C GLU A 1016 -17.41 10.50 -20.48
N ASP A 1017 -17.93 9.29 -20.61
CA ASP A 1017 -19.25 9.09 -21.18
C ASP A 1017 -20.02 8.05 -20.38
N GLU A 1018 -21.33 7.94 -20.62
CA GLU A 1018 -22.13 6.96 -19.90
C GLU A 1018 -22.39 5.65 -20.62
N HIS A 1019 -21.98 5.56 -21.88
CA HIS A 1019 -22.16 4.32 -22.64
C HIS A 1019 -20.83 3.63 -22.87
N VAL A 1020 -19.74 4.39 -22.88
CA VAL A 1020 -18.42 3.83 -23.08
C VAL A 1020 -17.46 4.29 -21.98
N SER A 1021 -16.64 3.37 -21.48
CA SER A 1021 -15.68 3.70 -20.43
C SER A 1021 -14.52 4.50 -21.01
N TYR A 1022 -13.71 5.08 -20.12
CA TYR A 1022 -12.55 5.86 -20.54
C TYR A 1022 -11.45 4.92 -20.99
N ASN A 1023 -10.98 5.11 -22.22
CA ASN A 1023 -9.95 4.26 -22.80
C ASN A 1023 -8.97 5.12 -23.58
N ALA A 1024 -7.69 5.03 -23.22
CA ALA A 1024 -6.67 5.83 -23.86
C ALA A 1024 -6.64 5.63 -25.38
N GLY A 1025 -6.43 6.72 -26.11
CA GLY A 1025 -6.38 6.66 -27.55
C GLY A 1025 -7.72 6.54 -28.25
N TYR A 1026 -8.81 6.57 -27.47
CA TYR A 1026 -10.15 6.43 -28.04
C TYR A 1026 -10.52 7.58 -28.98
N THR A 1027 -10.09 8.80 -28.66
CA THR A 1027 -10.43 9.94 -29.50
C THR A 1027 -9.62 9.92 -30.80
N ASN A 1028 -8.40 9.39 -30.75
CA ASN A 1028 -7.59 9.32 -31.96
C ASN A 1028 -8.25 8.37 -32.95
N VAL A 1029 -8.61 7.18 -32.46
CA VAL A 1029 -9.23 6.19 -33.31
C VAL A 1029 -10.66 6.52 -33.74
N HIS A 1030 -11.44 7.17 -32.86
CA HIS A 1030 -12.83 7.49 -33.18
C HIS A 1030 -13.16 8.92 -33.61
N GLU A 1031 -12.29 9.88 -33.31
CA GLU A 1031 -12.52 11.26 -33.71
C GLU A 1031 -11.50 11.67 -34.76
N LEU A 1032 -10.64 10.72 -35.13
CA LEU A 1032 -9.60 10.96 -36.13
C LEU A 1032 -8.63 12.07 -35.75
N ILE A 1033 -8.43 12.25 -34.45
CA ILE A 1033 -7.46 13.23 -33.97
C ILE A 1033 -6.11 12.53 -34.04
N PRO A 1034 -5.10 13.19 -34.60
CA PRO A 1034 -3.79 12.53 -34.70
C PRO A 1034 -2.99 12.46 -33.40
N TRP A 1035 -2.17 11.42 -33.30
CA TRP A 1035 -1.28 11.27 -32.17
C TRP A 1035 -0.23 12.34 -32.46
N ARG A 1036 0.28 13.01 -31.43
CA ARG A 1036 1.26 14.06 -31.64
C ARG A 1036 2.66 13.55 -31.97
N THR A 1037 2.74 12.78 -33.05
CA THR A 1037 4.01 12.22 -33.53
C THR A 1037 4.35 12.72 -34.93
N LEU A 1038 5.59 12.51 -35.34
CA LEU A 1038 6.05 12.94 -36.67
C LEU A 1038 5.06 12.59 -37.76
N SER A 1039 4.55 11.35 -37.75
CA SER A 1039 3.62 10.88 -38.76
C SER A 1039 2.13 11.06 -38.41
N GLY A 1040 1.84 11.45 -37.17
CA GLY A 1040 0.46 11.63 -36.76
C GLY A 1040 -0.20 10.29 -36.45
N ARG A 1041 0.57 9.22 -36.57
CA ARG A 1041 0.07 7.88 -36.30
C ARG A 1041 0.93 7.22 -35.22
N GLN A 1042 0.54 6.01 -34.80
CA GLN A 1042 1.31 5.28 -33.81
C GLN A 1042 2.66 4.96 -34.49
N GLN A 1043 3.73 5.52 -33.95
CA GLN A 1043 5.08 5.34 -34.50
C GLN A 1043 5.80 4.05 -34.14
N LEU A 1044 5.96 3.16 -35.11
CA LEU A 1044 6.68 1.92 -34.90
C LEU A 1044 8.15 2.14 -35.20
N TYR A 1045 8.42 3.04 -36.14
CA TYR A 1045 9.79 3.34 -36.56
C TYR A 1045 10.27 4.72 -36.09
N GLN A 1046 11.31 4.72 -35.26
CA GLN A 1046 11.90 5.96 -34.76
C GLN A 1046 13.09 6.32 -35.63
N ASP A 1047 12.90 7.27 -36.54
CA ASP A 1047 13.95 7.67 -37.47
C ASP A 1047 14.87 8.80 -37.03
N HIS A 1048 14.84 9.17 -35.75
CA HIS A 1048 15.73 10.24 -35.30
C HIS A 1048 17.16 9.72 -35.32
N GLN A 1049 18.09 10.54 -35.80
CA GLN A 1049 19.50 10.16 -35.88
C GLN A 1049 19.97 9.33 -34.69
N TRP A 1050 19.84 9.87 -33.49
CA TRP A 1050 20.26 9.17 -32.27
C TRP A 1050 19.54 7.84 -32.06
N MET A 1051 18.26 7.79 -32.38
CA MET A 1051 17.50 6.55 -32.23
C MET A 1051 18.07 5.50 -33.18
N ARG A 1052 18.37 5.92 -34.41
CA ARG A 1052 18.91 5.01 -35.41
C ARG A 1052 20.31 4.53 -35.03
N ASP A 1053 21.18 5.46 -34.63
CA ASP A 1053 22.55 5.11 -34.28
C ASP A 1053 22.72 4.34 -32.97
N PHE A 1054 21.74 4.43 -32.08
CA PHE A 1054 21.82 3.71 -30.83
C PHE A 1054 21.07 2.39 -30.97
N GLY A 1055 20.65 2.11 -32.19
CA GLY A 1055 19.98 0.85 -32.49
C GLY A 1055 18.54 0.68 -32.01
N GLU A 1056 17.79 1.77 -31.94
CA GLU A 1056 16.41 1.69 -31.48
C GLU A 1056 15.41 2.21 -32.51
N SER A 1057 15.74 2.17 -33.79
CA SER A 1057 14.79 2.64 -34.81
C SER A 1057 13.60 1.68 -34.83
N LEU A 1058 13.87 0.40 -34.67
CA LEU A 1058 12.82 -0.62 -34.61
C LEU A 1058 13.11 -1.39 -33.33
N LEU A 1059 12.10 -2.06 -32.78
CA LEU A 1059 12.33 -2.79 -31.55
C LEU A 1059 13.22 -4.00 -31.79
N VAL A 1060 14.05 -4.31 -30.81
CA VAL A 1060 14.98 -5.43 -30.87
C VAL A 1060 15.25 -5.86 -29.43
N TYR A 1061 15.68 -7.10 -29.24
CA TYR A 1061 15.97 -7.57 -27.90
C TYR A 1061 17.28 -6.97 -27.37
N ARG A 1062 17.25 -6.49 -26.14
CA ARG A 1062 18.41 -5.90 -25.51
C ARG A 1062 18.59 -6.53 -24.13
N PRO A 1063 19.63 -7.35 -23.96
CA PRO A 1063 19.86 -7.99 -22.66
C PRO A 1063 20.16 -6.98 -21.57
N PRO A 1064 19.97 -7.37 -20.31
CA PRO A 1064 20.24 -6.47 -19.18
C PRO A 1064 21.70 -6.00 -19.22
N ILE A 1065 21.93 -4.73 -18.86
CA ILE A 1065 23.28 -4.18 -18.87
C ILE A 1065 24.10 -4.56 -17.64
N ASP A 1066 25.41 -4.37 -17.75
CA ASP A 1066 26.33 -4.66 -16.65
C ASP A 1066 26.72 -3.34 -15.97
N THR A 1067 26.41 -3.20 -14.70
CA THR A 1067 26.74 -1.97 -13.98
C THR A 1067 28.14 -2.07 -13.38
N ARG A 1068 28.73 -3.26 -13.44
CA ARG A 1068 30.08 -3.49 -12.92
C ARG A 1068 30.25 -2.91 -11.52
N SER A 1069 29.23 -3.07 -10.69
CA SER A 1069 29.29 -2.52 -9.34
C SER A 1069 29.68 -3.53 -8.27
N VAL A 1070 29.87 -4.78 -8.65
CA VAL A 1070 30.18 -5.82 -7.69
C VAL A 1070 31.60 -6.40 -7.63
N LYS A 1071 32.20 -6.66 -8.78
CA LYS A 1071 33.54 -7.26 -8.81
C LYS A 1071 34.69 -6.49 -8.15
N GLU A 1072 34.61 -5.17 -8.10
CA GLU A 1072 35.66 -4.36 -7.48
C GLU A 1072 35.60 -4.30 -5.96
N VAL A 1073 34.54 -4.82 -5.34
CA VAL A 1073 34.43 -4.75 -3.90
C VAL A 1073 34.20 -6.09 -3.21
N ILE A 1074 33.69 -7.06 -3.96
CA ILE A 1074 33.41 -8.38 -3.42
C ILE A 1074 34.66 -8.99 -2.77
N GLY A 1075 34.53 -9.37 -1.49
CA GLY A 1075 35.65 -9.98 -0.77
C GLY A 1075 36.63 -9.04 -0.10
N GLN A 1076 36.65 -7.78 -0.53
CA GLN A 1076 37.56 -6.80 0.03
C GLN A 1076 37.49 -6.62 1.56
N LYS A 1077 36.29 -6.70 2.11
CA LYS A 1077 36.10 -6.52 3.55
C LYS A 1077 35.40 -7.73 4.18
N SER A 1078 36.01 -8.90 4.08
CA SER A 1078 35.43 -10.12 4.62
C SER A 1078 35.09 -10.05 6.10
N ASN A 1079 34.01 -10.73 6.49
CA ASN A 1079 33.61 -10.77 7.89
C ASN A 1079 33.62 -12.22 8.33
N GLY A 1080 34.02 -13.10 7.42
CA GLY A 1080 34.09 -14.51 7.72
C GLY A 1080 33.02 -15.38 7.08
N ASN A 1081 31.91 -14.77 6.69
CA ASN A 1081 30.83 -15.52 6.06
C ASN A 1081 30.90 -15.40 4.55
N GLN A 1082 30.38 -16.40 3.86
CA GLN A 1082 30.40 -16.42 2.40
C GLN A 1082 29.62 -15.25 1.82
N GLU A 1083 30.10 -14.77 0.69
CA GLU A 1083 29.47 -13.67 -0.01
C GLU A 1083 29.01 -14.20 -1.36
N LYS A 1084 28.00 -13.58 -1.95
CA LYS A 1084 27.50 -14.03 -3.24
C LYS A 1084 26.80 -12.88 -3.96
N ALA A 1085 27.01 -12.78 -5.26
CA ALA A 1085 26.39 -11.73 -6.07
C ALA A 1085 24.99 -12.16 -6.52
N LEU A 1086 24.01 -11.28 -6.32
CA LEU A 1086 22.63 -11.57 -6.71
C LEU A 1086 21.99 -10.34 -7.37
N ASN A 1087 21.03 -10.57 -8.25
CA ASN A 1087 20.31 -9.50 -8.94
C ASN A 1087 19.45 -8.78 -7.90
N PHE A 1088 19.57 -7.46 -7.82
CA PHE A 1088 18.81 -6.68 -6.83
C PHE A 1088 17.56 -6.03 -7.40
N LEU A 1089 16.38 -6.54 -7.02
CA LEU A 1089 15.12 -5.99 -7.50
C LEU A 1089 14.35 -5.31 -6.37
N THR A 1090 13.67 -4.19 -6.68
CA THR A 1090 12.94 -3.46 -5.65
C THR A 1090 11.50 -3.09 -6.03
N PRO A 1091 10.60 -4.08 -6.08
CA PRO A 1091 9.20 -3.78 -6.41
C PRO A 1091 8.47 -3.02 -5.30
N HIS A 1092 7.39 -2.32 -5.64
CA HIS A 1092 6.63 -1.56 -4.65
C HIS A 1092 6.14 -2.46 -3.53
N GLN A 1093 6.49 -2.10 -2.30
CA GLN A 1093 6.12 -2.91 -1.14
C GLN A 1093 4.62 -3.02 -0.83
N LYS A 1094 4.32 -3.88 0.13
CA LYS A 1094 2.96 -4.15 0.54
C LYS A 1094 2.57 -3.39 1.80
N TRP A 1095 3.56 -2.96 2.57
CA TRP A 1095 3.29 -2.25 3.82
C TRP A 1095 3.62 -0.77 3.80
N GLY A 1096 3.41 -0.12 2.66
CA GLY A 1096 3.68 1.30 2.56
C GLY A 1096 3.69 1.80 1.13
N ILE A 1097 3.52 3.11 0.98
CA ILE A 1097 3.54 3.75 -0.34
C ILE A 1097 4.93 4.37 -0.36
N HIS A 1098 5.83 3.76 -1.12
CA HIS A 1098 7.21 4.23 -1.16
C HIS A 1098 7.69 4.13 0.28
N SER A 1099 8.00 5.26 0.93
CA SER A 1099 8.46 5.20 2.31
C SER A 1099 7.37 5.62 3.30
N THR A 1100 6.35 6.33 2.82
CA THR A 1100 5.25 6.75 3.69
C THR A 1100 4.72 5.46 4.31
N TYR A 1101 4.42 5.50 5.61
CA TYR A 1101 3.92 4.34 6.35
C TYR A 1101 5.03 3.38 6.77
N SER A 1102 6.23 3.54 6.21
CA SER A 1102 7.33 2.66 6.56
C SER A 1102 7.70 2.78 8.04
N ASP A 1103 7.20 3.83 8.70
CA ASP A 1103 7.47 4.02 10.12
C ASP A 1103 6.16 3.83 10.90
N ASN A 1104 5.07 3.58 10.17
CA ASN A 1104 3.75 3.39 10.76
C ASN A 1104 3.74 2.04 11.52
N LEU A 1105 3.50 2.08 12.83
CA LEU A 1105 3.50 0.87 13.63
C LEU A 1105 2.55 -0.23 13.16
N LEU A 1106 1.38 0.14 12.67
CA LEU A 1106 0.43 -0.86 12.17
C LEU A 1106 1.05 -1.60 10.99
N MET A 1107 1.61 -0.86 10.04
CA MET A 1107 2.22 -1.49 8.88
C MET A 1107 3.44 -2.31 9.29
N LEU A 1108 4.22 -1.81 10.23
CA LEU A 1108 5.40 -2.53 10.69
C LEU A 1108 5.05 -3.83 11.40
N THR A 1109 3.91 -3.82 12.10
CA THR A 1109 3.45 -4.98 12.83
C THR A 1109 2.89 -6.07 11.91
N LEU A 1110 2.26 -5.65 10.82
CA LEU A 1110 1.70 -6.60 9.86
C LEU A 1110 2.81 -7.11 8.92
N GLY A 1111 3.93 -6.40 8.89
CA GLY A 1111 5.04 -6.83 8.05
C GLY A 1111 6.02 -7.65 8.87
N ARG A 1112 7.30 -7.29 8.82
CA ARG A 1112 8.33 -8.01 9.56
C ARG A 1112 9.05 -7.11 10.57
N GLY A 1113 8.35 -6.10 11.08
CA GLY A 1113 8.93 -5.20 12.06
C GLY A 1113 10.07 -4.28 11.65
N GLY A 1114 10.24 -4.06 10.34
CA GLY A 1114 11.30 -3.20 9.90
C GLY A 1114 11.90 -3.67 8.59
N PRO A 1115 12.98 -3.02 8.12
CA PRO A 1115 13.67 -3.35 6.87
C PRO A 1115 14.06 -4.82 6.72
N VAL A 1116 13.63 -5.42 5.62
CA VAL A 1116 13.94 -6.81 5.33
C VAL A 1116 14.21 -6.99 3.85
N VAL A 1117 14.76 -8.16 3.50
CA VAL A 1117 15.08 -8.49 2.13
C VAL A 1117 14.70 -9.95 1.88
N TRP A 1118 14.12 -10.23 0.72
CA TRP A 1118 13.70 -11.59 0.39
C TRP A 1118 14.75 -12.32 -0.43
N LEU A 1119 14.95 -13.60 -0.11
CA LEU A 1119 15.92 -14.45 -0.80
C LEU A 1119 15.31 -15.83 -1.03
N SER A 1120 15.74 -16.50 -2.09
CA SER A 1120 15.24 -17.84 -2.37
C SER A 1120 15.87 -18.76 -1.33
N GLU A 1121 15.22 -19.89 -1.05
CA GLU A 1121 15.73 -20.85 -0.07
C GLU A 1121 17.14 -21.35 -0.43
N ALA A 1122 17.37 -21.61 -1.71
CA ALA A 1122 18.65 -22.11 -2.17
C ALA A 1122 19.77 -21.10 -1.85
N ASP A 1123 19.59 -19.87 -2.31
CA ASP A 1123 20.58 -18.82 -2.05
C ASP A 1123 20.82 -18.64 -0.54
N ALA A 1124 19.75 -18.62 0.24
CA ALA A 1124 19.87 -18.45 1.68
C ALA A 1124 20.65 -19.61 2.30
N LYS A 1125 20.30 -20.84 1.92
CA LYS A 1125 20.98 -22.03 2.45
C LYS A 1125 22.45 -22.03 2.06
N ASP A 1126 22.73 -21.62 0.82
CA ASP A 1126 24.09 -21.56 0.31
C ASP A 1126 24.92 -20.63 1.20
N LEU A 1127 24.37 -19.47 1.54
CA LEU A 1127 25.07 -18.50 2.37
C LEU A 1127 24.99 -18.74 3.87
N GLY A 1128 24.27 -19.77 4.28
CA GLY A 1128 24.15 -20.06 5.70
C GLY A 1128 23.20 -19.11 6.41
N ILE A 1129 22.27 -18.54 5.65
CA ILE A 1129 21.32 -17.59 6.19
C ILE A 1129 19.98 -18.24 6.55
N ALA A 1130 19.59 -18.09 7.81
CA ALA A 1130 18.32 -18.63 8.29
C ALA A 1130 17.28 -17.51 8.17
N ASP A 1131 16.01 -17.86 8.23
CA ASP A 1131 14.96 -16.86 8.13
C ASP A 1131 15.08 -15.87 9.29
N ASN A 1132 15.08 -14.58 8.93
CA ASN A 1132 15.19 -13.46 9.86
C ASN A 1132 16.58 -13.12 10.40
N ASP A 1133 17.61 -13.75 9.85
CA ASP A 1133 18.99 -13.43 10.28
C ASP A 1133 19.36 -12.03 9.76
N TRP A 1134 20.26 -11.34 10.45
CA TRP A 1134 20.69 -10.03 9.97
C TRP A 1134 21.63 -10.29 8.80
N ILE A 1135 21.48 -9.52 7.73
CA ILE A 1135 22.34 -9.71 6.57
C ILE A 1135 22.76 -8.34 6.03
N GLU A 1136 23.84 -8.32 5.26
CA GLU A 1136 24.31 -7.08 4.67
C GLU A 1136 24.34 -7.22 3.15
N VAL A 1137 23.85 -6.19 2.46
CA VAL A 1137 23.80 -6.17 1.02
C VAL A 1137 24.62 -4.96 0.59
N PHE A 1138 25.48 -5.12 -0.41
CA PHE A 1138 26.34 -4.01 -0.82
C PHE A 1138 27.04 -4.18 -2.15
N ASN A 1139 27.55 -3.05 -2.66
CA ASN A 1139 28.33 -3.02 -3.88
C ASN A 1139 29.14 -1.72 -3.87
N SER A 1140 29.58 -1.28 -5.04
CA SER A 1140 30.41 -0.07 -5.09
C SER A 1140 29.71 1.21 -4.64
N ASN A 1141 28.38 1.27 -4.81
CA ASN A 1141 27.60 2.45 -4.44
C ASN A 1141 27.34 2.62 -2.95
N GLY A 1142 27.49 1.56 -2.17
CA GLY A 1142 27.25 1.64 -0.74
C GLY A 1142 26.72 0.34 -0.16
N ALA A 1143 26.22 0.38 1.07
CA ALA A 1143 25.70 -0.83 1.70
C ALA A 1143 24.45 -0.61 2.54
N LEU A 1144 23.71 -1.68 2.77
CA LEU A 1144 22.51 -1.62 3.59
C LEU A 1144 22.45 -2.83 4.52
N THR A 1145 21.76 -2.69 5.64
CA THR A 1145 21.60 -3.80 6.57
C THR A 1145 20.10 -4.13 6.66
N ALA A 1146 19.76 -5.40 6.78
CA ALA A 1146 18.37 -5.79 6.89
C ALA A 1146 18.26 -7.21 7.43
N ARG A 1147 17.02 -7.68 7.57
CA ARG A 1147 16.79 -9.03 8.03
C ARG A 1147 16.25 -9.81 6.85
N ALA A 1148 16.67 -11.06 6.74
CA ALA A 1148 16.25 -11.91 5.66
C ALA A 1148 14.86 -12.50 5.82
N VAL A 1149 14.24 -12.72 4.67
CA VAL A 1149 12.95 -13.39 4.59
C VAL A 1149 13.30 -14.46 3.58
N VAL A 1150 13.31 -15.72 4.01
CA VAL A 1150 13.63 -16.81 3.12
C VAL A 1150 12.33 -17.35 2.55
N SER A 1151 12.26 -17.47 1.23
CA SER A 1151 11.04 -17.96 0.60
C SER A 1151 11.22 -18.71 -0.71
N GLN A 1152 10.33 -19.66 -0.94
CA GLN A 1152 10.33 -20.48 -2.13
C GLN A 1152 9.84 -19.73 -3.36
N ARG A 1153 9.04 -18.70 -3.16
CA ARG A 1153 8.50 -17.98 -4.31
C ARG A 1153 9.50 -17.01 -4.94
N VAL A 1154 10.70 -16.96 -4.38
CA VAL A 1154 11.76 -16.11 -4.92
C VAL A 1154 12.67 -17.01 -5.73
N PRO A 1155 12.78 -16.77 -7.05
CA PRO A 1155 13.65 -17.62 -7.87
C PRO A 1155 15.13 -17.37 -7.56
N ALA A 1156 15.92 -18.45 -7.57
CA ALA A 1156 17.35 -18.34 -7.29
C ALA A 1156 17.99 -17.33 -8.24
N GLY A 1157 19.01 -16.64 -7.75
CA GLY A 1157 19.69 -15.65 -8.56
C GLY A 1157 19.18 -14.25 -8.31
N MET A 1158 17.99 -14.12 -7.74
CA MET A 1158 17.47 -12.79 -7.47
C MET A 1158 17.12 -12.57 -6.01
N THR A 1159 17.18 -11.32 -5.61
CA THR A 1159 16.84 -10.91 -4.26
C THR A 1159 15.94 -9.69 -4.42
N MET A 1160 14.98 -9.53 -3.51
CA MET A 1160 14.10 -8.38 -3.62
C MET A 1160 13.81 -7.69 -2.30
N MET A 1161 14.05 -6.38 -2.30
CA MET A 1161 13.80 -5.55 -1.14
C MET A 1161 12.72 -4.58 -1.59
N TYR A 1162 11.49 -4.87 -1.18
CA TYR A 1162 10.37 -4.03 -1.55
C TYR A 1162 10.61 -2.54 -1.30
N HIS A 1163 10.25 -1.76 -2.31
CA HIS A 1163 10.45 -0.32 -2.37
C HIS A 1163 9.70 0.38 -1.24
N ALA A 1164 10.59 1.18 -0.70
CA ALA A 1164 11.13 1.83 0.43
C ALA A 1164 10.72 1.56 1.83
N GLN A 1165 11.74 1.27 2.63
CA GLN A 1165 11.56 0.96 4.05
C GLN A 1165 12.43 1.90 4.86
N GLU A 1166 12.93 2.91 4.16
CA GLU A 1166 13.79 3.96 4.67
C GLU A 1166 14.84 3.69 5.76
N ARG A 1167 15.38 4.76 6.32
CA ARG A 1167 16.49 4.68 7.27
C ARG A 1167 16.27 5.07 8.74
N ILE A 1168 15.03 5.14 9.22
CA ILE A 1168 14.85 5.55 10.60
C ILE A 1168 14.44 4.48 11.61
N VAL A 1169 14.04 3.31 11.12
CA VAL A 1169 13.60 2.26 12.04
C VAL A 1169 14.35 0.93 11.98
N ASN A 1170 14.71 0.42 13.16
CA ASN A 1170 15.32 -0.89 13.30
C ASN A 1170 16.46 -1.25 12.33
N LEU A 1171 17.47 -0.39 12.26
CA LEU A 1171 18.64 -0.61 11.40
C LEU A 1171 19.90 -0.55 12.24
N PRO A 1172 20.70 -1.62 12.24
CA PRO A 1172 21.93 -1.61 13.03
C PRO A 1172 23.12 -1.04 12.25
N GLY A 1173 24.27 -0.94 12.92
CA GLY A 1173 25.46 -0.44 12.27
C GLY A 1173 25.92 -1.39 11.19
N SER A 1174 26.54 -0.85 10.14
CA SER A 1174 27.06 -1.64 9.02
C SER A 1174 28.48 -2.12 9.28
N GLU A 1175 28.79 -3.37 8.93
CA GLU A 1175 30.15 -3.88 9.11
C GLU A 1175 31.02 -3.40 7.96
N ILE A 1176 30.39 -3.02 6.85
CA ILE A 1176 31.12 -2.56 5.66
C ILE A 1176 31.55 -1.08 5.72
N THR A 1177 30.66 -0.21 6.24
CA THR A 1177 30.96 1.22 6.31
C THR A 1177 31.23 1.72 7.73
N GLN A 1178 30.91 0.89 8.73
CA GLN A 1178 31.11 1.28 10.13
C GLN A 1178 30.16 2.41 10.52
N GLN A 1179 29.16 2.64 9.67
CA GLN A 1179 28.16 3.68 9.91
C GLN A 1179 26.80 2.99 10.05
N ARG A 1180 25.76 3.78 10.27
CA ARG A 1180 24.42 3.23 10.37
C ARG A 1180 24.14 2.54 9.03
N GLY A 1181 23.49 1.39 9.05
CA GLY A 1181 23.19 0.69 7.81
C GLY A 1181 22.45 1.59 6.84
N GLY A 1182 22.67 1.41 5.55
CA GLY A 1182 21.99 2.22 4.55
C GLY A 1182 20.63 1.68 4.14
N ILE A 1183 20.12 2.19 3.02
CA ILE A 1183 18.81 1.75 2.51
C ILE A 1183 18.92 1.18 1.10
N HIS A 1184 17.78 0.84 0.50
CA HIS A 1184 17.84 0.24 -0.82
C HIS A 1184 18.56 1.09 -1.85
N ASN A 1185 18.49 2.41 -1.70
CA ASN A 1185 19.17 3.27 -2.65
C ASN A 1185 20.63 3.53 -2.33
N SER A 1186 21.14 2.87 -1.29
CA SER A 1186 22.55 3.00 -0.93
C SER A 1186 23.35 2.13 -1.91
N VAL A 1187 22.65 1.24 -2.62
CA VAL A 1187 23.31 0.36 -3.58
C VAL A 1187 22.96 0.62 -5.04
N THR A 1188 22.30 1.74 -5.31
CA THR A 1188 21.96 2.07 -6.70
C THR A 1188 22.72 3.34 -7.07
N ARG A 1189 22.66 3.70 -8.35
CA ARG A 1189 23.31 4.90 -8.83
C ARG A 1189 22.68 5.24 -10.18
N ILE A 1190 22.51 6.52 -10.46
CA ILE A 1190 21.93 6.96 -11.71
C ILE A 1190 22.87 6.69 -12.89
N THR A 1191 22.30 6.16 -13.98
CA THR A 1191 23.03 5.91 -15.21
C THR A 1191 22.04 6.24 -16.32
N PRO A 1192 22.22 7.39 -16.97
CA PRO A 1192 21.36 7.86 -18.06
C PRO A 1192 21.50 7.08 -19.37
N LYS A 1193 20.48 7.21 -20.22
CA LYS A 1193 20.47 6.57 -21.52
C LYS A 1193 20.25 7.67 -22.57
N PRO A 1194 21.20 7.84 -23.50
CA PRO A 1194 21.16 8.85 -24.57
C PRO A 1194 19.84 9.05 -25.30
N THR A 1195 19.17 7.97 -25.66
CA THR A 1195 17.90 8.07 -26.39
C THR A 1195 16.82 8.83 -25.61
N HIS A 1196 16.97 8.88 -24.29
CA HIS A 1196 16.01 9.57 -23.45
C HIS A 1196 16.37 11.04 -23.34
N MET A 1197 17.27 11.49 -24.21
CA MET A 1197 17.73 12.88 -24.23
C MET A 1197 17.36 13.59 -25.54
N ILE A 1198 16.86 12.86 -26.54
CA ILE A 1198 16.49 13.46 -27.81
C ILE A 1198 15.47 14.58 -27.60
N GLY A 1199 15.70 15.70 -28.27
CA GLY A 1199 14.80 16.84 -28.16
C GLY A 1199 14.62 17.54 -29.50
N GLY A 1200 13.75 18.54 -29.54
CA GLY A 1200 13.50 19.28 -30.77
C GLY A 1200 13.16 18.42 -31.97
N TYR A 1201 12.33 17.39 -31.76
CA TYR A 1201 11.96 16.52 -32.86
C TYR A 1201 10.55 15.97 -32.69
N ALA A 1202 9.55 16.79 -33.05
CA ALA A 1202 8.14 16.40 -32.95
C ALA A 1202 7.81 15.72 -31.62
N HIS A 1203 7.44 14.45 -31.68
CA HIS A 1203 7.08 13.72 -30.46
C HIS A 1203 8.25 13.62 -29.49
N LEU A 1204 9.47 13.83 -29.97
CA LEU A 1204 10.64 13.76 -29.11
C LEU A 1204 11.16 15.14 -28.78
N ALA A 1205 10.32 15.91 -28.08
CA ALA A 1205 10.67 17.27 -27.64
C ALA A 1205 10.36 17.30 -26.15
N TYR A 1206 10.88 18.27 -25.42
CA TYR A 1206 10.68 18.33 -23.99
C TYR A 1206 9.31 18.76 -23.46
N GLY A 1207 9.07 18.34 -22.23
CA GLY A 1207 7.86 18.63 -21.49
C GLY A 1207 8.13 18.25 -20.05
N PHE A 1208 7.64 19.05 -19.11
CA PHE A 1208 7.82 18.74 -17.70
C PHE A 1208 7.18 17.37 -17.43
N ASN A 1209 8.00 16.41 -17.00
CA ASN A 1209 7.53 15.04 -16.73
C ASN A 1209 7.13 14.28 -17.99
N TYR A 1210 7.29 14.91 -19.16
CA TYR A 1210 6.93 14.27 -20.43
C TYR A 1210 8.05 13.43 -21.03
N TYR A 1211 9.27 13.94 -20.97
CA TYR A 1211 10.42 13.19 -21.50
C TYR A 1211 11.66 13.52 -20.67
N GLY A 1212 12.73 12.74 -20.87
CA GLY A 1212 13.95 12.96 -20.11
C GLY A 1212 14.54 11.66 -19.61
N THR A 1213 15.74 11.73 -19.05
CA THR A 1213 16.39 10.54 -18.54
C THR A 1213 15.64 9.96 -17.33
N VAL A 1214 15.68 8.64 -17.19
CA VAL A 1214 14.99 7.95 -16.10
C VAL A 1214 15.96 7.18 -15.20
N GLY A 1215 15.60 7.06 -13.93
CA GLY A 1215 16.46 6.34 -12.99
C GLY A 1215 16.14 4.86 -12.88
N SER A 1216 16.40 4.12 -13.95
CA SER A 1216 16.15 2.69 -13.98
C SER A 1216 17.32 1.96 -13.32
N ASN A 1217 17.04 0.91 -12.56
CA ASN A 1217 18.11 0.18 -11.88
C ASN A 1217 17.87 -1.29 -11.53
N ARG A 1218 16.99 -1.97 -12.25
CA ARG A 1218 16.76 -3.37 -11.94
C ARG A 1218 17.89 -4.26 -12.46
N ASP A 1219 18.78 -3.69 -13.26
CA ASP A 1219 19.91 -4.43 -13.82
C ASP A 1219 20.99 -4.62 -12.75
N GLU A 1220 20.88 -3.81 -11.70
CA GLU A 1220 21.83 -3.81 -10.59
C GLU A 1220 22.04 -5.14 -9.87
N PHE A 1221 23.29 -5.42 -9.49
CA PHE A 1221 23.64 -6.63 -8.74
C PHE A 1221 24.27 -6.20 -7.43
N VAL A 1222 24.09 -6.99 -6.39
CA VAL A 1222 24.63 -6.68 -5.08
C VAL A 1222 25.28 -7.91 -4.47
N VAL A 1223 26.19 -7.68 -3.53
CA VAL A 1223 26.86 -8.76 -2.82
C VAL A 1223 26.03 -8.99 -1.57
N VAL A 1224 25.72 -10.24 -1.27
CA VAL A 1224 24.92 -10.56 -0.09
C VAL A 1224 25.68 -11.48 0.84
N ARG A 1225 25.50 -11.28 2.14
CA ARG A 1225 26.16 -12.12 3.13
C ARG A 1225 25.50 -11.99 4.50
N LYS A 1226 25.70 -13.00 5.34
CA LYS A 1226 25.16 -12.98 6.69
C LYS A 1226 26.04 -12.06 7.53
N MET A 1227 25.43 -11.30 8.43
CA MET A 1227 26.23 -10.41 9.27
C MET A 1227 26.81 -11.18 10.45
N LYS A 1228 27.90 -10.66 11.00
CA LYS A 1228 28.57 -11.28 12.14
C LYS A 1228 28.25 -10.48 13.39
N ASN A 1229 28.83 -9.29 13.49
CA ASN A 1229 28.60 -8.42 14.62
C ASN A 1229 27.42 -7.48 14.38
N ILE A 1230 26.52 -7.41 15.34
CA ILE A 1230 25.38 -6.52 15.24
C ILE A 1230 25.57 -5.44 16.30
N ASP A 1231 26.20 -4.33 15.89
CA ASP A 1231 26.46 -3.20 16.77
C ASP A 1231 25.49 -2.07 16.42
N TRP A 1232 24.80 -1.54 17.42
CA TRP A 1232 23.84 -0.49 17.16
C TRP A 1232 24.37 0.94 17.18
N LEU A 1233 25.61 1.12 17.61
CA LEU A 1233 26.25 2.44 17.62
C LEU A 1233 25.46 3.49 18.40
N ASP A 1234 24.82 3.10 19.49
CA ASP A 1234 24.02 4.03 20.27
C ASP A 1234 24.46 4.12 21.73
N GLY A 1235 25.55 3.44 22.06
CA GLY A 1235 26.06 3.49 23.42
C GLY A 1235 25.14 2.84 24.44
N GLU A 1236 24.26 1.96 23.99
CA GLU A 1236 23.32 1.29 24.88
C GLU A 1236 23.90 0.01 25.48
N GLY A 1237 24.91 -0.56 24.83
CA GLY A 1237 25.49 -1.79 25.34
C GLY A 1237 24.61 -2.98 25.02
N ASN A 1238 23.67 -2.79 24.10
CA ASN A 1238 22.75 -3.84 23.69
C ASN A 1238 23.09 -4.37 22.32
N ASP A 1239 24.32 -4.86 22.15
CA ASP A 1239 24.77 -5.40 20.87
C ASP A 1239 24.74 -6.93 20.86
N GLN A 1240 24.73 -7.51 19.66
CA GLN A 1240 24.67 -8.95 19.52
C GLN A 1240 25.72 -9.44 18.54
N VAL A 1241 25.91 -10.75 18.53
CA VAL A 1241 26.85 -11.41 17.64
C VAL A 1241 26.18 -12.63 17.03
N GLN A 1242 26.22 -12.75 15.71
CA GLN A 1242 25.63 -13.89 15.03
C GLN A 1242 26.79 -14.83 14.70
N GLU A 1243 26.58 -16.14 14.83
CA GLU A 1243 27.65 -17.09 14.55
C GLU A 1243 27.28 -18.12 13.49
N MET B 1 -38.82 -27.57 17.45
CA MET B 1 -38.73 -26.54 16.38
C MET B 1 -38.79 -25.14 16.96
N LYS B 2 -37.62 -24.49 17.04
CA LYS B 2 -37.51 -23.12 17.54
C LYS B 2 -36.70 -22.30 16.54
N ILE B 3 -37.37 -21.46 15.76
CA ILE B 3 -36.69 -20.66 14.77
C ILE B 3 -36.01 -19.45 15.38
N ARG B 4 -34.73 -19.27 15.04
CA ARG B 4 -33.95 -18.12 15.49
C ARG B 4 -33.27 -17.59 14.25
N SER B 5 -32.83 -16.35 14.29
CA SER B 5 -32.17 -15.77 13.13
C SER B 5 -30.78 -15.29 13.47
N GLN B 6 -29.97 -15.15 12.43
CA GLN B 6 -28.60 -14.70 12.60
C GLN B 6 -28.10 -14.20 11.27
N VAL B 7 -27.29 -13.15 11.32
CA VAL B 7 -26.72 -12.61 10.09
C VAL B 7 -25.44 -13.43 9.89
N GLY B 8 -25.42 -14.22 8.82
CA GLY B 8 -24.25 -15.02 8.54
C GLY B 8 -23.33 -14.26 7.62
N MET B 9 -22.15 -14.79 7.39
CA MET B 9 -21.18 -14.16 6.50
C MET B 9 -20.50 -15.20 5.62
N VAL B 10 -20.33 -14.84 4.35
CA VAL B 10 -19.65 -15.69 3.38
C VAL B 10 -18.50 -14.87 2.80
N LEU B 11 -17.32 -15.46 2.72
CA LEU B 11 -16.17 -14.76 2.14
C LEU B 11 -15.74 -15.51 0.88
N ASN B 12 -15.68 -14.80 -0.25
CA ASN B 12 -15.28 -15.43 -1.50
C ASN B 12 -13.75 -15.40 -1.60
N LEU B 13 -13.13 -16.53 -1.25
CA LEU B 13 -11.68 -16.62 -1.27
C LEU B 13 -11.10 -16.46 -2.65
N ASP B 14 -11.92 -16.68 -3.68
CA ASP B 14 -11.45 -16.54 -5.06
C ASP B 14 -11.15 -15.08 -5.39
N LYS B 15 -11.82 -14.15 -4.70
CA LYS B 15 -11.58 -12.74 -4.94
C LYS B 15 -10.64 -12.07 -3.94
N CYS B 16 -10.29 -12.75 -2.86
CA CYS B 16 -9.43 -12.15 -1.85
C CYS B 16 -8.04 -11.90 -2.41
N ILE B 17 -7.56 -10.67 -2.24
CA ILE B 17 -6.26 -10.25 -2.73
C ILE B 17 -5.23 -10.17 -1.59
N GLY B 18 -5.60 -10.66 -0.41
CA GLY B 18 -4.71 -10.66 0.74
C GLY B 18 -4.14 -9.32 1.13
N CYS B 19 -4.97 -8.29 1.17
CA CYS B 19 -4.48 -6.96 1.49
C CYS B 19 -4.47 -6.58 2.97
N HIS B 20 -5.29 -7.23 3.79
CA HIS B 20 -5.32 -6.93 5.23
C HIS B 20 -6.04 -5.65 5.66
N THR B 21 -6.68 -4.94 4.72
CA THR B 21 -7.38 -3.71 5.10
C THR B 21 -8.38 -4.03 6.21
N CYS B 22 -9.09 -5.14 6.04
CA CYS B 22 -10.08 -5.62 7.00
C CYS B 22 -9.48 -5.74 8.40
N SER B 23 -8.23 -6.19 8.47
CA SER B 23 -7.52 -6.36 9.73
C SER B 23 -7.19 -5.02 10.39
N VAL B 24 -6.78 -4.05 9.58
CA VAL B 24 -6.41 -2.73 10.09
C VAL B 24 -7.61 -1.94 10.61
N THR B 25 -8.70 -1.91 9.85
CA THR B 25 -9.87 -1.16 10.29
C THR B 25 -10.45 -1.74 11.60
N CYS B 26 -10.46 -3.07 11.75
CA CYS B 26 -10.95 -3.68 13.00
C CYS B 26 -10.04 -3.25 14.15
N LYS B 27 -8.74 -3.38 13.94
CA LYS B 27 -7.76 -3.01 14.95
C LYS B 27 -7.96 -1.57 15.41
N ASN B 28 -8.06 -0.64 14.47
CA ASN B 28 -8.24 0.78 14.81
C ASN B 28 -9.45 1.04 15.69
N VAL B 29 -10.56 0.40 15.37
CA VAL B 29 -11.77 0.60 16.15
C VAL B 29 -11.83 -0.14 17.49
N TRP B 30 -11.62 -1.45 17.46
CA TRP B 30 -11.80 -2.25 18.66
C TRP B 30 -10.65 -2.72 19.52
N THR B 31 -9.46 -2.89 18.97
CA THR B 31 -8.36 -3.42 19.76
C THR B 31 -7.05 -2.64 19.83
N SER B 32 -7.13 -1.33 19.97
CA SER B 32 -5.93 -0.53 20.05
C SER B 32 -5.51 -0.26 21.50
N ARG B 33 -6.30 -0.77 22.44
CA ARG B 33 -6.01 -0.58 23.86
C ARG B 33 -4.86 -1.47 24.32
N GLU B 34 -4.18 -1.03 25.38
CA GLU B 34 -3.10 -1.80 25.97
C GLU B 34 -3.80 -3.02 26.60
N GLY B 35 -3.29 -4.22 26.35
CA GLY B 35 -3.91 -5.40 26.89
C GLY B 35 -4.41 -6.29 25.77
N VAL B 36 -4.79 -5.66 24.65
CA VAL B 36 -5.26 -6.39 23.48
C VAL B 36 -4.59 -5.87 22.22
N GLU B 37 -3.47 -5.17 22.38
CA GLU B 37 -2.75 -4.63 21.23
C GLU B 37 -2.28 -5.77 20.33
N TYR B 38 -2.02 -6.93 20.94
CA TYR B 38 -1.54 -8.09 20.19
C TYR B 38 -2.71 -8.89 19.57
N ALA B 39 -3.93 -8.54 19.94
CA ALA B 39 -5.10 -9.26 19.45
C ALA B 39 -5.68 -8.74 18.13
N TRP B 40 -5.91 -9.64 17.19
CA TRP B 40 -6.47 -9.25 15.90
C TRP B 40 -7.78 -10.00 15.66
N PHE B 41 -8.90 -9.44 16.12
CA PHE B 41 -10.21 -10.07 15.96
C PHE B 41 -10.36 -10.60 14.53
N ASN B 42 -9.91 -9.79 13.58
CA ASN B 42 -9.91 -10.20 12.18
C ASN B 42 -8.43 -10.29 11.83
N ASN B 43 -8.00 -11.38 11.20
CA ASN B 43 -6.61 -11.52 10.80
C ASN B 43 -6.60 -12.34 9.53
N VAL B 44 -5.64 -12.06 8.66
CA VAL B 44 -5.54 -12.77 7.39
C VAL B 44 -4.28 -13.60 7.38
N GLU B 45 -4.42 -14.88 7.08
CA GLU B 45 -3.28 -15.78 7.05
C GLU B 45 -3.01 -16.25 5.64
N THR B 46 -1.74 -16.40 5.31
CA THR B 46 -1.40 -16.90 3.98
C THR B 46 -1.18 -18.41 4.12
N LYS B 47 -1.78 -19.17 3.22
CA LYS B 47 -1.64 -20.62 3.23
C LYS B 47 -0.84 -21.05 2.01
N PRO B 48 0.00 -22.07 2.14
CA PRO B 48 0.27 -22.88 3.34
C PRO B 48 0.94 -22.09 4.47
N GLY B 49 0.65 -22.48 5.70
CA GLY B 49 1.21 -21.82 6.87
C GLY B 49 0.60 -22.37 8.15
N GLN B 50 1.07 -21.88 9.29
CA GLN B 50 0.53 -22.35 10.56
C GLN B 50 -0.39 -21.33 11.22
N GLY B 51 -0.44 -20.13 10.65
CA GLY B 51 -1.34 -19.12 11.17
C GLY B 51 -1.06 -18.42 12.48
N PHE B 52 -2.11 -17.78 12.99
CA PHE B 52 -2.06 -16.99 14.21
C PHE B 52 -3.26 -17.32 15.11
N PRO B 53 -3.01 -17.86 16.31
CA PRO B 53 -1.70 -18.18 16.85
C PRO B 53 -1.11 -19.38 16.11
N THR B 54 0.19 -19.58 16.27
CA THR B 54 0.90 -20.66 15.59
C THR B 54 0.29 -22.04 15.78
N ASP B 55 -0.13 -22.65 14.67
CA ASP B 55 -0.70 -23.99 14.64
C ASP B 55 -2.06 -24.11 15.32
N TRP B 56 -2.86 -23.04 15.27
CA TRP B 56 -4.17 -23.05 15.91
C TRP B 56 -5.08 -24.19 15.47
N GLU B 57 -4.84 -24.71 14.28
CA GLU B 57 -5.65 -25.80 13.72
C GLU B 57 -5.34 -27.17 14.30
N ASN B 58 -4.24 -27.24 15.06
CA ASN B 58 -3.82 -28.49 15.68
C ASN B 58 -4.58 -28.71 16.99
N GLN B 59 -5.73 -29.35 16.93
CA GLN B 59 -6.53 -29.55 18.13
C GLN B 59 -5.95 -30.59 19.10
N GLU B 60 -5.04 -31.42 18.61
CA GLU B 60 -4.40 -32.42 19.47
C GLU B 60 -3.52 -31.68 20.47
N LYS B 61 -2.94 -30.59 20.01
CA LYS B 61 -2.09 -29.77 20.86
C LYS B 61 -2.91 -28.76 21.66
N TYR B 62 -3.78 -28.01 20.99
CA TYR B 62 -4.57 -26.97 21.64
C TYR B 62 -5.87 -27.38 22.34
N LYS B 63 -6.38 -28.58 22.05
CA LYS B 63 -7.60 -29.07 22.70
C LYS B 63 -8.87 -28.28 22.45
N GLY B 64 -8.98 -27.67 21.28
CA GLY B 64 -10.17 -26.89 20.99
C GLY B 64 -11.31 -27.70 20.41
N GLY B 65 -12.51 -27.13 20.47
CA GLY B 65 -13.68 -27.76 19.89
C GLY B 65 -14.36 -28.88 20.68
N TRP B 66 -15.19 -29.63 19.97
CA TRP B 66 -15.94 -30.74 20.57
C TRP B 66 -15.48 -32.11 20.09
N ILE B 67 -15.83 -33.14 20.85
CA ILE B 67 -15.55 -34.50 20.46
C ILE B 67 -16.86 -35.24 20.67
N ARG B 68 -17.09 -36.28 19.88
CA ARG B 68 -18.30 -37.08 20.02
C ARG B 68 -17.88 -38.37 20.72
N LYS B 69 -18.39 -38.58 21.93
CA LYS B 69 -18.06 -39.78 22.69
C LYS B 69 -18.67 -41.03 22.06
N ILE B 70 -18.23 -42.19 22.51
CA ILE B 70 -18.72 -43.47 21.98
C ILE B 70 -20.22 -43.61 22.22
N ASN B 71 -20.70 -43.08 23.35
CA ASN B 71 -22.13 -43.16 23.67
C ASN B 71 -22.95 -42.17 22.86
N GLY B 72 -22.31 -41.46 21.92
CA GLY B 72 -23.01 -40.50 21.08
C GLY B 72 -23.14 -39.07 21.59
N LYS B 73 -22.80 -38.84 22.86
CA LYS B 73 -22.92 -37.50 23.43
C LYS B 73 -21.73 -36.60 23.12
N LEU B 74 -21.98 -35.30 23.18
CA LEU B 74 -20.99 -34.26 22.92
C LEU B 74 -20.28 -33.80 24.18
N GLN B 75 -18.98 -33.54 24.07
CA GLN B 75 -18.17 -33.07 25.18
C GLN B 75 -17.02 -32.21 24.65
N PRO B 76 -16.69 -31.11 25.33
CA PRO B 76 -15.59 -30.30 24.83
C PRO B 76 -14.33 -31.14 24.85
N ARG B 77 -13.47 -30.98 23.85
CA ARG B 77 -12.24 -31.74 23.78
C ARG B 77 -11.44 -31.48 25.06
N MET B 78 -11.61 -30.30 25.64
CA MET B 78 -10.92 -29.90 26.89
C MET B 78 -11.24 -30.84 28.03
N GLY B 79 -12.45 -31.41 27.99
CA GLY B 79 -12.88 -32.33 29.03
C GLY B 79 -14.28 -32.00 29.51
N ASN B 80 -14.89 -32.91 30.27
CA ASN B 80 -16.23 -32.67 30.78
C ASN B 80 -16.15 -31.57 31.85
N ARG B 81 -17.26 -31.27 32.49
CA ARG B 81 -17.27 -30.22 33.50
C ARG B 81 -16.26 -30.42 34.62
N ALA B 82 -16.19 -31.61 35.19
CA ALA B 82 -15.23 -31.87 36.27
C ALA B 82 -13.81 -31.74 35.76
N MET B 83 -13.51 -32.37 34.64
CA MET B 83 -12.18 -32.32 34.04
C MET B 83 -11.73 -30.87 33.81
N LEU B 84 -12.62 -30.05 33.26
CA LEU B 84 -12.31 -28.65 32.99
C LEU B 84 -12.03 -27.88 34.29
N LEU B 85 -12.86 -28.10 35.30
CA LEU B 85 -12.70 -27.43 36.60
C LEU B 85 -11.36 -27.82 37.22
N GLY B 86 -10.96 -29.07 37.01
CA GLY B 86 -9.70 -29.53 37.54
C GLY B 86 -8.47 -28.86 36.94
N LYS B 87 -8.65 -28.14 35.83
CA LYS B 87 -7.52 -27.46 35.18
C LYS B 87 -7.54 -25.94 35.43
N ILE B 88 -8.47 -25.48 36.25
CA ILE B 88 -8.64 -24.06 36.51
C ILE B 88 -7.43 -23.31 37.09
N PHE B 89 -6.68 -23.92 38.00
CA PHE B 89 -5.54 -23.22 38.60
C PHE B 89 -4.42 -22.91 37.62
N ALA B 90 -4.37 -23.67 36.53
CA ALA B 90 -3.35 -23.47 35.49
C ALA B 90 -3.73 -24.26 34.24
N ASN B 91 -4.43 -23.61 33.32
CA ASN B 91 -4.86 -24.23 32.07
C ASN B 91 -3.60 -24.80 31.39
N PRO B 92 -3.50 -26.14 31.31
CA PRO B 92 -2.32 -26.74 30.69
C PRO B 92 -2.18 -26.59 29.17
N HIS B 93 -3.26 -26.21 28.51
CA HIS B 93 -3.26 -26.07 27.05
C HIS B 93 -3.20 -24.63 26.57
N LEU B 94 -3.28 -23.70 27.52
CA LEU B 94 -3.28 -22.27 27.20
C LEU B 94 -2.16 -21.79 26.29
N PRO B 95 -2.52 -21.11 25.19
CA PRO B 95 -1.49 -20.59 24.28
C PRO B 95 -0.80 -19.41 24.97
N GLY B 96 0.53 -19.38 24.92
CA GLY B 96 1.27 -18.31 25.56
C GLY B 96 1.41 -17.10 24.64
N ILE B 97 1.82 -15.96 25.18
CA ILE B 97 1.94 -14.76 24.36
C ILE B 97 2.87 -14.97 23.17
N ASP B 98 3.88 -15.79 23.35
CA ASP B 98 4.83 -16.07 22.29
C ASP B 98 4.23 -16.88 21.14
N ASP B 99 3.09 -17.54 21.40
CA ASP B 99 2.42 -18.31 20.36
C ASP B 99 1.74 -17.33 19.41
N TYR B 100 1.55 -16.10 19.88
CA TYR B 100 0.96 -15.04 19.08
C TYR B 100 2.19 -14.28 18.58
N TYR B 101 2.73 -13.44 19.45
CA TYR B 101 3.95 -12.66 19.22
C TYR B 101 4.05 -11.64 20.34
N GLU B 102 5.26 -11.21 20.66
CA GLU B 102 5.44 -10.20 21.70
C GLU B 102 5.19 -8.86 21.02
N PRO B 103 4.13 -8.15 21.44
CA PRO B 103 3.80 -6.85 20.86
C PRO B 103 4.93 -5.85 21.11
N PHE B 104 5.29 -5.12 20.07
CA PHE B 104 6.39 -4.17 20.14
C PHE B 104 6.06 -2.77 19.64
N ASP B 105 6.97 -1.85 19.94
CA ASP B 105 6.85 -0.45 19.52
C ASP B 105 8.27 -0.02 19.23
N PHE B 106 8.46 1.21 18.76
CA PHE B 106 9.81 1.69 18.46
C PHE B 106 10.04 3.01 19.18
N ASP B 107 11.31 3.30 19.48
CA ASP B 107 11.66 4.54 20.16
C ASP B 107 11.84 5.70 19.17
N TYR B 108 10.74 6.10 18.55
CA TYR B 108 10.71 7.20 17.60
C TYR B 108 11.31 8.48 18.17
N GLN B 109 11.01 8.76 19.43
CA GLN B 109 11.49 9.97 20.08
C GLN B 109 13.00 10.11 20.07
N ASN B 110 13.72 9.00 19.92
CA ASN B 110 15.17 9.08 19.89
C ASN B 110 15.60 9.82 18.62
N LEU B 111 14.76 9.77 17.59
CA LEU B 111 15.05 10.45 16.33
C LEU B 111 14.91 11.96 16.54
N HIS B 112 14.05 12.33 17.49
CA HIS B 112 13.80 13.73 17.78
C HIS B 112 14.77 14.32 18.80
N THR B 113 15.02 13.57 19.87
CA THR B 113 15.87 14.05 20.94
C THR B 113 17.36 13.71 20.90
N ALA B 114 17.81 12.97 19.90
CA ALA B 114 19.23 12.62 19.80
C ALA B 114 20.08 13.87 20.01
N PRO B 115 21.08 13.79 20.91
CA PRO B 115 21.97 14.92 21.23
C PRO B 115 22.91 15.32 20.11
N GLU B 116 23.31 16.58 20.12
CA GLU B 116 24.23 17.11 19.12
C GLU B 116 25.56 16.33 19.20
N GLY B 117 26.20 16.14 18.07
CA GLY B 117 27.47 15.43 18.06
C GLY B 117 27.41 13.92 18.26
N SER B 118 26.38 13.27 17.72
CA SER B 118 26.25 11.83 17.82
C SER B 118 27.29 11.23 16.88
N LYS B 119 27.88 10.10 17.27
CA LYS B 119 28.88 9.46 16.44
C LYS B 119 28.29 8.71 15.25
N SER B 120 26.97 8.61 15.22
CA SER B 120 26.28 7.92 14.14
C SER B 120 24.86 8.41 14.02
N GLN B 121 24.23 8.14 12.89
CA GLN B 121 22.86 8.57 12.68
C GLN B 121 21.93 7.95 13.72
N PRO B 122 21.10 8.77 14.39
CA PRO B 122 20.21 8.16 15.38
C PRO B 122 19.21 7.23 14.70
N ILE B 123 18.65 6.32 15.47
CA ILE B 123 17.71 5.35 14.92
C ILE B 123 16.68 4.94 15.98
N ALA B 124 15.54 4.42 15.55
CA ALA B 124 14.50 4.00 16.47
C ALA B 124 14.50 2.47 16.62
N ARG B 125 14.89 2.00 17.79
CA ARG B 125 14.94 0.56 18.05
C ARG B 125 13.64 0.04 18.68
N PRO B 126 13.35 -1.25 18.49
CA PRO B 126 12.13 -1.81 19.06
C PRO B 126 12.14 -1.93 20.59
N ARG B 127 10.97 -1.84 21.18
CA ARG B 127 10.79 -1.95 22.62
C ARG B 127 9.54 -2.80 22.85
N SER B 128 9.60 -3.67 23.84
CA SER B 128 8.46 -4.54 24.15
C SER B 128 7.31 -3.76 24.79
N LEU B 129 6.09 -4.01 24.32
CA LEU B 129 4.92 -3.36 24.88
C LEU B 129 4.46 -4.10 26.14
N ILE B 130 5.10 -5.22 26.45
CA ILE B 130 4.75 -5.99 27.64
C ILE B 130 5.65 -5.62 28.82
N THR B 131 6.94 -5.53 28.56
CA THR B 131 7.93 -5.22 29.59
C THR B 131 8.42 -3.78 29.57
N GLY B 132 8.41 -3.16 28.40
CA GLY B 132 8.89 -1.80 28.28
C GLY B 132 10.40 -1.78 28.07
N GLU B 133 10.98 -2.97 27.94
CA GLU B 133 12.42 -3.11 27.76
C GLU B 133 12.81 -3.14 26.28
N ARG B 134 14.06 -2.85 26.01
CA ARG B 134 14.59 -2.88 24.66
C ARG B 134 14.50 -4.30 24.15
N MET B 135 14.18 -4.46 22.87
CA MET B 135 14.13 -5.78 22.25
C MET B 135 15.34 -5.83 21.33
N ALA B 136 16.14 -6.87 21.49
CA ALA B 136 17.34 -7.06 20.68
C ALA B 136 16.97 -7.27 19.22
N LYS B 137 15.85 -7.95 18.98
CA LYS B 137 15.41 -8.21 17.63
C LYS B 137 13.95 -8.68 17.60
N ILE B 138 13.20 -8.20 16.62
CA ILE B 138 11.81 -8.63 16.48
C ILE B 138 11.91 -10.04 15.89
N GLU B 139 11.33 -11.03 16.54
CA GLU B 139 11.41 -12.38 16.02
C GLU B 139 10.08 -12.98 15.57
N LYS B 140 9.00 -12.23 15.70
CA LYS B 140 7.69 -12.75 15.28
C LYS B 140 6.67 -11.63 15.13
N GLY B 141 5.58 -11.92 14.44
CA GLY B 141 4.53 -10.94 14.22
C GLY B 141 3.26 -11.69 13.93
N PRO B 142 2.10 -11.01 13.86
CA PRO B 142 0.83 -11.70 13.58
C PRO B 142 0.65 -12.18 12.15
N ASN B 143 1.43 -11.62 11.24
CA ASN B 143 1.32 -11.99 9.84
C ASN B 143 2.73 -12.33 9.34
N TRP B 144 3.49 -12.95 10.22
CA TRP B 144 4.88 -13.31 9.95
C TRP B 144 5.14 -14.19 8.73
N GLU B 145 4.19 -15.07 8.40
CA GLU B 145 4.31 -15.98 7.27
C GLU B 145 3.67 -15.44 6.00
N ASP B 146 3.28 -14.17 6.02
CA ASP B 146 2.63 -13.55 4.87
C ASP B 146 3.36 -13.88 3.57
N ASP B 147 2.60 -14.18 2.52
CA ASP B 147 3.15 -14.49 1.20
C ASP B 147 4.31 -15.49 1.18
N LEU B 148 4.11 -16.63 1.83
CA LEU B 148 5.12 -17.67 1.87
C LEU B 148 6.45 -17.17 2.45
N GLY B 149 6.36 -16.36 3.50
CA GLY B 149 7.55 -15.87 4.15
C GLY B 149 8.02 -16.94 5.13
N GLY B 150 9.00 -17.72 4.72
CA GLY B 150 9.51 -18.79 5.55
C GLY B 150 9.79 -20.00 4.70
N GLU B 151 10.64 -20.90 5.17
CA GLU B 151 10.97 -22.08 4.39
C GLU B 151 9.80 -23.04 4.29
N PHE B 152 9.67 -23.67 3.12
CA PHE B 152 8.59 -24.60 2.86
C PHE B 152 8.39 -25.67 3.94
N ASP B 153 9.47 -26.30 4.39
CA ASP B 153 9.36 -27.32 5.42
C ASP B 153 8.75 -26.74 6.70
N LYS B 154 8.87 -25.43 6.86
CA LYS B 154 8.32 -24.74 8.03
C LYS B 154 6.83 -24.47 7.79
N LEU B 155 6.53 -23.89 6.63
CA LEU B 155 5.14 -23.57 6.27
C LEU B 155 4.31 -24.83 6.03
N ALA B 156 4.97 -25.89 5.56
CA ALA B 156 4.31 -27.15 5.26
C ALA B 156 3.84 -27.92 6.51
N LYS B 157 4.21 -27.43 7.70
CA LYS B 157 3.76 -28.10 8.92
C LYS B 157 2.26 -27.87 9.02
N ASP B 158 1.76 -27.03 8.10
CA ASP B 158 0.34 -26.69 7.99
C ASP B 158 -0.50 -27.94 8.22
N LYS B 159 -1.35 -27.91 9.25
CA LYS B 159 -2.20 -29.05 9.58
C LYS B 159 -3.05 -29.54 8.40
N ASN B 160 -3.37 -28.64 7.47
CA ASN B 160 -4.19 -29.01 6.30
C ASN B 160 -3.47 -29.84 5.26
N PHE B 161 -2.17 -30.03 5.44
CA PHE B 161 -1.40 -30.84 4.50
C PHE B 161 -1.45 -32.31 4.90
N ASP B 162 -2.31 -32.65 5.85
CA ASP B 162 -2.45 -34.03 6.30
C ASP B 162 -2.99 -34.94 5.21
N ASN B 163 -2.38 -36.11 5.09
CA ASN B 163 -2.79 -37.11 4.10
C ASN B 163 -2.52 -36.65 2.66
N ILE B 164 -1.57 -35.73 2.50
CA ILE B 164 -1.22 -35.26 1.17
C ILE B 164 0.28 -35.45 0.96
N GLN B 165 0.67 -35.88 -0.22
CA GLN B 165 2.09 -36.04 -0.52
C GLN B 165 2.51 -34.61 -0.86
N LYS B 166 3.02 -33.89 0.13
CA LYS B 166 3.40 -32.49 -0.06
C LYS B 166 4.76 -32.16 -0.66
N ALA B 167 5.62 -33.16 -0.83
CA ALA B 167 6.95 -32.94 -1.38
C ALA B 167 6.96 -32.13 -2.67
N MET B 168 6.10 -32.50 -3.61
CA MET B 168 6.04 -31.83 -4.90
C MET B 168 5.78 -30.32 -4.85
N TYR B 169 5.16 -29.85 -3.78
CA TYR B 169 4.86 -28.42 -3.68
C TYR B 169 6.02 -27.56 -3.23
N SER B 170 7.18 -28.18 -2.98
CA SER B 170 8.35 -27.41 -2.59
C SER B 170 9.10 -27.04 -3.87
N GLN B 171 8.58 -27.50 -5.00
CA GLN B 171 9.18 -27.19 -6.30
C GLN B 171 8.64 -25.89 -6.86
N PHE B 172 9.55 -24.97 -7.18
CA PHE B 172 9.21 -23.66 -7.70
C PHE B 172 8.02 -23.65 -8.64
N GLU B 173 8.07 -24.49 -9.68
CA GLU B 173 6.99 -24.55 -10.66
C GLU B 173 5.63 -24.99 -10.12
N ASN B 174 5.61 -25.62 -8.94
CA ASN B 174 4.33 -26.08 -8.37
C ASN B 174 3.87 -25.18 -7.23
N THR B 175 4.57 -24.07 -7.05
CA THR B 175 4.23 -23.14 -5.99
C THR B 175 2.77 -22.71 -6.04
N PHE B 176 2.17 -22.57 -4.87
CA PHE B 176 0.80 -22.12 -4.77
C PHE B 176 0.62 -21.45 -3.42
N MET B 177 -0.26 -20.45 -3.37
CA MET B 177 -0.55 -19.79 -2.13
C MET B 177 -1.94 -19.18 -2.22
N MET B 178 -2.57 -19.03 -1.07
CA MET B 178 -3.91 -18.47 -1.02
C MET B 178 -4.03 -17.74 0.31
N TYR B 179 -5.09 -16.95 0.42
CA TYR B 179 -5.32 -16.20 1.63
C TYR B 179 -6.54 -16.67 2.39
N LEU B 180 -6.43 -16.65 3.72
CA LEU B 180 -7.52 -17.07 4.57
C LEU B 180 -7.84 -16.00 5.60
N PRO B 181 -8.76 -15.08 5.26
CA PRO B 181 -9.08 -14.04 6.25
C PRO B 181 -10.03 -14.70 7.25
N ARG B 182 -9.86 -14.40 8.53
CA ARG B 182 -10.77 -15.01 9.49
C ARG B 182 -11.06 -14.18 10.74
N LEU B 183 -12.25 -14.41 11.28
CA LEU B 183 -12.72 -13.74 12.46
C LEU B 183 -13.44 -14.79 13.28
N CYS B 184 -14.23 -14.37 14.26
CA CYS B 184 -14.98 -15.34 15.05
C CYS B 184 -16.12 -15.88 14.18
N GLU B 185 -16.38 -17.17 14.30
CA GLU B 185 -17.41 -17.86 13.52
C GLU B 185 -18.84 -17.67 14.04
N HIS B 186 -18.98 -17.17 15.26
CA HIS B 186 -20.29 -16.97 15.87
C HIS B 186 -21.18 -18.20 15.67
N CYS B 187 -20.58 -19.34 16.02
CA CYS B 187 -21.16 -20.66 15.91
C CYS B 187 -22.55 -20.89 16.49
N LEU B 188 -23.24 -21.92 16.01
CA LEU B 188 -24.56 -22.26 16.52
C LEU B 188 -24.36 -23.14 17.76
N ASN B 189 -23.22 -23.83 17.82
CA ASN B 189 -22.89 -24.70 18.94
C ASN B 189 -21.48 -24.33 19.39
N PRO B 190 -21.30 -23.07 19.81
CA PRO B 190 -19.99 -22.57 20.25
C PRO B 190 -19.37 -23.32 21.43
N ALA B 191 -18.11 -23.69 21.26
CA ALA B 191 -17.36 -24.41 22.28
C ALA B 191 -16.93 -23.46 23.40
N CYS B 192 -16.73 -22.19 23.06
CA CYS B 192 -16.33 -21.19 24.06
C CYS B 192 -17.40 -21.04 25.14
N VAL B 193 -18.66 -21.00 24.71
CA VAL B 193 -19.78 -20.86 25.62
C VAL B 193 -19.89 -22.02 26.60
N ALA B 194 -19.58 -23.21 26.09
CA ALA B 194 -19.66 -24.43 26.87
C ALA B 194 -18.46 -24.64 27.78
N THR B 195 -17.35 -23.99 27.47
CA THR B 195 -16.15 -24.14 28.29
C THR B 195 -15.86 -23.02 29.27
N CYS B 196 -16.80 -22.09 29.44
CA CYS B 196 -16.63 -20.98 30.39
C CYS B 196 -17.30 -21.34 31.71
N PRO B 197 -16.51 -21.56 32.77
CA PRO B 197 -17.05 -21.92 34.08
C PRO B 197 -18.06 -20.95 34.68
N SER B 198 -17.91 -19.66 34.40
CA SER B 198 -18.82 -18.66 34.97
C SER B 198 -20.06 -18.36 34.14
N GLY B 199 -20.14 -18.90 32.93
CA GLY B 199 -21.30 -18.65 32.10
C GLY B 199 -21.37 -17.20 31.63
N ALA B 200 -20.20 -16.60 31.43
CA ALA B 200 -20.14 -15.21 31.00
C ALA B 200 -20.31 -15.06 29.48
N ILE B 201 -20.11 -16.14 28.75
CA ILE B 201 -20.25 -16.09 27.30
C ILE B 201 -21.65 -16.55 26.88
N TYR B 202 -22.25 -15.84 25.93
CA TYR B 202 -23.59 -16.21 25.48
C TYR B 202 -23.87 -15.85 24.03
N LYS B 203 -24.93 -16.44 23.49
CA LYS B 203 -25.34 -16.16 22.12
C LYS B 203 -26.58 -15.29 22.24
N ARG B 204 -26.60 -14.15 21.55
CA ARG B 204 -27.77 -13.27 21.59
C ARG B 204 -28.88 -13.93 20.80
N GLU B 205 -30.06 -13.99 21.39
CA GLU B 205 -31.17 -14.65 20.72
C GLU B 205 -31.63 -14.01 19.42
N GLU B 206 -31.76 -12.69 19.40
CA GLU B 206 -32.27 -12.00 18.22
C GLU B 206 -31.38 -11.97 16.97
N ASP B 207 -30.06 -12.10 17.13
CA ASP B 207 -29.20 -12.07 15.96
C ASP B 207 -28.02 -13.05 15.99
N GLY B 208 -28.02 -13.95 16.97
CA GLY B 208 -26.98 -14.96 17.05
C GLY B 208 -25.53 -14.55 17.23
N ILE B 209 -25.28 -13.31 17.60
CA ILE B 209 -23.91 -12.86 17.83
C ILE B 209 -23.46 -13.39 19.20
N VAL B 210 -22.25 -13.93 19.26
CA VAL B 210 -21.72 -14.50 20.50
C VAL B 210 -20.81 -13.50 21.23
N LEU B 211 -21.16 -13.18 22.48
CA LEU B 211 -20.37 -12.22 23.26
C LEU B 211 -19.88 -12.67 24.62
N ILE B 212 -18.79 -12.06 25.06
CA ILE B 212 -18.20 -12.31 26.38
C ILE B 212 -18.60 -11.10 27.22
N ASP B 213 -19.53 -11.32 28.15
CA ASP B 213 -20.02 -10.26 29.05
C ASP B 213 -18.85 -9.72 29.88
N GLN B 214 -18.45 -8.47 29.63
CA GLN B 214 -17.32 -7.88 30.36
C GLN B 214 -17.55 -7.62 31.84
N ASP B 215 -18.80 -7.66 32.28
CA ASP B 215 -19.11 -7.50 33.69
C ASP B 215 -18.93 -8.86 34.37
N LYS B 216 -19.64 -9.86 33.84
CA LYS B 216 -19.66 -11.23 34.36
C LYS B 216 -18.43 -12.11 34.17
N CYS B 217 -17.59 -11.82 33.17
CA CYS B 217 -16.41 -12.64 32.95
C CYS B 217 -15.54 -12.54 34.20
N ARG B 218 -14.95 -13.67 34.59
CA ARG B 218 -14.10 -13.72 35.78
C ARG B 218 -12.64 -13.99 35.47
N GLY B 219 -12.34 -14.11 34.18
CA GLY B 219 -10.97 -14.37 33.78
C GLY B 219 -10.46 -15.78 34.07
N TRP B 220 -11.33 -16.78 33.96
CA TRP B 220 -10.94 -18.17 34.19
C TRP B 220 -10.09 -18.66 33.02
N ARG B 221 -10.09 -17.89 31.94
CA ARG B 221 -9.31 -18.18 30.74
C ARG B 221 -9.28 -19.65 30.24
N MET B 222 -10.45 -20.29 30.26
CA MET B 222 -10.57 -21.67 29.78
C MET B 222 -11.18 -21.60 28.36
N CYS B 223 -11.99 -20.57 28.14
CA CYS B 223 -12.65 -20.34 26.84
C CYS B 223 -11.64 -20.24 25.69
N ILE B 224 -10.47 -19.67 25.95
CA ILE B 224 -9.43 -19.54 24.93
C ILE B 224 -9.04 -20.91 24.40
N THR B 225 -8.92 -21.89 25.30
CA THR B 225 -8.59 -23.25 24.90
C THR B 225 -9.79 -23.85 24.20
N GLY B 226 -10.97 -23.60 24.76
CA GLY B 226 -12.20 -24.12 24.19
C GLY B 226 -12.44 -23.79 22.73
N CYS B 227 -12.19 -22.54 22.33
CA CYS B 227 -12.41 -22.14 20.94
C CYS B 227 -11.40 -22.81 20.02
N PRO B 228 -11.89 -23.63 19.08
CA PRO B 228 -11.03 -24.34 18.14
C PRO B 228 -10.41 -23.43 17.08
N TYR B 229 -10.97 -22.24 16.89
CA TYR B 229 -10.45 -21.30 15.90
C TYR B 229 -9.52 -20.30 16.56
N LYS B 230 -9.39 -20.43 17.88
CA LYS B 230 -8.54 -19.56 18.69
C LYS B 230 -8.86 -18.09 18.40
N LYS B 231 -10.14 -17.75 18.44
CA LYS B 231 -10.56 -16.38 18.17
C LYS B 231 -10.91 -15.57 19.42
N ILE B 232 -10.63 -16.12 20.59
CA ILE B 232 -10.87 -15.41 21.83
C ILE B 232 -9.48 -15.08 22.33
N TYR B 233 -9.27 -13.79 22.62
CA TYR B 233 -7.97 -13.33 23.09
C TYR B 233 -8.05 -12.79 24.51
N PHE B 234 -7.12 -13.24 25.34
CA PHE B 234 -7.06 -12.79 26.72
C PHE B 234 -6.52 -11.36 26.74
N ASN B 235 -7.19 -10.49 27.48
CA ASN B 235 -6.74 -9.11 27.62
C ASN B 235 -5.83 -9.20 28.86
N TRP B 236 -4.53 -9.24 28.62
CA TRP B 236 -3.57 -9.38 29.71
C TRP B 236 -3.60 -8.29 30.77
N LYS B 237 -4.18 -7.15 30.44
CA LYS B 237 -4.24 -6.05 31.39
C LYS B 237 -5.50 -6.04 32.25
N SER B 238 -6.67 -6.23 31.62
CA SER B 238 -7.93 -6.24 32.35
C SER B 238 -8.17 -7.59 33.03
N GLY B 239 -7.45 -8.61 32.59
CA GLY B 239 -7.64 -9.93 33.17
C GLY B 239 -8.88 -10.65 32.66
N LYS B 240 -9.56 -10.05 31.69
CA LYS B 240 -10.75 -10.67 31.11
C LYS B 240 -10.49 -11.00 29.62
N SER B 241 -11.29 -11.89 29.04
CA SER B 241 -11.14 -12.26 27.63
C SER B 241 -12.03 -11.43 26.71
N GLU B 242 -11.57 -11.23 25.48
CA GLU B 242 -12.34 -10.46 24.49
C GLU B 242 -12.28 -11.15 23.14
N LYS B 243 -13.26 -10.88 22.29
CA LYS B 243 -13.35 -11.51 20.98
C LYS B 243 -14.11 -10.61 20.01
N CYS B 244 -14.06 -10.98 18.74
CA CYS B 244 -14.78 -10.24 17.70
C CYS B 244 -16.23 -10.15 18.17
N ILE B 245 -16.84 -8.96 18.11
CA ILE B 245 -18.22 -8.82 18.55
C ILE B 245 -19.15 -8.63 17.36
N PHE B 246 -18.68 -9.08 16.20
CA PHE B 246 -19.44 -8.96 14.95
C PHE B 246 -20.00 -7.56 14.77
N CYS B 247 -19.28 -6.57 15.30
CA CYS B 247 -19.71 -5.19 15.18
C CYS B 247 -21.19 -4.98 15.50
N TYR B 248 -21.70 -5.62 16.55
CA TYR B 248 -23.12 -5.49 16.87
C TYR B 248 -23.62 -4.05 16.95
N PRO B 249 -22.77 -3.08 17.34
CA PRO B 249 -23.29 -1.72 17.39
C PRO B 249 -23.80 -1.25 16.01
N ARG B 250 -23.19 -1.75 14.94
CA ARG B 250 -23.63 -1.36 13.60
C ARG B 250 -24.73 -2.30 13.09
N ILE B 251 -24.54 -3.60 13.28
CA ILE B 251 -25.52 -4.58 12.83
C ILE B 251 -26.92 -4.28 13.41
N GLU B 252 -26.95 -3.85 14.67
CA GLU B 252 -28.19 -3.52 15.36
C GLU B 252 -29.07 -2.52 14.61
N ALA B 253 -28.44 -1.62 13.85
CA ALA B 253 -29.20 -0.62 13.11
C ALA B 253 -29.29 -0.97 11.63
N GLY B 254 -28.75 -2.12 11.25
CA GLY B 254 -28.81 -2.55 9.85
C GLY B 254 -27.58 -2.30 8.99
N GLN B 255 -26.47 -1.92 9.61
CA GLN B 255 -25.24 -1.68 8.85
C GLN B 255 -24.34 -2.92 8.82
N PRO B 256 -23.44 -2.99 7.83
CA PRO B 256 -22.50 -4.10 7.67
C PRO B 256 -21.45 -3.99 8.76
N THR B 257 -20.69 -5.05 9.02
CA THR B 257 -19.61 -4.95 10.00
C THR B 257 -18.53 -4.08 9.40
N VAL B 258 -17.61 -3.60 10.23
CA VAL B 258 -16.53 -2.77 9.71
C VAL B 258 -15.69 -3.56 8.70
N CYS B 259 -15.31 -4.79 9.03
CA CYS B 259 -14.52 -5.59 8.10
C CYS B 259 -15.24 -5.94 6.80
N SER B 260 -16.57 -5.89 6.81
CA SER B 260 -17.35 -6.20 5.60
C SER B 260 -17.41 -5.00 4.67
N GLU B 261 -17.76 -3.84 5.22
CA GLU B 261 -17.87 -2.62 4.45
C GLU B 261 -16.49 -2.11 4.00
N THR B 262 -15.45 -2.43 4.75
CA THR B 262 -14.11 -1.98 4.38
C THR B 262 -13.32 -2.97 3.53
N CYS B 263 -13.94 -4.09 3.15
CA CYS B 263 -13.26 -5.09 2.34
C CYS B 263 -13.06 -4.58 0.90
N VAL B 264 -11.81 -4.20 0.62
CA VAL B 264 -11.40 -3.68 -0.67
C VAL B 264 -11.67 -4.66 -1.80
N GLY B 265 -11.50 -5.94 -1.53
CA GLY B 265 -11.72 -6.96 -2.54
C GLY B 265 -13.17 -7.22 -2.87
N ARG B 266 -14.08 -6.70 -2.05
CA ARG B 266 -15.53 -6.88 -2.25
C ARG B 266 -15.85 -8.36 -2.23
N ILE B 267 -15.29 -9.08 -1.25
CA ILE B 267 -15.49 -10.51 -1.16
C ILE B 267 -16.48 -10.94 -0.09
N ARG B 268 -16.79 -10.05 0.85
CA ARG B 268 -17.69 -10.42 1.94
C ARG B 268 -19.17 -10.15 1.73
N TYR B 269 -19.98 -11.16 2.04
CA TYR B 269 -21.42 -11.07 1.91
C TYR B 269 -22.06 -11.27 3.27
N LEU B 270 -23.06 -10.45 3.57
CA LEU B 270 -23.79 -10.55 4.83
C LEU B 270 -25.26 -10.77 4.55
N GLY B 271 -25.82 -11.81 5.17
CA GLY B 271 -27.22 -12.11 4.96
C GLY B 271 -27.78 -12.97 6.07
N VAL B 272 -29.07 -12.81 6.32
CA VAL B 272 -29.75 -13.56 7.37
C VAL B 272 -29.91 -15.04 7.02
N LEU B 273 -29.77 -15.87 8.05
CA LEU B 273 -29.98 -17.31 7.93
C LEU B 273 -30.90 -17.65 9.09
N LEU B 274 -32.00 -18.33 8.79
CA LEU B 274 -32.92 -18.77 9.84
C LEU B 274 -32.55 -20.21 10.18
N TYR B 275 -32.46 -20.52 11.46
CA TYR B 275 -32.07 -21.87 11.84
C TYR B 275 -32.94 -22.46 12.95
N ASP B 276 -33.01 -23.79 13.00
CA ASP B 276 -33.80 -24.46 14.03
C ASP B 276 -32.89 -24.76 15.22
N ALA B 277 -33.00 -23.95 16.26
CA ALA B 277 -32.16 -24.13 17.45
C ALA B 277 -32.36 -25.49 18.09
N ASP B 278 -33.55 -26.07 17.92
CA ASP B 278 -33.84 -27.37 18.50
C ASP B 278 -33.07 -28.51 17.87
N ALA B 279 -32.49 -28.26 16.69
CA ALA B 279 -31.74 -29.28 15.97
C ALA B 279 -30.22 -29.17 16.12
N ILE B 280 -29.75 -28.16 16.85
CA ILE B 280 -28.31 -27.94 17.02
C ILE B 280 -27.50 -29.13 17.54
N GLU B 281 -27.97 -29.73 18.64
CA GLU B 281 -27.26 -30.86 19.23
C GLU B 281 -27.27 -32.07 18.32
N ARG B 282 -28.44 -32.35 17.76
CA ARG B 282 -28.60 -33.49 16.86
C ARG B 282 -27.60 -33.41 15.71
N ALA B 283 -27.50 -32.24 15.08
CA ALA B 283 -26.60 -32.07 13.95
C ALA B 283 -25.12 -32.11 14.32
N ALA B 284 -24.76 -31.41 15.40
CA ALA B 284 -23.36 -31.37 15.83
C ALA B 284 -22.84 -32.69 16.34
N SER B 285 -23.73 -33.60 16.70
CA SER B 285 -23.32 -34.90 17.23
C SER B 285 -23.43 -36.06 16.25
N THR B 286 -23.60 -35.76 14.96
CA THR B 286 -23.69 -36.83 13.97
C THR B 286 -22.41 -37.64 14.08
N GLU B 287 -22.51 -38.94 13.83
CA GLU B 287 -21.35 -39.82 13.95
C GLU B 287 -20.18 -39.56 12.99
N ASN B 288 -20.46 -39.38 11.71
CA ASN B 288 -19.36 -39.14 10.75
C ASN B 288 -19.11 -37.65 10.55
N GLU B 289 -17.89 -37.21 10.83
CA GLU B 289 -17.59 -35.78 10.67
C GLU B 289 -17.76 -35.25 9.25
N LYS B 290 -17.74 -36.13 8.26
CA LYS B 290 -17.93 -35.70 6.88
C LYS B 290 -19.38 -35.40 6.58
N ASP B 291 -20.23 -35.61 7.58
CA ASP B 291 -21.67 -35.33 7.44
C ASP B 291 -22.06 -34.00 8.10
N LEU B 292 -21.20 -33.48 8.98
CA LEU B 292 -21.50 -32.23 9.69
C LEU B 292 -21.86 -31.07 8.76
N TYR B 293 -21.18 -30.97 7.62
CA TYR B 293 -21.47 -29.93 6.64
C TYR B 293 -22.94 -30.03 6.22
N GLN B 294 -23.33 -31.19 5.70
CA GLN B 294 -24.70 -31.38 5.25
C GLN B 294 -25.73 -31.31 6.37
N ARG B 295 -25.35 -31.79 7.55
CA ARG B 295 -26.25 -31.76 8.69
C ARG B 295 -26.52 -30.32 9.11
N GLN B 296 -25.55 -29.43 8.91
CA GLN B 296 -25.74 -28.03 9.26
C GLN B 296 -26.66 -27.38 8.23
N LEU B 297 -26.49 -27.73 6.96
CA LEU B 297 -27.36 -27.19 5.92
C LEU B 297 -28.80 -27.53 6.24
N ASP B 298 -29.02 -28.71 6.78
CA ASP B 298 -30.36 -29.18 7.13
C ASP B 298 -30.95 -28.41 8.31
N VAL B 299 -30.09 -27.74 9.05
CA VAL B 299 -30.52 -26.96 10.20
C VAL B 299 -31.00 -25.58 9.73
N PHE B 300 -30.53 -25.15 8.57
CA PHE B 300 -30.94 -23.87 7.99
C PHE B 300 -32.35 -24.05 7.42
N LEU B 301 -33.19 -23.02 7.52
CA LEU B 301 -34.55 -23.10 7.02
C LEU B 301 -34.82 -22.23 5.80
N ASP B 302 -35.78 -22.67 4.98
CA ASP B 302 -36.18 -21.98 3.75
C ASP B 302 -37.07 -20.79 4.10
N PRO B 303 -36.54 -19.55 3.94
CA PRO B 303 -37.27 -18.32 4.24
C PRO B 303 -38.47 -17.98 3.34
N ASN B 304 -38.62 -18.71 2.23
CA ASN B 304 -39.75 -18.44 1.33
C ASN B 304 -40.89 -19.43 1.57
N ASP B 305 -40.64 -20.42 2.43
CA ASP B 305 -41.63 -21.41 2.76
C ASP B 305 -42.62 -20.82 3.75
N PRO B 306 -43.91 -20.74 3.38
CA PRO B 306 -44.94 -20.18 4.27
C PRO B 306 -45.00 -20.89 5.63
N LYS B 307 -44.58 -22.14 5.65
CA LYS B 307 -44.58 -22.92 6.88
C LYS B 307 -43.51 -22.35 7.82
N VAL B 308 -42.36 -22.01 7.27
CA VAL B 308 -41.26 -21.45 8.04
C VAL B 308 -41.62 -20.02 8.45
N ILE B 309 -42.25 -19.29 7.53
CA ILE B 309 -42.68 -17.91 7.78
C ILE B 309 -43.58 -17.82 9.02
N GLU B 310 -44.63 -18.64 9.05
CA GLU B 310 -45.59 -18.66 10.15
C GLU B 310 -44.94 -19.05 11.47
N GLN B 311 -44.05 -20.03 11.42
CA GLN B 311 -43.36 -20.49 12.62
C GLN B 311 -42.41 -19.37 13.08
N ALA B 312 -41.77 -18.71 12.13
CA ALA B 312 -40.85 -17.62 12.46
C ALA B 312 -41.61 -16.52 13.16
N ILE B 313 -42.78 -16.17 12.62
CA ILE B 313 -43.62 -15.13 13.23
C ILE B 313 -43.92 -15.58 14.65
N LYS B 314 -44.50 -16.78 14.76
CA LYS B 314 -44.86 -17.33 16.06
C LYS B 314 -43.69 -17.31 17.03
N ASP B 315 -42.48 -17.58 16.52
CA ASP B 315 -41.30 -17.61 17.36
C ASP B 315 -40.68 -16.24 17.65
N GLY B 316 -41.34 -15.18 17.21
CA GLY B 316 -40.85 -13.84 17.48
C GLY B 316 -39.87 -13.15 16.54
N ILE B 317 -39.56 -13.74 15.40
CA ILE B 317 -38.65 -13.09 14.47
C ILE B 317 -39.41 -11.92 13.83
N PRO B 318 -38.81 -10.72 13.84
CA PRO B 318 -39.45 -9.54 13.25
C PRO B 318 -39.71 -9.77 11.77
N LEU B 319 -40.68 -9.04 11.22
CA LEU B 319 -41.03 -9.16 9.81
C LEU B 319 -39.90 -8.72 8.89
N SER B 320 -39.21 -7.62 9.21
CA SER B 320 -38.13 -7.14 8.36
C SER B 320 -36.99 -8.16 8.29
N VAL B 321 -36.80 -8.94 9.36
CA VAL B 321 -35.73 -9.94 9.35
C VAL B 321 -36.11 -11.09 8.42
N ILE B 322 -37.37 -11.49 8.48
CA ILE B 322 -37.86 -12.56 7.63
C ILE B 322 -37.69 -12.14 6.17
N GLU B 323 -38.07 -10.90 5.87
CA GLU B 323 -37.95 -10.34 4.53
C GLU B 323 -36.47 -10.29 4.10
N ALA B 324 -35.59 -9.92 5.03
CA ALA B 324 -34.17 -9.85 4.71
C ALA B 324 -33.67 -11.25 4.40
N ALA B 325 -34.18 -12.22 5.17
CA ALA B 325 -33.80 -13.62 4.99
C ALA B 325 -34.17 -14.13 3.59
N GLN B 326 -35.26 -13.60 3.05
CA GLN B 326 -35.72 -14.03 1.72
C GLN B 326 -34.87 -13.52 0.57
N GLN B 327 -34.03 -12.53 0.84
CA GLN B 327 -33.15 -11.99 -0.19
C GLN B 327 -31.69 -12.05 0.26
N SER B 328 -31.41 -13.04 1.11
CA SER B 328 -30.08 -13.25 1.66
C SER B 328 -29.06 -13.83 0.67
N PRO B 329 -27.97 -13.10 0.41
CA PRO B 329 -26.95 -13.62 -0.53
C PRO B 329 -26.24 -14.82 0.09
N VAL B 330 -26.19 -14.85 1.41
CA VAL B 330 -25.55 -15.94 2.14
C VAL B 330 -26.35 -17.23 1.95
N TYR B 331 -27.67 -17.11 1.98
CA TYR B 331 -28.49 -18.29 1.78
C TYR B 331 -28.31 -18.83 0.37
N LYS B 332 -28.26 -17.94 -0.62
CA LYS B 332 -28.09 -18.37 -2.01
C LYS B 332 -26.76 -19.09 -2.23
N MET B 333 -25.69 -18.56 -1.64
CA MET B 333 -24.39 -19.16 -1.81
C MET B 333 -24.20 -20.46 -1.04
N ALA B 334 -24.81 -20.56 0.13
CA ALA B 334 -24.66 -21.78 0.93
C ALA B 334 -25.70 -22.85 0.63
N MET B 335 -26.96 -22.44 0.48
CA MET B 335 -28.04 -23.38 0.22
C MET B 335 -28.41 -23.64 -1.24
N GLU B 336 -28.53 -22.59 -2.05
CA GLU B 336 -28.91 -22.73 -3.45
C GLU B 336 -27.82 -23.15 -4.43
N TRP B 337 -26.77 -22.34 -4.53
CA TRP B 337 -25.68 -22.62 -5.45
C TRP B 337 -24.61 -23.54 -4.88
N LYS B 338 -24.62 -23.72 -3.56
CA LYS B 338 -23.63 -24.57 -2.90
C LYS B 338 -22.21 -24.12 -3.24
N LEU B 339 -21.97 -22.81 -3.18
CA LEU B 339 -20.65 -22.28 -3.48
C LEU B 339 -19.88 -22.06 -2.18
N ALA B 340 -20.61 -21.78 -1.11
CA ALA B 340 -20.03 -21.51 0.20
C ALA B 340 -20.00 -22.74 1.09
N LEU B 341 -18.86 -22.92 1.76
CA LEU B 341 -18.63 -24.05 2.66
C LEU B 341 -18.13 -23.59 4.02
N PRO B 342 -18.41 -24.36 5.09
CA PRO B 342 -17.97 -23.97 6.43
C PRO B 342 -16.46 -24.10 6.67
N LEU B 343 -15.96 -23.39 7.66
CA LEU B 343 -14.56 -23.48 8.01
C LEU B 343 -14.46 -24.59 9.06
N HIS B 344 -13.68 -25.62 8.76
CA HIS B 344 -13.48 -26.74 9.67
C HIS B 344 -14.74 -27.26 10.36
N PRO B 345 -15.68 -27.82 9.58
CA PRO B 345 -16.90 -28.32 10.22
C PRO B 345 -16.65 -29.45 11.22
N GLU B 346 -15.48 -30.10 11.16
CA GLU B 346 -15.19 -31.20 12.07
C GLU B 346 -15.05 -30.79 13.54
N TYR B 347 -14.93 -29.51 13.81
CA TYR B 347 -14.81 -29.06 15.20
C TYR B 347 -16.16 -29.20 15.89
N ARG B 348 -17.19 -29.45 15.10
CA ARG B 348 -18.55 -29.65 15.58
C ARG B 348 -19.20 -28.43 16.23
N THR B 349 -18.76 -27.22 15.85
CA THR B 349 -19.35 -26.01 16.43
C THR B 349 -20.47 -25.42 15.57
N LEU B 350 -20.66 -25.93 14.35
CA LEU B 350 -21.67 -25.40 13.44
C LEU B 350 -21.36 -23.91 13.23
N PRO B 351 -20.23 -23.62 12.57
CA PRO B 351 -19.75 -22.26 12.28
C PRO B 351 -20.70 -21.49 11.35
N MET B 352 -20.78 -20.17 11.55
CA MET B 352 -21.67 -19.34 10.76
C MET B 352 -20.99 -18.35 9.83
N VAL B 353 -19.68 -18.52 9.62
CA VAL B 353 -18.93 -17.69 8.70
C VAL B 353 -18.36 -18.70 7.71
N TRP B 354 -18.91 -18.70 6.49
CA TRP B 354 -18.51 -19.65 5.45
C TRP B 354 -17.63 -19.08 4.35
N TYR B 355 -17.07 -19.97 3.53
CA TYR B 355 -16.16 -19.57 2.48
C TYR B 355 -16.35 -20.24 1.13
N VAL B 356 -16.15 -19.46 0.07
CA VAL B 356 -16.20 -19.99 -1.30
C VAL B 356 -14.73 -20.26 -1.61
N PRO B 357 -14.40 -21.50 -2.00
CA PRO B 357 -12.99 -21.81 -2.32
C PRO B 357 -12.45 -21.00 -3.48
N PRO B 358 -11.12 -20.83 -3.55
CA PRO B 358 -10.55 -20.04 -4.63
C PRO B 358 -10.16 -20.86 -5.85
N LEU B 359 -10.17 -20.20 -7.00
CA LEU B 359 -9.72 -20.82 -8.23
C LEU B 359 -8.23 -20.51 -8.21
N SER B 360 -7.47 -21.06 -9.16
CA SER B 360 -6.04 -20.83 -9.20
C SER B 360 -5.52 -21.11 -10.60
N PRO B 361 -4.30 -20.63 -10.93
CA PRO B 361 -3.74 -20.87 -12.26
C PRO B 361 -3.60 -22.37 -12.48
N ILE B 362 -3.66 -22.81 -13.73
CA ILE B 362 -3.53 -24.24 -14.00
C ILE B 362 -2.16 -24.71 -13.54
N GLN B 363 -2.03 -26.01 -13.33
CA GLN B 363 -0.76 -26.58 -12.91
C GLN B 363 0.23 -26.66 -14.06
N SER B 364 1.52 -26.76 -13.72
CA SER B 364 2.57 -26.85 -14.73
C SER B 364 2.44 -28.16 -15.48
N ALA B 365 2.64 -28.12 -16.79
CA ALA B 365 2.54 -29.33 -17.60
C ALA B 365 3.55 -29.34 -18.74
N ALA B 366 3.90 -30.55 -19.20
CA ALA B 366 4.86 -30.74 -20.27
C ALA B 366 4.71 -29.73 -21.42
N ASP B 367 3.47 -29.50 -21.86
CA ASP B 367 3.24 -28.55 -22.94
C ASP B 367 2.13 -27.53 -22.65
N ALA B 368 1.91 -26.64 -23.60
CA ALA B 368 0.90 -25.60 -23.48
C ALA B 368 -0.50 -26.16 -23.28
N GLY B 369 -0.63 -27.48 -23.35
CA GLY B 369 -1.92 -28.12 -23.16
C GLY B 369 -2.88 -27.95 -24.32
N GLU B 370 -4.09 -28.48 -24.14
CA GLU B 370 -5.12 -28.42 -25.17
C GLU B 370 -6.40 -27.83 -24.62
N LEU B 371 -7.37 -27.59 -25.51
CA LEU B 371 -8.66 -27.07 -25.10
C LEU B 371 -9.37 -28.17 -24.32
N GLY B 372 -10.19 -27.78 -23.35
CA GLY B 372 -10.90 -28.76 -22.56
C GLY B 372 -12.40 -28.54 -22.66
N SER B 373 -13.15 -29.08 -21.71
CA SER B 373 -14.60 -28.91 -21.72
C SER B 373 -14.98 -27.44 -21.61
N ASN B 374 -14.02 -26.60 -21.24
CA ASN B 374 -14.28 -25.17 -21.12
C ASN B 374 -13.52 -24.29 -22.11
N GLY B 375 -13.05 -24.90 -23.20
CA GLY B 375 -12.32 -24.14 -24.22
C GLY B 375 -10.99 -23.62 -23.74
N ILE B 376 -10.76 -22.31 -23.85
CA ILE B 376 -9.49 -21.74 -23.41
C ILE B 376 -9.47 -21.55 -21.89
N LEU B 377 -10.63 -21.65 -21.25
CA LEU B 377 -10.74 -21.49 -19.80
C LEU B 377 -10.40 -22.85 -19.16
N PRO B 378 -10.03 -22.85 -17.88
CA PRO B 378 -9.66 -24.09 -17.19
C PRO B 378 -10.78 -25.07 -16.85
N ASP B 379 -10.38 -26.30 -16.59
CA ASP B 379 -11.28 -27.38 -16.17
C ASP B 379 -10.85 -27.59 -14.72
N VAL B 380 -11.81 -27.92 -13.85
CA VAL B 380 -11.49 -28.09 -12.45
C VAL B 380 -10.29 -29.00 -12.17
N GLU B 381 -10.05 -29.99 -13.03
CA GLU B 381 -8.93 -30.92 -12.84
C GLU B 381 -7.54 -30.32 -13.02
N SER B 382 -7.45 -29.20 -13.73
CA SER B 382 -6.17 -28.56 -14.00
C SER B 382 -5.67 -27.56 -12.94
N LEU B 383 -6.56 -27.16 -12.03
CA LEU B 383 -6.19 -26.18 -11.01
C LEU B 383 -4.98 -26.65 -10.18
N ARG B 384 -4.06 -25.73 -9.91
CA ARG B 384 -2.84 -26.06 -9.17
C ARG B 384 -2.99 -26.21 -7.65
N ILE B 385 -4.02 -25.60 -7.07
CA ILE B 385 -4.22 -25.75 -5.63
C ILE B 385 -4.79 -27.15 -5.44
N PRO B 386 -4.11 -28.01 -4.65
CA PRO B 386 -4.60 -29.37 -4.42
C PRO B 386 -5.96 -29.35 -3.73
N VAL B 387 -6.96 -29.90 -4.40
CA VAL B 387 -8.30 -29.90 -3.86
C VAL B 387 -8.38 -30.58 -2.48
N GLN B 388 -7.54 -31.57 -2.24
CA GLN B 388 -7.55 -32.27 -0.95
C GLN B 388 -7.20 -31.27 0.17
N TYR B 389 -6.38 -30.28 -0.14
CA TYR B 389 -5.98 -29.28 0.83
C TYR B 389 -7.22 -28.43 1.18
N LEU B 390 -7.95 -28.03 0.15
CA LEU B 390 -9.14 -27.23 0.34
C LEU B 390 -10.18 -28.04 1.12
N ALA B 391 -10.28 -29.34 0.81
CA ALA B 391 -11.22 -30.19 1.49
C ALA B 391 -10.90 -30.31 2.98
N ASN B 392 -9.61 -30.43 3.32
CA ASN B 392 -9.22 -30.54 4.73
C ASN B 392 -9.59 -29.26 5.48
N LEU B 393 -9.58 -28.15 4.75
CA LEU B 393 -9.89 -26.85 5.34
C LEU B 393 -11.39 -26.61 5.49
N LEU B 394 -12.15 -26.94 4.45
CA LEU B 394 -13.58 -26.67 4.45
C LEU B 394 -14.57 -27.81 4.55
N THR B 395 -14.15 -29.05 4.37
CA THR B 395 -15.12 -30.13 4.37
C THR B 395 -14.73 -31.44 5.05
N ALA B 396 -13.98 -31.33 6.14
CA ALA B 396 -13.54 -32.50 6.89
C ALA B 396 -12.87 -33.58 6.03
N GLY B 397 -12.20 -33.17 4.95
CA GLY B 397 -11.52 -34.12 4.10
C GLY B 397 -12.26 -34.58 2.85
N ASP B 398 -13.56 -34.32 2.77
CA ASP B 398 -14.35 -34.74 1.60
C ASP B 398 -14.21 -33.73 0.46
N THR B 399 -13.61 -34.16 -0.64
CA THR B 399 -13.39 -33.28 -1.79
C THR B 399 -14.59 -33.02 -2.70
N LYS B 400 -15.62 -33.85 -2.60
CA LYS B 400 -16.82 -33.72 -3.44
C LYS B 400 -17.45 -32.31 -3.45
N PRO B 401 -17.83 -31.78 -2.26
CA PRO B 401 -18.43 -30.44 -2.24
C PRO B 401 -17.50 -29.31 -2.69
N VAL B 402 -16.19 -29.48 -2.51
CA VAL B 402 -15.22 -28.46 -2.94
C VAL B 402 -15.17 -28.44 -4.46
N LEU B 403 -15.10 -29.62 -5.08
CA LEU B 403 -15.04 -29.72 -6.53
C LEU B 403 -16.30 -29.14 -7.17
N ARG B 404 -17.46 -29.42 -6.56
CA ARG B 404 -18.73 -28.91 -7.08
C ARG B 404 -18.73 -27.39 -7.10
N ALA B 405 -18.26 -26.77 -6.02
CA ALA B 405 -18.20 -25.31 -5.97
C ALA B 405 -17.26 -24.75 -7.04
N LEU B 406 -16.05 -25.29 -7.11
CA LEU B 406 -15.08 -24.81 -8.10
C LEU B 406 -15.57 -25.01 -9.53
N LYS B 407 -16.15 -26.18 -9.77
CA LYS B 407 -16.66 -26.54 -11.09
C LYS B 407 -17.72 -25.54 -11.51
N ARG B 408 -18.69 -25.31 -10.62
CA ARG B 408 -19.78 -24.38 -10.90
C ARG B 408 -19.30 -22.97 -11.21
N MET B 409 -18.27 -22.50 -10.49
CA MET B 409 -17.74 -21.18 -10.77
C MET B 409 -17.09 -21.13 -12.15
N LEU B 410 -16.39 -22.21 -12.51
CA LEU B 410 -15.75 -22.26 -13.82
C LEU B 410 -16.82 -22.33 -14.91
N ALA B 411 -17.89 -23.08 -14.64
CA ALA B 411 -18.99 -23.20 -15.60
C ALA B 411 -19.59 -21.83 -15.87
N MET B 412 -19.81 -21.06 -14.81
CA MET B 412 -20.37 -19.71 -14.95
C MET B 412 -19.48 -18.93 -15.91
N ARG B 413 -18.17 -19.05 -15.73
CA ARG B 413 -17.21 -18.35 -16.58
C ARG B 413 -17.39 -18.78 -18.04
N HIS B 414 -17.46 -20.10 -18.26
CA HIS B 414 -17.63 -20.63 -19.61
C HIS B 414 -18.88 -20.08 -20.29
N TYR B 415 -20.00 -20.13 -19.58
CA TYR B 415 -21.28 -19.63 -20.10
C TYR B 415 -21.21 -18.13 -20.39
N LYS B 416 -20.62 -17.36 -19.48
CA LYS B 416 -20.51 -15.92 -19.68
C LYS B 416 -19.61 -15.57 -20.86
N ARG B 417 -18.54 -16.33 -21.06
CA ARG B 417 -17.64 -16.03 -22.16
C ARG B 417 -18.34 -16.27 -23.49
N ALA B 418 -19.09 -17.36 -23.59
CA ALA B 418 -19.82 -17.68 -24.81
C ALA B 418 -20.70 -16.50 -25.15
N GLU B 419 -21.41 -16.00 -24.14
CA GLU B 419 -22.32 -14.89 -24.30
C GLU B 419 -21.70 -13.55 -24.66
N THR B 420 -20.66 -13.14 -23.93
CA THR B 420 -20.05 -11.85 -24.16
C THR B 420 -18.96 -11.78 -25.24
N VAL B 421 -18.39 -12.91 -25.60
CA VAL B 421 -17.35 -12.90 -26.63
C VAL B 421 -17.87 -13.47 -27.95
N ASP B 422 -18.49 -14.64 -27.90
CA ASP B 422 -19.01 -15.26 -29.10
C ASP B 422 -20.43 -14.83 -29.43
N GLY B 423 -21.13 -14.26 -28.44
CA GLY B 423 -22.49 -13.83 -28.67
C GLY B 423 -23.40 -15.02 -28.88
N LYS B 424 -23.14 -16.10 -28.14
CA LYS B 424 -23.94 -17.30 -28.26
C LYS B 424 -24.37 -17.85 -26.91
N VAL B 425 -25.42 -18.66 -26.93
CA VAL B 425 -25.93 -19.28 -25.72
C VAL B 425 -25.36 -20.69 -25.68
N ASP B 426 -24.41 -20.93 -24.78
CA ASP B 426 -23.80 -22.24 -24.65
C ASP B 426 -23.90 -22.68 -23.20
N THR B 427 -24.90 -23.51 -22.91
CA THR B 427 -25.15 -23.98 -21.55
C THR B 427 -24.55 -25.35 -21.25
N ARG B 428 -23.67 -25.81 -22.12
CA ARG B 428 -23.04 -27.12 -21.95
C ARG B 428 -22.40 -27.29 -20.57
N ALA B 429 -21.52 -26.35 -20.18
CA ALA B 429 -20.85 -26.44 -18.89
C ALA B 429 -21.85 -26.34 -17.73
N LEU B 430 -22.88 -25.51 -17.88
CA LEU B 430 -23.89 -25.37 -16.84
C LEU B 430 -24.61 -26.67 -16.57
N GLU B 431 -25.08 -27.30 -17.64
CA GLU B 431 -25.81 -28.56 -17.54
C GLU B 431 -24.95 -29.63 -16.89
N GLU B 432 -23.66 -29.57 -17.14
CA GLU B 432 -22.72 -30.53 -16.58
C GLU B 432 -22.64 -30.43 -15.06
N VAL B 433 -22.82 -29.22 -14.53
CA VAL B 433 -22.75 -29.01 -13.09
C VAL B 433 -24.12 -28.87 -12.42
N GLY B 434 -25.19 -28.97 -13.20
CA GLY B 434 -26.53 -28.88 -12.63
C GLY B 434 -27.07 -27.49 -12.38
N LEU B 435 -26.62 -26.51 -13.17
CA LEU B 435 -27.07 -25.14 -13.03
C LEU B 435 -27.92 -24.75 -14.23
N THR B 436 -28.85 -23.84 -14.01
CA THR B 436 -29.71 -23.34 -15.08
C THR B 436 -29.10 -22.02 -15.53
N GLU B 437 -29.58 -21.50 -16.65
CA GLU B 437 -29.08 -20.22 -17.16
C GLU B 437 -29.40 -19.11 -16.15
N ALA B 438 -30.60 -19.16 -15.57
CA ALA B 438 -31.02 -18.16 -14.61
C ALA B 438 -30.12 -18.17 -13.36
N GLN B 439 -29.75 -19.36 -12.89
CA GLN B 439 -28.89 -19.45 -11.72
C GLN B 439 -27.50 -18.88 -12.00
N ALA B 440 -26.97 -19.14 -13.19
CA ALA B 440 -25.64 -18.65 -13.55
C ALA B 440 -25.70 -17.14 -13.66
N GLN B 441 -26.85 -16.66 -14.12
CA GLN B 441 -27.09 -15.23 -14.29
C GLN B 441 -27.12 -14.53 -12.93
N GLU B 442 -27.82 -15.13 -11.97
CA GLU B 442 -27.91 -14.55 -10.64
C GLU B 442 -26.55 -14.63 -9.95
N MET B 443 -25.84 -15.74 -10.14
CA MET B 443 -24.52 -15.92 -9.56
C MET B 443 -23.64 -14.79 -10.08
N TYR B 444 -23.73 -14.52 -11.37
CA TYR B 444 -22.93 -13.46 -11.97
C TYR B 444 -23.27 -12.10 -11.38
N ARG B 445 -24.56 -11.85 -11.13
CA ARG B 445 -24.99 -10.59 -10.55
C ARG B 445 -24.40 -10.34 -9.16
N TYR B 446 -24.40 -11.37 -8.32
CA TYR B 446 -23.89 -11.27 -6.95
C TYR B 446 -22.37 -11.35 -6.80
N LEU B 447 -21.74 -12.21 -7.59
CA LEU B 447 -20.29 -12.43 -7.52
C LEU B 447 -19.46 -11.49 -8.34
N ALA B 448 -19.93 -11.16 -9.53
CA ALA B 448 -19.17 -10.27 -10.42
C ALA B 448 -19.52 -8.80 -10.20
N ILE B 449 -20.75 -8.42 -10.52
CA ILE B 449 -21.16 -7.03 -10.33
C ILE B 449 -21.11 -6.66 -8.85
N ALA B 450 -21.72 -7.49 -8.02
CA ALA B 450 -21.70 -7.29 -6.57
C ALA B 450 -22.03 -5.89 -6.05
N ASN B 451 -23.20 -5.35 -6.42
CA ASN B 451 -23.61 -4.04 -5.94
C ASN B 451 -23.64 -4.06 -4.41
N TYR B 452 -23.37 -2.91 -3.81
CA TYR B 452 -23.39 -2.78 -2.37
C TYR B 452 -24.67 -3.37 -1.76
N GLU B 453 -25.83 -2.99 -2.31
CA GLU B 453 -27.10 -3.50 -1.79
C GLU B 453 -27.27 -5.01 -1.95
N ASP B 454 -26.40 -5.65 -2.74
CA ASP B 454 -26.48 -7.10 -2.91
C ASP B 454 -25.50 -7.83 -2.01
N ARG B 455 -24.36 -7.21 -1.70
CA ARG B 455 -23.40 -7.87 -0.83
C ARG B 455 -23.87 -7.88 0.61
N PHE B 456 -24.50 -6.79 1.01
CA PHE B 456 -24.99 -6.65 2.38
C PHE B 456 -26.51 -6.48 2.47
N VAL B 457 -27.16 -7.46 3.08
CA VAL B 457 -28.60 -7.43 3.27
C VAL B 457 -28.79 -7.66 4.76
N VAL B 458 -28.51 -6.63 5.54
CA VAL B 458 -28.58 -6.69 7.00
C VAL B 458 -29.79 -5.97 7.55
N PRO B 459 -30.67 -6.70 8.27
CA PRO B 459 -31.85 -6.06 8.84
C PRO B 459 -31.54 -5.50 10.23
N SER B 460 -32.47 -4.71 10.76
CA SER B 460 -32.32 -4.13 12.09
C SER B 460 -32.48 -5.20 13.17
N SER B 461 -31.80 -5.01 14.29
CA SER B 461 -31.90 -5.93 15.42
C SER B 461 -33.12 -5.53 16.25
N HIS B 462 -33.80 -4.47 15.83
CA HIS B 462 -35.01 -3.99 16.51
C HIS B 462 -34.83 -3.81 18.02
N ARG B 463 -33.96 -2.88 18.41
CA ARG B 463 -33.69 -2.62 19.82
C ARG B 463 -34.89 -2.10 20.61
N GLU B 464 -35.98 -1.79 19.91
CA GLU B 464 -37.18 -1.29 20.57
C GLU B 464 -38.05 -2.40 21.16
N LEU B 465 -37.93 -3.61 20.62
CA LEU B 465 -38.75 -4.74 21.09
C LEU B 465 -38.38 -5.23 22.48
N ALA B 466 -39.41 -5.50 23.29
CA ALA B 466 -39.23 -6.00 24.66
C ALA B 466 -38.43 -5.06 25.56
N ARG B 467 -38.32 -3.80 25.17
CA ARG B 467 -37.57 -2.83 25.94
C ARG B 467 -38.28 -1.48 25.84
N GLU B 468 -37.73 -0.46 26.48
CA GLU B 468 -38.35 0.86 26.44
C GLU B 468 -37.44 1.86 25.73
N ALA B 469 -37.55 1.87 24.41
CA ALA B 469 -36.74 2.75 23.58
C ALA B 469 -36.90 4.24 23.84
N PHE B 470 -38.09 4.67 24.25
CA PHE B 470 -38.32 6.10 24.48
C PHE B 470 -37.44 6.71 25.59
N PRO B 471 -37.54 6.22 26.83
CA PRO B 471 -36.67 6.84 27.84
C PRO B 471 -35.20 6.67 27.48
N GLU B 472 -34.87 5.59 26.77
CA GLU B 472 -33.48 5.34 26.37
C GLU B 472 -33.04 6.39 25.34
N LYS B 473 -33.89 6.68 24.37
CA LYS B 473 -33.58 7.69 23.35
C LYS B 473 -33.25 9.01 24.03
N ASN B 474 -34.09 9.39 24.99
CA ASN B 474 -33.93 10.65 25.73
C ASN B 474 -32.73 10.73 26.69
N GLY B 475 -32.31 9.62 27.28
CA GLY B 475 -31.23 9.70 28.24
C GLY B 475 -29.97 8.89 28.07
N CYS B 476 -29.85 8.11 27.00
CA CYS B 476 -28.64 7.31 26.81
C CYS B 476 -27.45 8.21 26.47
N GLY B 477 -26.26 7.81 26.93
CA GLY B 477 -25.07 8.57 26.63
C GLY B 477 -24.64 9.54 27.70
N PHE B 478 -25.55 9.97 28.57
CA PHE B 478 -25.19 10.88 29.67
C PHE B 478 -24.52 10.01 30.74
N THR B 479 -23.24 9.76 30.57
CA THR B 479 -22.50 8.91 31.49
C THR B 479 -21.96 9.61 32.75
N PHE B 480 -22.85 10.20 33.54
CA PHE B 480 -22.43 10.89 34.76
C PHE B 480 -22.08 9.93 35.90
N GLY B 481 -22.55 8.68 35.78
CA GLY B 481 -22.27 7.69 36.81
C GLY B 481 -23.39 7.51 37.81
N ASP B 482 -24.59 7.17 37.33
CA ASP B 482 -25.73 7.00 38.24
C ASP B 482 -25.65 5.70 39.03
N GLY B 483 -24.77 4.79 38.60
CA GLY B 483 -24.58 3.53 39.28
C GLY B 483 -25.76 2.57 39.28
N CYS B 484 -26.74 2.81 38.42
CA CYS B 484 -27.92 1.95 38.37
C CYS B 484 -28.02 1.04 37.15
N HIS B 485 -27.14 1.23 36.17
CA HIS B 485 -27.16 0.40 34.99
C HIS B 485 -26.62 -0.97 35.35
N GLY B 486 -27.03 -1.99 34.60
CA GLY B 486 -26.53 -3.33 34.83
C GLY B 486 -27.32 -4.28 35.71
N SER B 487 -28.39 -3.79 36.33
CA SER B 487 -29.20 -4.66 37.18
C SER B 487 -30.68 -4.34 37.01
N ASP B 488 -31.53 -5.30 37.34
CA ASP B 488 -32.96 -5.13 37.21
C ASP B 488 -33.62 -4.64 38.49
N THR B 489 -33.03 -4.99 39.64
CA THR B 489 -33.56 -4.53 40.93
C THR B 489 -33.23 -3.05 41.05
N LYS B 490 -34.20 -2.24 41.45
CA LYS B 490 -34.00 -0.80 41.58
C LYS B 490 -33.17 -0.38 42.79
N PHE B 491 -33.25 -1.16 43.87
CA PHE B 491 -32.48 -0.79 45.05
C PHE B 491 -30.99 -0.73 44.74
N ASN B 492 -30.33 0.31 45.27
CA ASN B 492 -28.90 0.48 45.09
C ASN B 492 -28.35 1.21 46.31
N LEU B 493 -27.17 0.80 46.76
CA LEU B 493 -26.54 1.37 47.94
C LEU B 493 -26.26 2.87 47.92
N PHE B 494 -25.92 3.42 46.75
CA PHE B 494 -25.64 4.85 46.66
C PHE B 494 -26.89 5.73 46.59
N ASN B 495 -28.05 5.11 46.79
CA ASN B 495 -29.32 5.82 46.80
C ASN B 495 -29.49 6.74 45.59
N SER B 496 -29.36 6.15 44.39
CA SER B 496 -29.48 6.89 43.14
C SER B 496 -30.56 6.29 42.23
N ARG B 497 -30.74 6.89 41.05
CA ARG B 497 -31.72 6.41 40.08
C ARG B 497 -31.16 6.48 38.68
N ARG B 498 -31.68 5.63 37.78
CA ARG B 498 -31.21 5.60 36.40
C ARG B 498 -31.54 6.88 35.67
N ILE B 499 -30.52 7.46 35.06
CA ILE B 499 -30.67 8.70 34.31
C ILE B 499 -31.59 8.51 33.09
N ASP B 500 -31.53 7.33 32.47
CA ASP B 500 -32.34 7.05 31.28
C ASP B 500 -33.66 6.34 31.57
N ALA B 501 -34.24 6.60 32.73
CA ALA B 501 -35.50 5.97 33.08
C ALA B 501 -36.48 6.98 33.68
N ILE B 502 -37.72 6.55 33.83
CA ILE B 502 -38.79 7.37 34.39
C ILE B 502 -39.11 6.83 35.77
N ASP B 503 -38.78 7.58 36.81
CA ASP B 503 -39.02 7.12 38.16
C ASP B 503 -40.39 7.54 38.71
N VAL B 504 -40.94 8.64 38.20
CA VAL B 504 -42.24 9.08 38.64
C VAL B 504 -43.27 8.30 37.83
N THR B 505 -43.99 7.40 38.49
CA THR B 505 -44.98 6.56 37.82
C THR B 505 -46.30 7.26 37.56
N SER B 506 -46.92 6.93 36.44
CA SER B 506 -48.21 7.50 36.09
C SER B 506 -49.21 7.00 37.11
N LYS B 507 -50.05 7.89 37.60
CA LYS B 507 -51.07 7.51 38.57
C LYS B 507 -52.43 7.47 37.88
N THR B 508 -52.42 7.54 36.56
CA THR B 508 -53.67 7.53 35.79
C THR B 508 -53.81 6.27 34.92
N FME C 1 -0.55 -3.86 77.06
CN FME C 1 -0.69 -2.79 76.30
O1 FME C 1 -1.78 -2.54 75.76
CA FME C 1 -0.61 -5.24 76.66
CB FME C 1 0.25 -6.15 77.45
CG FME C 1 0.98 -7.19 76.48
SD FME C 1 2.18 -6.33 75.44
CE FME C 1 3.64 -6.36 76.48
C FME C 1 -2.08 -5.71 76.69
O FME C 1 -2.57 -6.24 75.70
N GLN C 2 -2.76 -5.48 77.82
CA GLN C 2 -4.16 -5.86 77.95
C GLN C 2 -5.01 -5.06 76.97
N PHE C 3 -4.60 -3.82 76.72
CA PHE C 3 -5.31 -2.95 75.80
C PHE C 3 -5.14 -3.48 74.37
N LEU C 4 -3.90 -3.72 73.98
CA LEU C 4 -3.61 -4.26 72.66
C LEU C 4 -4.29 -5.60 72.47
N ASN C 5 -4.46 -6.31 73.57
CA ASN C 5 -5.11 -7.62 73.53
C ASN C 5 -6.59 -7.53 73.22
N MET C 6 -7.27 -6.58 73.85
CA MET C 6 -8.69 -6.40 73.63
C MET C 6 -8.94 -5.78 72.26
N PHE C 7 -8.00 -4.98 71.80
CA PHE C 7 -8.13 -4.36 70.49
C PHE C 7 -8.12 -5.43 69.42
N PHE C 8 -6.98 -6.09 69.26
CA PHE C 8 -6.79 -7.13 68.26
C PHE C 8 -7.72 -8.34 68.31
N PHE C 9 -8.19 -8.72 69.49
CA PHE C 9 -9.03 -9.90 69.57
C PHE C 9 -10.48 -9.71 69.97
N ASP C 10 -10.87 -8.46 70.23
CA ASP C 10 -12.25 -8.16 70.59
C ASP C 10 -12.82 -7.08 69.65
N ILE C 11 -11.98 -6.12 69.27
CA ILE C 11 -12.39 -5.02 68.41
C ILE C 11 -12.09 -5.29 66.93
N TYR C 12 -10.80 -5.34 66.61
CA TYR C 12 -10.30 -5.57 65.27
C TYR C 12 -11.03 -6.61 64.44
N PRO C 13 -11.29 -7.81 65.01
CA PRO C 13 -11.99 -8.82 64.21
C PRO C 13 -13.31 -8.36 63.61
N TYR C 14 -14.00 -7.43 64.27
CA TYR C 14 -15.27 -6.95 63.75
C TYR C 14 -15.09 -5.82 62.74
N ILE C 15 -13.99 -5.11 62.85
CA ILE C 15 -13.70 -4.05 61.91
C ILE C 15 -13.34 -4.74 60.58
N ALA C 16 -12.42 -5.69 60.64
CA ALA C 16 -11.99 -6.41 59.45
C ALA C 16 -13.16 -7.18 58.84
N GLY C 17 -14.09 -7.62 59.69
CA GLY C 17 -15.25 -8.35 59.23
C GLY C 17 -16.27 -7.48 58.51
N ALA C 18 -16.42 -6.24 58.95
CA ALA C 18 -17.36 -5.32 58.32
C ALA C 18 -16.80 -4.85 56.97
N VAL C 19 -15.51 -4.55 56.95
CA VAL C 19 -14.84 -4.08 55.74
C VAL C 19 -14.83 -5.19 54.69
N PHE C 20 -14.65 -6.43 55.13
CA PHE C 20 -14.63 -7.58 54.24
C PHE C 20 -15.98 -7.76 53.56
N LEU C 21 -17.06 -7.60 54.31
CA LEU C 21 -18.39 -7.79 53.76
C LEU C 21 -18.92 -6.61 52.96
N ILE C 22 -18.94 -5.43 53.56
CA ILE C 22 -19.45 -4.27 52.85
C ILE C 22 -18.53 -3.91 51.69
N GLY C 23 -17.23 -4.18 51.85
CA GLY C 23 -16.29 -3.91 50.78
C GLY C 23 -16.52 -4.85 49.60
N SER C 24 -16.85 -6.11 49.88
CA SER C 24 -17.10 -7.08 48.82
C SER C 24 -18.37 -6.71 48.08
N TRP C 25 -19.43 -6.44 48.84
CA TRP C 25 -20.71 -6.06 48.26
C TRP C 25 -20.57 -4.82 47.37
N LEU C 26 -19.95 -3.77 47.90
CA LEU C 26 -19.78 -2.53 47.15
C LEU C 26 -18.94 -2.70 45.89
N ARG C 27 -17.87 -3.48 45.98
CA ARG C 27 -17.02 -3.69 44.81
C ARG C 27 -17.73 -4.59 43.80
N TYR C 28 -18.68 -5.39 44.27
CA TYR C 28 -19.40 -6.27 43.37
C TYR C 28 -20.41 -5.46 42.55
N ASP C 29 -21.10 -4.54 43.21
CA ASP C 29 -22.10 -3.71 42.56
C ASP C 29 -21.57 -2.58 41.70
N TYR C 30 -20.40 -2.03 42.07
CA TYR C 30 -19.81 -0.91 41.35
C TYR C 30 -18.46 -1.22 40.70
N GLY C 31 -18.02 -2.47 40.75
CA GLY C 31 -16.72 -2.80 40.19
C GLY C 31 -16.63 -4.11 39.44
N GLN C 32 -17.71 -4.52 38.80
CA GLN C 32 -17.74 -5.76 38.03
C GLN C 32 -16.56 -5.92 37.08
N TYR C 33 -16.17 -4.84 36.41
CA TYR C 33 -15.06 -4.93 35.47
C TYR C 33 -13.73 -5.24 36.15
N THR C 34 -13.67 -4.99 37.46
CA THR C 34 -12.44 -5.22 38.23
C THR C 34 -12.47 -6.58 38.95
N TRP C 35 -13.57 -7.29 38.82
CA TRP C 35 -13.75 -8.58 39.48
C TRP C 35 -13.27 -9.76 38.61
N ARG C 36 -11.98 -10.07 38.70
CA ARG C 36 -11.42 -11.17 37.92
C ARG C 36 -10.23 -11.79 38.66
N ALA C 37 -9.80 -12.96 38.21
CA ALA C 37 -8.69 -13.65 38.84
C ALA C 37 -7.35 -13.06 38.44
N ALA C 38 -7.37 -12.23 37.40
CA ALA C 38 -6.17 -11.58 36.90
C ALA C 38 -5.07 -12.60 36.56
N SER C 39 -5.38 -13.51 35.64
CA SER C 39 -4.40 -14.51 35.24
C SER C 39 -3.20 -13.81 34.58
N SER C 40 -2.02 -14.40 34.76
CA SER C 40 -0.81 -13.84 34.18
C SER C 40 -0.09 -14.97 33.46
N GLN C 41 -0.75 -16.13 33.44
CA GLN C 41 -0.20 -17.33 32.82
C GLN C 41 0.30 -17.15 31.38
N MET C 42 -0.51 -16.50 30.54
CA MET C 42 -0.14 -16.28 29.14
C MET C 42 1.18 -15.53 28.98
N LEU C 43 1.40 -14.53 29.83
CA LEU C 43 2.63 -13.76 29.73
C LEU C 43 3.87 -14.59 30.06
N ASP C 44 3.69 -15.61 30.91
CA ASP C 44 4.80 -16.50 31.27
C ASP C 44 4.27 -17.81 31.84
N ARG C 45 4.20 -18.82 30.98
CA ARG C 45 3.69 -20.15 31.34
C ARG C 45 4.65 -21.00 32.16
N LYS C 46 5.94 -20.74 32.03
CA LYS C 46 6.95 -21.53 32.72
C LYS C 46 6.76 -21.67 34.24
N GLY C 47 6.68 -22.91 34.70
CA GLY C 47 6.53 -23.19 36.11
C GLY C 47 5.17 -22.93 36.72
N MET C 48 4.25 -22.34 35.96
CA MET C 48 2.92 -22.03 36.49
C MET C 48 2.05 -23.23 36.82
N ASN C 49 2.18 -24.30 36.03
CA ASN C 49 1.39 -25.49 36.27
C ASN C 49 1.69 -26.05 37.67
N LEU C 50 2.95 -26.32 37.91
CA LEU C 50 3.39 -26.85 39.20
C LEU C 50 3.11 -25.85 40.33
N ALA C 51 3.62 -24.63 40.19
CA ALA C 51 3.46 -23.61 41.22
C ALA C 51 2.02 -23.28 41.62
N SER C 52 1.16 -22.99 40.65
CA SER C 52 -0.22 -22.63 40.97
C SER C 52 -1.02 -23.80 41.55
N ASN C 53 -0.78 -25.00 41.03
CA ASN C 53 -1.51 -26.15 41.57
C ASN C 53 -1.09 -26.45 43.00
N LEU C 54 0.22 -26.41 43.28
CA LEU C 54 0.69 -26.66 44.64
C LEU C 54 0.08 -25.68 45.63
N PHE C 55 0.11 -24.41 45.26
CA PHE C 55 -0.42 -23.35 46.12
C PHE C 55 -1.93 -23.42 46.34
N HIS C 56 -2.70 -23.61 45.27
CA HIS C 56 -4.16 -23.66 45.40
C HIS C 56 -4.68 -24.93 46.05
N ILE C 57 -4.09 -26.06 45.70
CA ILE C 57 -4.54 -27.32 46.30
C ILE C 57 -4.16 -27.30 47.78
N GLY C 58 -2.99 -26.73 48.07
CA GLY C 58 -2.56 -26.63 49.45
C GLY C 58 -3.42 -25.63 50.23
N ILE C 59 -3.56 -24.43 49.69
CA ILE C 59 -4.36 -23.39 50.34
C ILE C 59 -5.82 -23.81 50.54
N LEU C 60 -6.32 -24.67 49.66
CA LEU C 60 -7.70 -25.13 49.80
C LEU C 60 -7.78 -26.18 50.91
N GLY C 61 -6.72 -26.96 51.04
CA GLY C 61 -6.67 -27.97 52.09
C GLY C 61 -6.73 -27.22 53.41
N ILE C 62 -5.90 -26.19 53.51
CA ILE C 62 -5.87 -25.37 54.71
C ILE C 62 -7.25 -24.81 55.03
N PHE C 63 -7.88 -24.20 54.04
CA PHE C 63 -9.19 -23.60 54.22
C PHE C 63 -10.24 -24.59 54.73
N VAL C 64 -10.25 -25.80 54.20
CA VAL C 64 -11.21 -26.79 54.64
C VAL C 64 -10.93 -27.12 56.10
N GLY C 65 -9.66 -27.36 56.43
CA GLY C 65 -9.29 -27.66 57.80
C GLY C 65 -9.70 -26.57 58.77
N HIS C 66 -9.32 -25.32 58.46
CA HIS C 66 -9.66 -24.19 59.31
C HIS C 66 -11.17 -24.02 59.50
N PHE C 67 -11.92 -24.16 58.41
CA PHE C 67 -13.36 -24.01 58.46
C PHE C 67 -14.07 -25.02 59.36
N PHE C 68 -13.81 -26.30 59.14
CA PHE C 68 -14.45 -27.35 59.93
C PHE C 68 -13.82 -27.53 61.32
N GLY C 69 -12.60 -27.04 61.49
CA GLY C 69 -11.93 -27.19 62.76
C GLY C 69 -12.32 -26.14 63.80
N MET C 70 -12.51 -24.91 63.34
CA MET C 70 -12.86 -23.83 64.26
C MET C 70 -14.32 -23.42 64.28
N LEU C 71 -15.10 -23.84 63.29
CA LEU C 71 -16.50 -23.45 63.27
C LEU C 71 -17.48 -24.57 63.60
N THR C 72 -16.97 -25.79 63.72
CA THR C 72 -17.83 -26.92 64.04
C THR C 72 -17.95 -27.07 65.56
N ALA C 79 -17.45 -37.07 70.55
CA ALA C 79 -17.16 -38.47 70.95
C ALA C 79 -16.34 -39.19 69.88
N TRP C 80 -16.84 -39.19 68.65
CA TRP C 80 -16.15 -39.84 67.54
C TRP C 80 -14.99 -38.99 67.01
N LEU C 81 -14.97 -37.71 67.38
CA LEU C 81 -13.91 -36.82 66.95
C LEU C 81 -13.62 -35.77 68.01
N PRO C 82 -12.96 -36.17 69.10
CA PRO C 82 -12.61 -35.27 70.20
C PRO C 82 -11.53 -34.26 69.82
N ILE C 83 -11.39 -33.21 70.62
CA ILE C 83 -10.41 -32.16 70.36
C ILE C 83 -9.00 -32.64 70.03
N GLU C 84 -8.48 -33.63 70.75
CA GLU C 84 -7.13 -34.10 70.47
C GLU C 84 -7.02 -34.86 69.16
N VAL C 85 -8.13 -35.42 68.68
CA VAL C 85 -8.13 -36.14 67.41
C VAL C 85 -8.12 -35.08 66.31
N LYS C 86 -8.94 -34.05 66.49
CA LYS C 86 -9.01 -32.96 65.53
C LYS C 86 -7.64 -32.31 65.36
N GLN C 87 -6.93 -32.12 66.46
CA GLN C 87 -5.62 -31.49 66.41
C GLN C 87 -4.62 -32.36 65.66
N LYS C 88 -4.67 -33.67 65.86
CA LYS C 88 -3.77 -34.58 65.18
C LYS C 88 -4.00 -34.48 63.67
N MET C 89 -5.26 -34.36 63.28
CA MET C 89 -5.62 -34.25 61.87
C MET C 89 -5.04 -32.96 61.29
N ALA C 90 -5.26 -31.85 62.00
CA ALA C 90 -4.76 -30.55 61.58
C ALA C 90 -3.24 -30.55 61.41
N MET C 91 -2.53 -31.10 62.39
CA MET C 91 -1.08 -31.14 62.33
C MET C 91 -0.50 -31.90 61.14
N PHE C 92 -1.15 -33.01 60.76
CA PHE C 92 -0.65 -33.80 59.64
C PHE C 92 -1.29 -33.43 58.31
N ALA C 93 -2.62 -33.52 58.22
CA ALA C 93 -3.32 -33.17 56.99
C ALA C 93 -3.07 -31.70 56.72
N GLY C 94 -3.37 -30.87 57.71
CA GLY C 94 -3.16 -29.44 57.57
C GLY C 94 -1.70 -29.11 57.40
N GLY C 95 -0.83 -29.87 58.06
CA GLY C 95 0.60 -29.64 57.95
C GLY C 95 1.11 -29.91 56.55
N ALA C 96 0.62 -30.98 55.93
CA ALA C 96 1.04 -31.32 54.58
C ALA C 96 0.52 -30.28 53.61
N SER C 97 -0.75 -29.88 53.77
CA SER C 97 -1.34 -28.87 52.91
C SER C 97 -0.53 -27.58 52.94
N GLY C 98 -0.12 -27.17 54.15
CA GLY C 98 0.64 -25.95 54.29
C GLY C 98 2.03 -26.03 53.67
N VAL C 99 2.53 -27.24 53.46
CA VAL C 99 3.84 -27.40 52.87
C VAL C 99 3.73 -27.24 51.36
N LEU C 100 2.67 -27.79 50.78
CA LEU C 100 2.43 -27.68 49.35
C LEU C 100 2.13 -26.23 49.04
N CYS C 101 1.28 -25.64 49.87
CA CYS C 101 0.90 -24.24 49.73
C CYS C 101 2.11 -23.33 49.75
N LEU C 102 2.93 -23.46 50.78
CA LEU C 102 4.12 -22.62 50.93
C LEU C 102 5.11 -22.73 49.77
N ILE C 103 5.31 -23.95 49.28
CA ILE C 103 6.21 -24.17 48.15
C ILE C 103 5.66 -23.45 46.92
N GLY C 104 4.39 -23.68 46.61
CA GLY C 104 3.77 -23.03 45.47
C GLY C 104 3.83 -21.53 45.64
N GLY C 105 3.38 -21.07 46.81
CA GLY C 105 3.38 -19.65 47.09
C GLY C 105 4.72 -19.00 46.87
N VAL C 106 5.79 -19.65 47.35
CA VAL C 106 7.13 -19.11 47.20
C VAL C 106 7.55 -19.07 45.73
N LEU C 107 7.18 -20.11 44.99
CA LEU C 107 7.51 -20.17 43.58
C LEU C 107 6.77 -19.09 42.81
N LEU C 108 5.51 -18.86 43.17
CA LEU C 108 4.70 -17.84 42.52
C LEU C 108 5.28 -16.45 42.80
N LEU C 109 5.73 -16.23 44.02
CA LEU C 109 6.29 -14.95 44.43
C LEU C 109 7.62 -14.68 43.73
N LYS C 110 8.42 -15.73 43.56
CA LYS C 110 9.70 -15.61 42.88
C LYS C 110 9.42 -15.17 41.45
N ARG C 111 8.45 -15.84 40.84
CA ARG C 111 8.04 -15.56 39.47
C ARG C 111 7.54 -14.13 39.35
N ARG C 112 6.57 -13.76 40.18
CA ARG C 112 6.00 -12.42 40.15
C ARG C 112 7.02 -11.32 40.34
N LEU C 113 8.04 -11.57 41.15
CA LEU C 113 9.06 -10.56 41.40
C LEU C 113 10.19 -10.51 40.40
N PHE C 114 10.57 -11.66 39.86
CA PHE C 114 11.70 -11.72 38.93
C PHE C 114 11.42 -12.12 37.47
N SER C 115 10.19 -12.51 37.17
CA SER C 115 9.86 -12.86 35.78
C SER C 115 9.50 -11.51 35.15
N PRO C 116 10.39 -10.98 34.30
CA PRO C 116 10.21 -9.70 33.61
C PRO C 116 8.79 -9.32 33.15
N ARG C 117 8.14 -10.18 32.38
CA ARG C 117 6.80 -9.88 31.92
C ARG C 117 5.76 -9.83 33.02
N VAL C 118 5.92 -10.64 34.06
CA VAL C 118 4.97 -10.65 35.16
C VAL C 118 5.22 -9.45 36.05
N ARG C 119 6.50 -9.15 36.29
CA ARG C 119 6.87 -8.03 37.15
C ARG C 119 6.45 -6.71 36.53
N ALA C 120 6.73 -6.56 35.24
CA ALA C 120 6.40 -5.34 34.51
C ALA C 120 4.92 -5.05 34.44
N THR C 121 4.09 -6.09 34.55
CA THR C 121 2.65 -5.91 34.45
C THR C 121 1.84 -6.13 35.73
N THR C 122 2.51 -6.42 36.83
CA THR C 122 1.82 -6.67 38.09
C THR C 122 1.45 -5.36 38.79
N THR C 123 0.49 -5.43 39.72
CA THR C 123 0.09 -4.25 40.49
C THR C 123 0.70 -4.44 41.89
N GLY C 124 0.75 -3.36 42.66
CA GLY C 124 1.31 -3.44 44.00
C GLY C 124 0.54 -4.41 44.89
N ALA C 125 -0.79 -4.32 44.84
CA ALA C 125 -1.64 -5.18 45.64
C ALA C 125 -1.37 -6.66 45.40
N ASP C 126 -0.99 -7.01 44.17
CA ASP C 126 -0.72 -8.40 43.84
C ASP C 126 0.52 -8.90 44.58
N ILE C 127 1.53 -8.05 44.67
CA ILE C 127 2.76 -8.41 45.35
C ILE C 127 2.53 -8.44 46.86
N LEU C 128 1.79 -7.45 47.35
CA LEU C 128 1.52 -7.38 48.78
C LEU C 128 0.69 -8.55 49.28
N ILE C 129 -0.41 -8.82 48.60
CA ILE C 129 -1.30 -9.89 49.02
C ILE C 129 -0.63 -11.27 48.99
N LEU C 130 0.17 -11.54 47.96
CA LEU C 130 0.85 -12.83 47.86
C LEU C 130 1.92 -12.96 48.95
N SER C 131 2.67 -11.89 49.17
CA SER C 131 3.71 -11.90 50.20
C SER C 131 3.10 -12.19 51.57
N LEU C 132 1.96 -11.57 51.86
CA LEU C 132 1.31 -11.80 53.14
C LEU C 132 0.79 -13.22 53.32
N LEU C 133 0.35 -13.85 52.23
CA LEU C 133 -0.14 -15.23 52.32
C LEU C 133 1.05 -16.18 52.52
N VAL C 134 2.18 -15.87 51.91
CA VAL C 134 3.36 -16.69 52.06
C VAL C 134 3.81 -16.60 53.51
N ILE C 135 3.73 -15.40 54.06
CA ILE C 135 4.12 -15.18 55.45
C ILE C 135 3.15 -15.91 56.37
N GLN C 136 1.86 -15.69 56.16
CA GLN C 136 0.82 -16.32 56.97
C GLN C 136 0.93 -17.85 56.93
N CYS C 137 1.30 -18.40 55.78
CA CYS C 137 1.43 -19.84 55.65
C CYS C 137 2.65 -20.32 56.43
N ALA C 138 3.73 -19.56 56.36
CA ALA C 138 4.96 -19.90 57.08
C ALA C 138 4.68 -19.83 58.59
N LEU C 139 3.94 -18.81 59.01
CA LEU C 139 3.60 -18.66 60.41
C LEU C 139 2.79 -19.87 60.86
N GLY C 140 1.78 -20.20 60.06
CA GLY C 140 0.94 -21.34 60.38
C GLY C 140 1.74 -22.59 60.69
N LEU C 141 2.67 -22.93 59.79
CA LEU C 141 3.49 -24.11 59.98
C LEU C 141 4.37 -24.02 61.23
N LEU C 142 4.80 -22.83 61.58
CA LEU C 142 5.62 -22.62 62.76
C LEU C 142 4.85 -22.88 64.05
N THR C 143 3.52 -22.81 63.99
CA THR C 143 2.71 -23.05 65.17
C THR C 143 2.58 -24.55 65.47
N ILE C 144 2.95 -25.39 64.50
CA ILE C 144 2.88 -26.83 64.68
C ILE C 144 3.75 -27.33 65.83
N PRO C 145 5.04 -26.97 65.86
CA PRO C 145 5.87 -27.44 66.95
C PRO C 145 5.37 -26.96 68.32
N PHE C 146 4.62 -25.85 68.32
CA PHE C 146 4.08 -25.32 69.57
C PHE C 146 2.86 -26.14 70.00
N SER C 147 2.03 -26.51 69.04
CA SER C 147 0.84 -27.31 69.33
C SER C 147 1.27 -28.70 69.75
N ALA C 148 2.47 -29.11 69.34
CA ALA C 148 3.00 -30.42 69.68
C ALA C 148 3.27 -30.53 71.18
N GLN C 149 3.49 -29.39 71.83
CA GLN C 149 3.75 -29.35 73.26
C GLN C 149 2.48 -29.53 74.08
N HIS C 150 1.34 -29.53 73.42
CA HIS C 150 0.05 -29.69 74.09
C HIS C 150 -0.82 -30.65 73.28
N MET C 151 -0.34 -31.88 73.13
CA MET C 151 -1.05 -32.90 72.36
C MET C 151 -2.45 -33.23 72.86
N ASP C 152 -2.79 -32.70 74.03
CA ASP C 152 -4.12 -32.94 74.60
C ASP C 152 -5.14 -31.95 74.03
N GLY C 153 -4.68 -31.15 73.06
CA GLY C 153 -5.56 -30.19 72.41
C GLY C 153 -5.96 -29.02 73.28
N SER C 154 -5.15 -28.72 74.30
CA SER C 154 -5.45 -27.61 75.20
C SER C 154 -5.38 -26.28 74.46
N GLU C 155 -4.33 -26.11 73.66
CA GLU C 155 -4.14 -24.88 72.88
C GLU C 155 -5.28 -24.70 71.89
N MET C 156 -5.49 -25.69 71.03
CA MET C 156 -6.54 -25.63 70.03
C MET C 156 -7.89 -25.27 70.63
N MET C 157 -8.19 -25.82 71.80
CA MET C 157 -9.45 -25.55 72.47
C MET C 157 -9.64 -24.05 72.72
N LYS C 158 -8.55 -23.37 73.03
CA LYS C 158 -8.58 -21.93 73.31
C LYS C 158 -8.90 -21.16 72.02
N LEU C 159 -8.10 -21.40 70.99
CA LEU C 159 -8.28 -20.76 69.70
C LEU C 159 -9.70 -20.99 69.17
N VAL C 160 -10.18 -22.23 69.27
CA VAL C 160 -11.52 -22.52 68.80
C VAL C 160 -12.55 -21.80 69.67
N GLY C 161 -12.21 -21.60 70.94
CA GLY C 161 -13.10 -20.90 71.85
C GLY C 161 -13.26 -19.47 71.38
N TRP C 162 -12.12 -18.86 71.06
CA TRP C 162 -12.09 -17.48 70.58
C TRP C 162 -12.90 -17.35 69.29
N ALA C 163 -12.50 -18.12 68.27
CA ALA C 163 -13.17 -18.10 66.97
C ALA C 163 -14.69 -18.15 67.06
N GLN C 164 -15.22 -19.16 67.75
CA GLN C 164 -16.66 -19.30 67.87
C GLN C 164 -17.32 -18.17 68.69
N SER C 165 -16.53 -17.49 69.51
CA SER C 165 -17.05 -16.37 70.31
C SER C 165 -17.20 -15.18 69.37
N VAL C 166 -16.23 -15.04 68.47
CA VAL C 166 -16.24 -13.96 67.51
C VAL C 166 -17.40 -14.06 66.53
N VAL C 167 -17.53 -15.22 65.87
CA VAL C 167 -18.60 -15.41 64.89
C VAL C 167 -20.00 -15.47 65.45
N THR C 168 -20.15 -15.59 66.78
CA THR C 168 -21.47 -15.64 67.39
C THR C 168 -21.72 -14.36 68.17
N PHE C 169 -20.84 -13.38 67.98
CA PHE C 169 -20.93 -12.09 68.63
C PHE C 169 -21.03 -12.10 70.15
N HIS C 170 -20.29 -12.99 70.80
CA HIS C 170 -20.27 -13.07 72.26
C HIS C 170 -19.03 -12.32 72.71
N GLY C 171 -19.21 -11.27 73.50
CA GLY C 171 -18.08 -10.49 73.97
C GLY C 171 -17.12 -11.25 74.87
N GLY C 172 -15.91 -10.72 75.04
CA GLY C 172 -14.94 -11.37 75.90
C GLY C 172 -14.13 -12.43 75.18
N ALA C 173 -14.35 -12.56 73.87
CA ALA C 173 -13.64 -13.55 73.06
C ALA C 173 -12.16 -13.62 73.36
N SER C 174 -11.54 -12.49 73.69
CA SER C 174 -10.10 -12.47 73.98
C SER C 174 -9.68 -13.30 75.19
N GLN C 175 -10.58 -13.50 76.14
CA GLN C 175 -10.27 -14.28 77.35
C GLN C 175 -9.89 -15.72 77.00
N HIS C 176 -10.62 -16.34 76.09
CA HIS C 176 -10.34 -17.71 75.66
C HIS C 176 -8.87 -17.90 75.32
N LEU C 177 -8.21 -16.83 74.88
CA LEU C 177 -6.81 -16.91 74.49
C LEU C 177 -5.79 -16.78 75.62
N ASP C 178 -6.27 -16.60 76.85
CA ASP C 178 -5.37 -16.46 77.99
C ASP C 178 -4.30 -17.56 78.02
N GLY C 179 -3.04 -17.18 77.90
CA GLY C 179 -1.96 -18.15 77.95
C GLY C 179 -1.53 -18.87 76.67
N VAL C 180 -2.19 -18.61 75.55
CA VAL C 180 -1.81 -19.27 74.30
C VAL C 180 -0.47 -18.69 73.83
N ALA C 181 0.37 -19.51 73.22
CA ALA C 181 1.67 -19.06 72.75
C ALA C 181 1.52 -17.86 71.81
N PHE C 182 2.43 -16.90 71.94
CA PHE C 182 2.40 -15.68 71.13
C PHE C 182 2.27 -15.94 69.62
N ILE C 183 3.00 -16.91 69.10
CA ILE C 183 2.95 -17.21 67.67
C ILE C 183 1.52 -17.37 67.16
N PHE C 184 0.62 -17.84 68.02
CA PHE C 184 -0.77 -18.02 67.65
C PHE C 184 -1.43 -16.65 67.50
N ARG C 185 -1.00 -15.70 68.33
CA ARG C 185 -1.52 -14.33 68.29
C ARG C 185 -1.22 -13.76 66.90
N LEU C 186 0.06 -13.76 66.53
CA LEU C 186 0.49 -13.25 65.24
C LEU C 186 -0.32 -13.82 64.08
N HIS C 187 -0.40 -15.14 64.02
CA HIS C 187 -1.14 -15.84 62.97
C HIS C 187 -2.58 -15.34 62.90
N LEU C 188 -3.21 -15.17 64.06
CA LEU C 188 -4.58 -14.69 64.11
C LEU C 188 -4.74 -13.26 63.59
N VAL C 189 -3.82 -12.37 63.97
CA VAL C 189 -3.88 -10.97 63.54
C VAL C 189 -3.63 -10.84 62.04
N LEU C 190 -2.57 -11.49 61.56
CA LEU C 190 -2.24 -11.46 60.14
C LEU C 190 -3.39 -12.08 59.33
N GLY C 191 -3.98 -13.13 59.89
CA GLY C 191 -5.08 -13.80 59.21
C GLY C 191 -6.30 -12.93 59.09
N MET C 192 -6.56 -12.11 60.11
CA MET C 192 -7.72 -11.23 60.08
C MET C 192 -7.46 -10.06 59.16
N THR C 193 -6.20 -9.63 59.13
CA THR C 193 -5.80 -8.52 58.29
C THR C 193 -6.06 -8.86 56.82
N LEU C 194 -5.83 -10.13 56.47
CA LEU C 194 -6.07 -10.56 55.10
C LEU C 194 -7.54 -10.43 54.71
N PHE C 195 -8.42 -10.48 55.70
CA PHE C 195 -9.85 -10.32 55.43
C PHE C 195 -10.14 -8.85 55.24
N LEU C 196 -9.35 -8.02 55.92
CA LEU C 196 -9.50 -6.58 55.83
C LEU C 196 -9.11 -6.10 54.43
N LEU C 197 -7.99 -6.62 53.92
CA LEU C 197 -7.50 -6.24 52.59
C LEU C 197 -8.18 -7.03 51.48
N PHE C 198 -8.87 -8.10 51.85
CA PHE C 198 -9.54 -8.96 50.90
C PHE C 198 -10.30 -8.26 49.76
N PRO C 199 -11.28 -7.40 50.10
CA PRO C 199 -12.08 -6.69 49.08
C PRO C 199 -11.33 -5.67 48.22
N PHE C 200 -10.08 -5.38 48.56
CA PHE C 200 -9.30 -4.42 47.79
C PHE C 200 -8.14 -5.08 47.06
N SER C 201 -8.21 -6.40 46.94
CA SER C 201 -7.16 -7.16 46.26
C SER C 201 -7.79 -8.13 45.26
N ARG C 202 -6.96 -9.02 44.71
CA ARG C 202 -7.42 -10.02 43.76
C ARG C 202 -8.16 -11.19 44.43
N LEU C 203 -8.11 -11.25 45.77
CA LEU C 203 -8.76 -12.33 46.49
C LEU C 203 -10.27 -12.40 46.26
N ILE C 204 -10.84 -11.37 45.64
CA ILE C 204 -12.27 -11.40 45.37
C ILE C 204 -12.63 -12.56 44.44
N HIS C 205 -11.64 -13.11 43.72
CA HIS C 205 -11.94 -14.21 42.81
C HIS C 205 -12.49 -15.40 43.57
N ILE C 206 -12.10 -15.52 44.84
CA ILE C 206 -12.56 -16.62 45.68
C ILE C 206 -14.07 -16.66 45.79
N TRP C 207 -14.71 -15.48 45.85
CA TRP C 207 -16.18 -15.45 45.94
C TRP C 207 -16.80 -16.13 44.74
N SER C 208 -16.08 -16.10 43.62
CA SER C 208 -16.58 -16.65 42.36
C SER C 208 -16.28 -18.10 42.01
N VAL C 209 -15.86 -18.90 42.99
CA VAL C 209 -15.60 -20.31 42.75
C VAL C 209 -16.81 -20.83 41.94
N PRO C 210 -16.58 -21.21 40.67
CA PRO C 210 -17.54 -21.71 39.67
C PRO C 210 -18.32 -23.00 39.93
N VAL C 211 -19.02 -23.06 41.07
CA VAL C 211 -19.78 -24.25 41.42
C VAL C 211 -20.94 -24.55 40.45
N GLU C 212 -21.65 -23.52 40.02
CA GLU C 212 -22.78 -23.72 39.12
C GLU C 212 -22.45 -24.43 37.82
N TYR C 213 -21.19 -24.33 37.37
CA TYR C 213 -20.78 -24.97 36.13
C TYR C 213 -21.04 -26.48 36.08
N LEU C 214 -20.83 -27.16 37.21
CA LEU C 214 -21.03 -28.60 37.25
C LEU C 214 -22.42 -29.10 36.85
N THR C 215 -23.44 -28.25 37.00
CA THR C 215 -24.80 -28.67 36.65
C THR C 215 -25.44 -27.83 35.54
N ARG C 216 -24.65 -26.93 34.96
CA ARG C 216 -25.15 -26.03 33.91
C ARG C 216 -25.28 -26.67 32.53
N LYS C 217 -26.34 -26.30 31.80
CA LYS C 217 -26.54 -26.78 30.44
C LYS C 217 -25.39 -26.14 29.66
N TYR C 218 -24.88 -26.83 28.65
CA TYR C 218 -23.77 -26.31 27.87
C TYR C 218 -24.01 -25.01 27.12
N GLN C 219 -25.06 -24.93 26.33
CA GLN C 219 -25.33 -23.70 25.58
C GLN C 219 -26.19 -22.69 26.29
N LEU C 220 -25.77 -21.43 26.24
CA LEU C 220 -26.49 -20.33 26.86
C LEU C 220 -26.87 -19.31 25.79
N VAL C 221 -28.12 -18.86 25.84
CA VAL C 221 -28.64 -17.86 24.90
C VAL C 221 -29.42 -16.83 25.70
N ARG C 222 -29.06 -15.56 25.58
CA ARG C 222 -29.78 -14.51 26.29
C ARG C 222 -30.83 -13.88 25.39
N ALA C 223 -32.04 -13.71 25.91
CA ALA C 223 -33.15 -13.13 25.17
C ALA C 223 -33.02 -11.62 25.09
N ARG C 224 -33.89 -10.98 24.32
CA ARG C 224 -33.90 -9.52 24.21
C ARG C 224 -34.13 -9.03 25.62
N HIS C 225 -33.45 -7.96 26.01
CA HIS C 225 -33.60 -7.43 27.37
C HIS C 225 -33.17 -5.97 27.44
PB GDP D . 9.60 10.09 -2.27
O1B GDP D . 10.93 9.81 -1.41
O2B GDP D . 9.53 9.11 -3.38
O3B GDP D . 9.58 11.49 -2.67
O3A GDP D . 8.36 9.81 -1.29
PA GDP D . 7.59 8.82 -0.31
O1A GDP D . 8.52 7.77 0.12
O2A GDP D . 6.29 8.41 -0.95
O5' GDP D . 7.37 9.91 0.88
C5' GDP D . 6.50 11.00 1.10
C4' GDP D . 6.99 11.86 2.23
O4' GDP D . 6.20 13.05 2.23
C3' GDP D . 6.82 11.16 3.58
O3' GDP D . 7.97 11.36 4.42
C2' GDP D . 5.50 11.76 4.12
O2' GDP D . 5.42 11.69 5.56
C1' GDP D . 5.51 13.19 3.49
N9 GDP D . 4.18 13.75 3.10
C8 GDP D . 2.99 13.15 2.70
N7 GDP D . 2.00 13.98 2.42
C5 GDP D . 2.55 15.22 2.65
C6 GDP D . 2.00 16.56 2.55
O6 GDP D . 0.84 16.79 2.19
N1 GDP D . 2.90 17.63 2.88
C2 GDP D . 4.24 17.46 3.29
N2 GDP D . 4.94 18.54 3.55
N3 GDP D . 4.79 16.19 3.40
C4 GDP D . 3.91 15.11 3.08
FE1 SF4 E . -6.35 4.66 -1.50
FE2 SF4 E . -4.42 3.44 -0.12
FE3 SF4 E . -5.19 5.93 0.57
FE4 SF4 E . -3.80 5.51 -1.72
S1 SF4 E . -3.04 5.17 0.41
S2 SF4 E . -5.64 6.82 -1.47
S3 SF4 E . -4.61 3.49 -2.38
S4 SF4 E . -6.44 4.05 0.67
O13 3PH F . -21.01 -13.29 39.62
P 3PH F . -20.42 -14.39 40.49
O14 3PH F . -18.89 -14.53 40.40
O12 3PH F . -21.01 -15.78 40.14
O11 3PH F . -20.80 -14.15 42.04
C1 3PH F . -20.33 -15.03 43.06
C2 3PH F . -20.89 -14.58 44.36
O21 3PH F . -20.16 -13.41 44.88
C21 3PH F . -20.80 -12.30 45.38
O22 3PH F . -22.01 -12.16 45.40
C22 3PH F . -19.90 -11.33 46.10
C23 3PH F . -20.19 -10.11 46.96
C24 3PH F . -20.91 -10.56 48.26
C25 3PH F . -21.26 -9.44 49.24
C26 3PH F . -21.99 -9.96 50.51
C27 3PH F . -22.39 -8.89 51.55
C28 3PH F . -23.10 -9.53 52.75
C29 3PH F . -24.29 -8.71 53.29
C3 3PH F . -20.99 -15.65 45.41
O31 3PH F . -21.56 -15.05 46.59
C31 3PH F . -22.86 -15.19 46.94
O32 3PH F . -23.82 -15.25 46.17
C32 3PH F . -22.99 -15.27 48.50
C33 3PH F . -23.79 -14.41 49.50
C34 3PH F . -23.63 -14.83 50.95
C35 3PH F . -23.99 -13.76 51.95
C36 3PH F . -23.09 -13.73 53.17
FE1 SF4 G . -11.12 -8.18 1.73
FE2 SF4 G . -9.48 -8.54 3.86
FE3 SF4 G . -8.43 -7.50 1.55
FE4 SF4 G . -9.19 -10.18 1.61
S1 SF4 G . -7.55 -9.17 2.85
S2 SF4 G . -9.67 -8.60 -0.02
S3 SF4 G . -10.97 -10.05 3.06
S4 SF4 G . -10.04 -6.56 2.85
FE1 SF4 H . -16.33 -6.27 13.55
FE2 SF4 H . -15.53 -8.80 14.20
FE3 SF4 H . -15.08 -7.75 11.75
FE4 SF4 H . -13.69 -6.88 13.92
S1 SF4 H . -13.60 -8.94 13.01
S2 SF4 H . -14.60 -5.64 12.27
S3 SF4 H . -15.32 -6.95 15.51
S4 SF4 H . -17.11 -8.20 12.67
FE1 SF4 I . -16.40 -17.64 17.98
FE2 SF4 I . -17.17 -20.22 17.63
FE3 SF4 I . -16.84 -19.23 20.20
FE4 SF4 I . -14.68 -19.67 18.71
S1 SF4 I . -16.16 -21.27 19.42
S2 SF4 I . -15.14 -17.77 19.85
S3 SF4 I . -15.42 -19.17 16.59
S4 SF4 I . -18.38 -18.59 18.66
FE1 F3S J . -15.21 -17.42 30.99
FE3 F3S J . -13.17 -17.00 29.39
FE4 F3S J . -13.88 -15.07 31.11
S1 F3S J . -11.77 -15.61 30.54
S2 F3S J . -13.55 -18.88 30.60
S3 F3S J . -14.62 -16.31 32.89
S4 F3S J . -15.11 -15.86 29.34
O13 3PH K . -37.16 3.72 47.07
P 3PH K . -36.78 2.35 47.69
O14 3PH K . -35.92 1.42 46.73
O12 3PH K . -38.05 1.54 48.13
O11 3PH K . -35.85 2.49 48.99
C1 3PH K . -35.39 1.34 49.74
C2 3PH K . -35.20 1.77 51.17
O21 3PH K . -36.29 1.47 52.08
C21 3PH K . -37.44 2.19 52.15
O22 3PH K . -37.91 2.66 53.17
C3 3PH K . -33.97 2.49 51.64
O31 3PH K . -33.18 1.54 52.40
C31 3PH K . -31.99 1.92 52.96
O32 3PH K . -31.71 3.04 53.34
C32 3PH K . -31.00 0.74 53.06
C33 3PH K . -29.55 0.69 53.62
C34 3PH K . -28.78 -0.54 53.21
C35 3PH K . -27.58 -0.80 54.08
CHA HEM L . -4.60 -16.76 41.33
CHB HEM L . -8.47 -19.59 40.66
CHC HEM L . -8.94 -19.87 45.49
CHD HEM L . -5.11 -17.03 46.14
C1A HEM L . -5.60 -17.49 40.71
C2A HEM L . -5.80 -17.66 39.27
C3A HEM L . -6.87 -18.44 39.08
C4A HEM L . -7.37 -18.79 40.42
CMA HEM L . -7.53 -18.94 37.75
CAA HEM L . -4.90 -17.02 38.19
CBA HEM L . -3.68 -17.96 37.81
CGA HEM L . -2.95 -17.62 36.49
O1A HEM L . -3.30 -18.26 35.45
O2A HEM L . -2.09 -16.69 36.54
C1B HEM L . -8.95 -19.93 41.94
C2B HEM L . -10.12 -20.78 42.21
C3B HEM L . -10.25 -20.85 43.56
C4B HEM L . -9.16 -20.05 44.14
CMB HEM L . -10.99 -21.42 41.07
CAB HEM L . -11.33 -21.63 44.41
CBB HEM L . -11.58 -22.98 44.34
C1C HEM L . -7.95 -19.14 46.11
C2C HEM L . -7.76 -18.98 47.55
C3C HEM L . -6.69 -18.18 47.73
C4C HEM L . -6.19 -17.84 46.40
CMC HEM L . -8.67 -19.66 48.64
CAC HEM L . -5.99 -17.66 49.04
CBC HEM L . -6.69 -16.80 49.84
C1D HEM L . -4.62 -16.71 44.90
C2D HEM L . -3.45 -15.86 44.65
C3D HEM L . -3.31 -15.79 43.30
C4D HEM L . -4.40 -16.59 42.70
CMD HEM L . -2.57 -15.19 45.76
CAD HEM L . -2.25 -15.07 42.39
CBD HEM L . -0.86 -15.82 42.24
CGD HEM L . 0.28 -14.97 41.63
O1D HEM L . 0.70 -15.32 40.48
O2D HEM L . 0.68 -13.98 42.36
NA HEM L . -6.58 -18.20 41.39
NB HEM L . -8.38 -19.50 43.13
NC HEM L . -6.99 -18.44 45.41
ND HEM L . -5.18 -17.14 43.67
FE HEM L . -6.77 -18.31 43.37
CHA HEM M . -2.77 -23.18 61.79
CHB HEM M . -6.14 -19.86 62.76
CHC HEM M . -5.65 -18.19 58.24
CHD HEM M . -2.26 -21.52 57.24
C1A HEM M . -3.71 -22.45 62.46
C2A HEM M . -4.14 -22.63 63.85
C3A HEM M . -5.09 -21.72 64.11
C4A HEM M . -5.26 -20.93 62.90
CMA HEM M . -5.89 -21.47 65.43
CAA HEM M . -3.57 -23.73 64.80
CBA HEM M . -4.55 -24.99 64.86
CGA HEM M . -4.70 -25.70 66.22
O1A HEM M . -5.53 -25.18 67.06
O2A HEM M . -3.99 -26.74 66.43
C1B HEM M . -6.31 -19.11 61.61
C2B HEM M . -7.26 -17.99 61.45
C3B HEM M . -7.11 -17.51 60.18
C4B HEM M . -6.08 -18.34 59.54
CMB HEM M . -8.21 -17.51 62.61
CAB HEM M . -7.88 -16.31 59.45
CBB HEM M . -8.40 -15.19 60.07
C1C HEM M . -4.69 -18.92 57.56
C2C HEM M . -4.27 -18.71 56.17
C3C HEM M . -3.33 -19.65 55.89
C4C HEM M . -3.14 -20.45 57.10
CMC HEM M . -4.87 -17.60 55.24
CAC HEM M . -2.53 -19.91 54.58
CBC HEM M . -1.61 -18.99 54.20
C1D HEM M . -2.10 -22.27 58.39
C2D HEM M . -1.17 -23.42 58.54
C3D HEM M . -1.34 -23.87 59.81
C4D HEM M . -2.35 -23.02 60.46
CMD HEM M . -0.22 -23.97 57.43
CAD HEM M . -0.68 -25.06 60.61
CBD HEM M . -1.23 -26.52 60.32
CGD HEM M . -2.78 -26.63 60.43
O1D HEM M . -3.29 -26.43 61.59
O2D HEM M . -3.39 -26.89 59.32
NA HEM M . -4.40 -21.39 61.90
NB HEM M . -5.62 -19.30 60.42
NC HEM M . -4.00 -19.99 58.12
ND HEM M . -2.80 -22.07 59.59
FE HEM M . -4.19 -20.71 60.05
#